data_1S7L
# 
_entry.id   1S7L 
# 
_audit_conform.dict_name       mmcif_pdbx.dic 
_audit_conform.dict_version    5.398 
_audit_conform.dict_location   http://mmcif.pdb.org/dictionaries/ascii/mmcif_pdbx.dic 
# 
loop_
_database_2.database_id 
_database_2.database_code 
_database_2.pdbx_database_accession 
_database_2.pdbx_DOI 
PDB   1S7L         pdb_00001s7l 10.2210/pdb1s7l/pdb 
RCSB  RCSB021467   ?            ?                   
WWPDB D_1000021467 ?            ?                   
# 
loop_
_pdbx_audit_revision_history.ordinal 
_pdbx_audit_revision_history.data_content_type 
_pdbx_audit_revision_history.major_revision 
_pdbx_audit_revision_history.minor_revision 
_pdbx_audit_revision_history.revision_date 
1 'Structure model' 1 0 2005-03-15 
2 'Structure model' 1 1 2008-04-29 
3 'Structure model' 1 2 2011-07-13 
4 'Structure model' 1 3 2023-08-23 
5 'Structure model' 1 4 2024-10-30 
# 
_pdbx_audit_revision_details.ordinal             1 
_pdbx_audit_revision_details.revision_ordinal    1 
_pdbx_audit_revision_details.data_content_type   'Structure model' 
_pdbx_audit_revision_details.provider            repository 
_pdbx_audit_revision_details.type                'Initial release' 
_pdbx_audit_revision_details.description         ? 
_pdbx_audit_revision_details.details             ? 
# 
loop_
_pdbx_audit_revision_group.ordinal 
_pdbx_audit_revision_group.revision_ordinal 
_pdbx_audit_revision_group.data_content_type 
_pdbx_audit_revision_group.group 
1 2 'Structure model' 'Version format compliance' 
2 3 'Structure model' 'Source and taxonomy'       
3 3 'Structure model' 'Version format compliance' 
4 4 'Structure model' 'Data collection'           
5 4 'Structure model' 'Database references'       
6 4 'Structure model' 'Derived calculations'      
7 4 'Structure model' 'Refinement description'    
8 5 'Structure model' 'Structure summary'         
# 
loop_
_pdbx_audit_revision_category.ordinal 
_pdbx_audit_revision_category.revision_ordinal 
_pdbx_audit_revision_category.data_content_type 
_pdbx_audit_revision_category.category 
1 4 'Structure model' chem_comp_atom                
2 4 'Structure model' chem_comp_bond                
3 4 'Structure model' database_2                    
4 4 'Structure model' pdbx_initial_refinement_model 
5 4 'Structure model' struct_conn                   
6 4 'Structure model' struct_ref_seq_dif            
7 4 'Structure model' struct_site                   
8 5 'Structure model' pdbx_entry_details            
9 5 'Structure model' pdbx_modification_feature     
# 
loop_
_pdbx_audit_revision_item.ordinal 
_pdbx_audit_revision_item.revision_ordinal 
_pdbx_audit_revision_item.data_content_type 
_pdbx_audit_revision_item.item 
1 4 'Structure model' '_database_2.pdbx_DOI'                
2 4 'Structure model' '_database_2.pdbx_database_accession' 
3 4 'Structure model' '_struct_conn.pdbx_leaving_atom_flag' 
4 4 'Structure model' '_struct_ref_seq_dif.details'         
5 4 'Structure model' '_struct_site.pdbx_auth_asym_id'      
6 4 'Structure model' '_struct_site.pdbx_auth_comp_id'      
7 4 'Structure model' '_struct_site.pdbx_auth_seq_id'       
# 
_pdbx_database_status.status_code                     REL 
_pdbx_database_status.entry_id                        1S7L 
_pdbx_database_status.recvd_initial_deposition_date   2004-01-29 
_pdbx_database_status.deposit_site                    RCSB 
_pdbx_database_status.process_site                    RCSB 
_pdbx_database_status.status_code_sf                  REL 
_pdbx_database_status.status_code_mr                  ? 
_pdbx_database_status.SG_entry                        ? 
_pdbx_database_status.pdb_format_compatible           Y 
_pdbx_database_status.status_code_cs                  ? 
_pdbx_database_status.status_code_nmr_data            ? 
_pdbx_database_status.methods_development_category    ? 
# 
loop_
_pdbx_database_related.db_name 
_pdbx_database_related.db_id 
_pdbx_database_related.details 
_pdbx_database_related.content_type 
PDB 1S7F 'The same protein in different space group (Apo Form1)'            unspecified 
PDB 1S7K 'The same protein in different space group (Apo Form2)'            unspecified 
PDB 1S7N 'The same protein complexed with coenzyme A (CoA free sulfhydryl)' unspecified 
# 
loop_
_audit_author.name 
_audit_author.pdbx_ordinal 
'Vetting, M.W.'     1 
'de Carvalho, L.P.' 2 
'Roderick, S.L.'    3 
'Blanchard, J.S.'   4 
# 
_citation.id                        primary 
_citation.title                     'A novel dimeric structure of the RimL Nalpha-acetyltransferase from Salmonella typhimurium.' 
_citation.journal_abbrev            J.Biol.Chem. 
_citation.journal_volume            280 
_citation.page_first                22108 
_citation.page_last                 22114 
_citation.year                      2005 
_citation.journal_id_ASTM           JBCHA3 
_citation.country                   US 
_citation.journal_id_ISSN           0021-9258 
_citation.journal_id_CSD            0071 
_citation.book_publisher            ? 
_citation.pdbx_database_id_PubMed   15817456 
_citation.pdbx_database_id_DOI      10.1074/jbc.M502401200 
# 
loop_
_citation_author.citation_id 
_citation_author.name 
_citation_author.ordinal 
_citation_author.identifier_ORCID 
primary 'Vetting, M.W.'     1 ? 
primary 'de Carvalho, L.P.' 2 ? 
primary 'Roderick, S.L.'    3 ? 
primary 'Blanchard, J.S.'   4 ? 
# 
loop_
_entity.id 
_entity.type 
_entity.src_method 
_entity.pdbx_description 
_entity.formula_weight 
_entity.pdbx_number_of_molecules 
_entity.pdbx_ec 
_entity.pdbx_mutation 
_entity.pdbx_fragment 
_entity.details 
1 polymer     man 'acetyl transferase' 20912.771 1  2.3.1.- ? ? ? 
2 non-polymer syn 'SULFATE ION'        96.063    1  ?       ? ? ? 
3 non-polymer syn 'COENZYME A'         767.534   1  ?       ? ? ? 
4 water       nat water                18.015    64 ?       ? ? ? 
# 
_entity_name_com.entity_id   1 
_entity_name_com.name        'Acetylating enzyme for N-terminal of ribosomal protein L7/L12, RIML' 
# 
_entity_poly.entity_id                      1 
_entity_poly.type                           'polypeptide(L)' 
_entity_poly.nstd_linkage                   no 
_entity_poly.nstd_monomer                   no 
_entity_poly.pdbx_seq_one_letter_code       
;GSHMVEIIPVSTTLELRAADESHVPALHQLVLKNKAWLQQSLDWPQYVTSQEETRKHVQGNILLHQRGYAKMYLIFCQNE
MAGVLSFNAIEPINKAAYIGYWLDESFQGQGIMSQSLQALMTHYARRGDIRRFVIKCRVDNQASNAVARRNHFTLEGCMK
QAEYLNGDYHDVNMYARIIDAD
;
_entity_poly.pdbx_seq_one_letter_code_can   
;GSHMVEIIPVSTTLELRAADESHVPALHQLVLKNKAWLQQSLDWPQYVTSQEETRKHVQGNILLHQRGYAKMYLIFCQNE
MAGVLSFNAIEPINKAAYIGYWLDESFQGQGIMSQSLQALMTHYARRGDIRRFVIKCRVDNQASNAVARRNHFTLEGCMK
QAEYLNGDYHDVNMYARIIDAD
;
_entity_poly.pdbx_strand_id                 A 
_entity_poly.pdbx_target_identifier         ? 
# 
loop_
_pdbx_entity_nonpoly.entity_id 
_pdbx_entity_nonpoly.name 
_pdbx_entity_nonpoly.comp_id 
2 'SULFATE ION' SO4 
3 'COENZYME A'  COA 
4 water         HOH 
# 
loop_
_entity_poly_seq.entity_id 
_entity_poly_seq.num 
_entity_poly_seq.mon_id 
_entity_poly_seq.hetero 
1 1   GLY n 
1 2   SER n 
1 3   HIS n 
1 4   MET n 
1 5   VAL n 
1 6   GLU n 
1 7   ILE n 
1 8   ILE n 
1 9   PRO n 
1 10  VAL n 
1 11  SER n 
1 12  THR n 
1 13  THR n 
1 14  LEU n 
1 15  GLU n 
1 16  LEU n 
1 17  ARG n 
1 18  ALA n 
1 19  ALA n 
1 20  ASP n 
1 21  GLU n 
1 22  SER n 
1 23  HIS n 
1 24  VAL n 
1 25  PRO n 
1 26  ALA n 
1 27  LEU n 
1 28  HIS n 
1 29  GLN n 
1 30  LEU n 
1 31  VAL n 
1 32  LEU n 
1 33  LYS n 
1 34  ASN n 
1 35  LYS n 
1 36  ALA n 
1 37  TRP n 
1 38  LEU n 
1 39  GLN n 
1 40  GLN n 
1 41  SER n 
1 42  LEU n 
1 43  ASP n 
1 44  TRP n 
1 45  PRO n 
1 46  GLN n 
1 47  TYR n 
1 48  VAL n 
1 49  THR n 
1 50  SER n 
1 51  GLN n 
1 52  GLU n 
1 53  GLU n 
1 54  THR n 
1 55  ARG n 
1 56  LYS n 
1 57  HIS n 
1 58  VAL n 
1 59  GLN n 
1 60  GLY n 
1 61  ASN n 
1 62  ILE n 
1 63  LEU n 
1 64  LEU n 
1 65  HIS n 
1 66  GLN n 
1 67  ARG n 
1 68  GLY n 
1 69  TYR n 
1 70  ALA n 
1 71  LYS n 
1 72  MET n 
1 73  TYR n 
1 74  LEU n 
1 75  ILE n 
1 76  PHE n 
1 77  CYS n 
1 78  GLN n 
1 79  ASN n 
1 80  GLU n 
1 81  MET n 
1 82  ALA n 
1 83  GLY n 
1 84  VAL n 
1 85  LEU n 
1 86  SER n 
1 87  PHE n 
1 88  ASN n 
1 89  ALA n 
1 90  ILE n 
1 91  GLU n 
1 92  PRO n 
1 93  ILE n 
1 94  ASN n 
1 95  LYS n 
1 96  ALA n 
1 97  ALA n 
1 98  TYR n 
1 99  ILE n 
1 100 GLY n 
1 101 TYR n 
1 102 TRP n 
1 103 LEU n 
1 104 ASP n 
1 105 GLU n 
1 106 SER n 
1 107 PHE n 
1 108 GLN n 
1 109 GLY n 
1 110 GLN n 
1 111 GLY n 
1 112 ILE n 
1 113 MET n 
1 114 SER n 
1 115 GLN n 
1 116 SER n 
1 117 LEU n 
1 118 GLN n 
1 119 ALA n 
1 120 LEU n 
1 121 MET n 
1 122 THR n 
1 123 HIS n 
1 124 TYR n 
1 125 ALA n 
1 126 ARG n 
1 127 ARG n 
1 128 GLY n 
1 129 ASP n 
1 130 ILE n 
1 131 ARG n 
1 132 ARG n 
1 133 PHE n 
1 134 VAL n 
1 135 ILE n 
1 136 LYS n 
1 137 CYS n 
1 138 ARG n 
1 139 VAL n 
1 140 ASP n 
1 141 ASN n 
1 142 GLN n 
1 143 ALA n 
1 144 SER n 
1 145 ASN n 
1 146 ALA n 
1 147 VAL n 
1 148 ALA n 
1 149 ARG n 
1 150 ARG n 
1 151 ASN n 
1 152 HIS n 
1 153 PHE n 
1 154 THR n 
1 155 LEU n 
1 156 GLU n 
1 157 GLY n 
1 158 CYS n 
1 159 MET n 
1 160 LYS n 
1 161 GLN n 
1 162 ALA n 
1 163 GLU n 
1 164 TYR n 
1 165 LEU n 
1 166 ASN n 
1 167 GLY n 
1 168 ASP n 
1 169 TYR n 
1 170 HIS n 
1 171 ASP n 
1 172 VAL n 
1 173 ASN n 
1 174 MET n 
1 175 TYR n 
1 176 ALA n 
1 177 ARG n 
1 178 ILE n 
1 179 ILE n 
1 180 ASP n 
1 181 ALA n 
1 182 ASP n 
# 
_entity_src_gen.entity_id                          1 
_entity_src_gen.pdbx_src_id                        1 
_entity_src_gen.pdbx_alt_source_flag               sample 
_entity_src_gen.pdbx_seq_type                      ? 
_entity_src_gen.pdbx_beg_seq_num                   ? 
_entity_src_gen.pdbx_end_seq_num                   ? 
_entity_src_gen.gene_src_common_name               ? 
_entity_src_gen.gene_src_genus                     Salmonella 
_entity_src_gen.pdbx_gene_src_gene                 RimL 
_entity_src_gen.gene_src_species                   'Salmonella typhimurium' 
_entity_src_gen.gene_src_strain                    LT2 
_entity_src_gen.gene_src_tissue                    ? 
_entity_src_gen.gene_src_tissue_fraction           ? 
_entity_src_gen.gene_src_details                   ? 
_entity_src_gen.pdbx_gene_src_fragment             ? 
_entity_src_gen.pdbx_gene_src_scientific_name      'Salmonella typhimurium' 
_entity_src_gen.pdbx_gene_src_ncbi_taxonomy_id     99287 
_entity_src_gen.pdbx_gene_src_variant              ? 
_entity_src_gen.pdbx_gene_src_cell_line            ? 
_entity_src_gen.pdbx_gene_src_atcc                 ? 
_entity_src_gen.pdbx_gene_src_organ                ? 
_entity_src_gen.pdbx_gene_src_organelle            ? 
_entity_src_gen.pdbx_gene_src_cell                 ? 
_entity_src_gen.pdbx_gene_src_cellular_location    ? 
_entity_src_gen.host_org_common_name               ? 
_entity_src_gen.pdbx_host_org_scientific_name      'Escherichia coli' 
_entity_src_gen.pdbx_host_org_ncbi_taxonomy_id     562 
_entity_src_gen.host_org_genus                     Escherichia 
_entity_src_gen.pdbx_host_org_gene                 ? 
_entity_src_gen.pdbx_host_org_organ                ? 
_entity_src_gen.host_org_species                   ? 
_entity_src_gen.pdbx_host_org_tissue               ? 
_entity_src_gen.pdbx_host_org_tissue_fraction      ? 
_entity_src_gen.pdbx_host_org_strain               ? 
_entity_src_gen.pdbx_host_org_variant              ? 
_entity_src_gen.pdbx_host_org_cell_line            ? 
_entity_src_gen.pdbx_host_org_atcc                 ? 
_entity_src_gen.pdbx_host_org_culture_collection   ? 
_entity_src_gen.pdbx_host_org_cell                 ? 
_entity_src_gen.pdbx_host_org_organelle            ? 
_entity_src_gen.pdbx_host_org_cellular_location    ? 
_entity_src_gen.pdbx_host_org_vector_type          plasmid 
_entity_src_gen.pdbx_host_org_vector               ? 
_entity_src_gen.host_org_details                   ? 
_entity_src_gen.expression_system_id               ? 
_entity_src_gen.plasmid_name                       pet28a+ 
_entity_src_gen.plasmid_details                    ? 
_entity_src_gen.pdbx_description                   ? 
# 
loop_
_chem_comp.id 
_chem_comp.type 
_chem_comp.mon_nstd_flag 
_chem_comp.name 
_chem_comp.pdbx_synonyms 
_chem_comp.formula 
_chem_comp.formula_weight 
ALA 'L-peptide linking' y ALANINE         ? 'C3 H7 N O2'          89.093  
ARG 'L-peptide linking' y ARGININE        ? 'C6 H15 N4 O2 1'      175.209 
ASN 'L-peptide linking' y ASPARAGINE      ? 'C4 H8 N2 O3'         132.118 
ASP 'L-peptide linking' y 'ASPARTIC ACID' ? 'C4 H7 N O4'          133.103 
COA non-polymer         . 'COENZYME A'    ? 'C21 H36 N7 O16 P3 S' 767.534 
CYS 'L-peptide linking' y CYSTEINE        ? 'C3 H7 N O2 S'        121.158 
GLN 'L-peptide linking' y GLUTAMINE       ? 'C5 H10 N2 O3'        146.144 
GLU 'L-peptide linking' y 'GLUTAMIC ACID' ? 'C5 H9 N O4'          147.129 
GLY 'peptide linking'   y GLYCINE         ? 'C2 H5 N O2'          75.067  
HIS 'L-peptide linking' y HISTIDINE       ? 'C6 H10 N3 O2 1'      156.162 
HOH non-polymer         . WATER           ? 'H2 O'                18.015  
ILE 'L-peptide linking' y ISOLEUCINE      ? 'C6 H13 N O2'         131.173 
LEU 'L-peptide linking' y LEUCINE         ? 'C6 H13 N O2'         131.173 
LYS 'L-peptide linking' y LYSINE          ? 'C6 H15 N2 O2 1'      147.195 
MET 'L-peptide linking' y METHIONINE      ? 'C5 H11 N O2 S'       149.211 
PHE 'L-peptide linking' y PHENYLALANINE   ? 'C9 H11 N O2'         165.189 
PRO 'L-peptide linking' y PROLINE         ? 'C5 H9 N O2'          115.130 
SER 'L-peptide linking' y SERINE          ? 'C3 H7 N O3'          105.093 
SO4 non-polymer         . 'SULFATE ION'   ? 'O4 S -2'             96.063  
THR 'L-peptide linking' y THREONINE       ? 'C4 H9 N O3'          119.119 
TRP 'L-peptide linking' y TRYPTOPHAN      ? 'C11 H12 N2 O2'       204.225 
TYR 'L-peptide linking' y TYROSINE        ? 'C9 H11 N O3'         181.189 
VAL 'L-peptide linking' y VALINE          ? 'C5 H11 N O2'         117.146 
# 
loop_
_pdbx_poly_seq_scheme.asym_id 
_pdbx_poly_seq_scheme.entity_id 
_pdbx_poly_seq_scheme.seq_id 
_pdbx_poly_seq_scheme.mon_id 
_pdbx_poly_seq_scheme.ndb_seq_num 
_pdbx_poly_seq_scheme.pdb_seq_num 
_pdbx_poly_seq_scheme.auth_seq_num 
_pdbx_poly_seq_scheme.pdb_mon_id 
_pdbx_poly_seq_scheme.auth_mon_id 
_pdbx_poly_seq_scheme.pdb_strand_id 
_pdbx_poly_seq_scheme.pdb_ins_code 
_pdbx_poly_seq_scheme.hetero 
A 1 1   GLY 1   -2  ?   ?   ?   A . n 
A 1 2   SER 2   -1  ?   ?   ?   A . n 
A 1 3   HIS 3   0   ?   ?   ?   A . n 
A 1 4   MET 4   1   ?   ?   ?   A . n 
A 1 5   VAL 5   2   ?   ?   ?   A . n 
A 1 6   GLU 6   3   3   GLU GLU A . n 
A 1 7   ILE 7   4   4   ILE ILE A . n 
A 1 8   ILE 8   5   5   ILE ILE A . n 
A 1 9   PRO 9   6   6   PRO PRO A . n 
A 1 10  VAL 10  7   7   VAL VAL A . n 
A 1 11  SER 11  8   8   SER SER A . n 
A 1 12  THR 12  9   9   THR THR A . n 
A 1 13  THR 13  10  10  THR THR A . n 
A 1 14  LEU 14  11  11  LEU LEU A . n 
A 1 15  GLU 15  12  12  GLU GLU A . n 
A 1 16  LEU 16  13  13  LEU LEU A . n 
A 1 17  ARG 17  14  14  ARG ARG A . n 
A 1 18  ALA 18  15  15  ALA ALA A . n 
A 1 19  ALA 19  16  16  ALA ALA A . n 
A 1 20  ASP 20  17  17  ASP ASP A . n 
A 1 21  GLU 21  18  18  GLU GLU A . n 
A 1 22  SER 22  19  19  SER SER A . n 
A 1 23  HIS 23  20  20  HIS HIS A . n 
A 1 24  VAL 24  21  21  VAL VAL A . n 
A 1 25  PRO 25  22  22  PRO PRO A . n 
A 1 26  ALA 26  23  23  ALA ALA A . n 
A 1 27  LEU 27  24  24  LEU LEU A . n 
A 1 28  HIS 28  25  25  HIS HIS A . n 
A 1 29  GLN 29  26  26  GLN GLN A . n 
A 1 30  LEU 30  27  27  LEU LEU A . n 
A 1 31  VAL 31  28  28  VAL VAL A . n 
A 1 32  LEU 32  29  29  LEU LEU A . n 
A 1 33  LYS 33  30  30  LYS LYS A . n 
A 1 34  ASN 34  31  31  ASN ASN A . n 
A 1 35  LYS 35  32  32  LYS LYS A . n 
A 1 36  ALA 36  33  33  ALA ALA A . n 
A 1 37  TRP 37  34  34  TRP TRP A . n 
A 1 38  LEU 38  35  35  LEU LEU A . n 
A 1 39  GLN 39  36  36  GLN GLN A . n 
A 1 40  GLN 40  37  37  GLN GLN A . n 
A 1 41  SER 41  38  38  SER SER A . n 
A 1 42  LEU 42  39  39  LEU LEU A . n 
A 1 43  ASP 43  40  40  ASP ASP A . n 
A 1 44  TRP 44  41  41  TRP TRP A . n 
A 1 45  PRO 45  42  42  PRO PRO A . n 
A 1 46  GLN 46  43  43  GLN GLN A . n 
A 1 47  TYR 47  44  44  TYR TYR A . n 
A 1 48  VAL 48  45  45  VAL VAL A . n 
A 1 49  THR 49  46  46  THR THR A . n 
A 1 50  SER 50  47  47  SER SER A . n 
A 1 51  GLN 51  48  48  GLN GLN A . n 
A 1 52  GLU 52  49  49  GLU GLU A . n 
A 1 53  GLU 53  50  50  GLU GLU A . n 
A 1 54  THR 54  51  51  THR THR A . n 
A 1 55  ARG 55  52  52  ARG ARG A . n 
A 1 56  LYS 56  53  53  LYS LYS A . n 
A 1 57  HIS 57  54  54  HIS HIS A . n 
A 1 58  VAL 58  55  55  VAL VAL A . n 
A 1 59  GLN 59  56  56  GLN GLN A . n 
A 1 60  GLY 60  57  57  GLY GLY A . n 
A 1 61  ASN 61  58  58  ASN ASN A . n 
A 1 62  ILE 62  59  59  ILE ILE A . n 
A 1 63  LEU 63  60  60  LEU LEU A . n 
A 1 64  LEU 64  61  61  LEU LEU A . n 
A 1 65  HIS 65  62  62  HIS HIS A . n 
A 1 66  GLN 66  63  63  GLN GLN A . n 
A 1 67  ARG 67  64  64  ARG ARG A . n 
A 1 68  GLY 68  65  65  GLY GLY A . n 
A 1 69  TYR 69  66  66  TYR TYR A . n 
A 1 70  ALA 70  67  67  ALA ALA A . n 
A 1 71  LYS 71  68  68  LYS LYS A . n 
A 1 72  MET 72  69  69  MET MET A . n 
A 1 73  TYR 73  70  70  TYR TYR A . n 
A 1 74  LEU 74  71  71  LEU LEU A . n 
A 1 75  ILE 75  72  72  ILE ILE A . n 
A 1 76  PHE 76  73  73  PHE PHE A . n 
A 1 77  CYS 77  74  74  CYS CYS A . n 
A 1 78  GLN 78  75  75  GLN GLN A . n 
A 1 79  ASN 79  76  76  ASN ASN A . n 
A 1 80  GLU 80  77  77  GLU GLU A . n 
A 1 81  MET 81  78  78  MET MET A . n 
A 1 82  ALA 82  79  79  ALA ALA A . n 
A 1 83  GLY 83  80  80  GLY GLY A . n 
A 1 84  VAL 84  81  81  VAL VAL A . n 
A 1 85  LEU 85  82  82  LEU LEU A . n 
A 1 86  SER 86  83  83  SER SER A . n 
A 1 87  PHE 87  84  84  PHE PHE A . n 
A 1 88  ASN 88  85  85  ASN ASN A . n 
A 1 89  ALA 89  86  86  ALA ALA A . n 
A 1 90  ILE 90  87  87  ILE ILE A . n 
A 1 91  GLU 91  88  88  GLU GLU A . n 
A 1 92  PRO 92  89  89  PRO PRO A . n 
A 1 93  ILE 93  90  90  ILE ILE A . n 
A 1 94  ASN 94  91  91  ASN ASN A . n 
A 1 95  LYS 95  92  92  LYS LYS A . n 
A 1 96  ALA 96  93  93  ALA ALA A . n 
A 1 97  ALA 97  94  94  ALA ALA A . n 
A 1 98  TYR 98  95  95  TYR TYR A . n 
A 1 99  ILE 99  96  96  ILE ILE A . n 
A 1 100 GLY 100 97  97  GLY GLY A . n 
A 1 101 TYR 101 98  98  TYR TYR A . n 
A 1 102 TRP 102 99  99  TRP TRP A . n 
A 1 103 LEU 103 100 100 LEU LEU A . n 
A 1 104 ASP 104 101 101 ASP ASP A . n 
A 1 105 GLU 105 102 102 GLU GLU A . n 
A 1 106 SER 106 103 103 SER SER A . n 
A 1 107 PHE 107 104 104 PHE PHE A . n 
A 1 108 GLN 108 105 105 GLN GLN A . n 
A 1 109 GLY 109 106 106 GLY GLY A . n 
A 1 110 GLN 110 107 107 GLN GLN A . n 
A 1 111 GLY 111 108 108 GLY GLY A . n 
A 1 112 ILE 112 109 109 ILE ILE A . n 
A 1 113 MET 113 110 110 MET MET A . n 
A 1 114 SER 114 111 111 SER SER A . n 
A 1 115 GLN 115 112 112 GLN GLN A . n 
A 1 116 SER 116 113 113 SER SER A . n 
A 1 117 LEU 117 114 114 LEU LEU A . n 
A 1 118 GLN 118 115 115 GLN GLN A . n 
A 1 119 ALA 119 116 116 ALA ALA A . n 
A 1 120 LEU 120 117 117 LEU LEU A . n 
A 1 121 MET 121 118 118 MET MET A . n 
A 1 122 THR 122 119 119 THR THR A . n 
A 1 123 HIS 123 120 120 HIS HIS A . n 
A 1 124 TYR 124 121 121 TYR TYR A . n 
A 1 125 ALA 125 122 122 ALA ALA A . n 
A 1 126 ARG 126 123 123 ARG ARG A . n 
A 1 127 ARG 127 124 124 ARG ARG A . n 
A 1 128 GLY 128 125 125 GLY GLY A . n 
A 1 129 ASP 129 126 126 ASP ASP A . n 
A 1 130 ILE 130 127 127 ILE ILE A . n 
A 1 131 ARG 131 128 128 ARG ARG A . n 
A 1 132 ARG 132 129 129 ARG ARG A . n 
A 1 133 PHE 133 130 130 PHE PHE A . n 
A 1 134 VAL 134 131 131 VAL VAL A . n 
A 1 135 ILE 135 132 132 ILE ILE A . n 
A 1 136 LYS 136 133 133 LYS LYS A . n 
A 1 137 CYS 137 134 134 CYS CYS A . n 
A 1 138 ARG 138 135 135 ARG ARG A . n 
A 1 139 VAL 139 136 136 VAL VAL A . n 
A 1 140 ASP 140 137 137 ASP ASP A . n 
A 1 141 ASN 141 138 138 ASN ASN A . n 
A 1 142 GLN 142 139 139 GLN GLN A . n 
A 1 143 ALA 143 140 140 ALA ALA A . n 
A 1 144 SER 144 141 141 SER SER A . n 
A 1 145 ASN 145 142 142 ASN ASN A . n 
A 1 146 ALA 146 143 143 ALA ALA A . n 
A 1 147 VAL 147 144 144 VAL VAL A . n 
A 1 148 ALA 148 145 145 ALA ALA A . n 
A 1 149 ARG 149 146 146 ARG ARG A . n 
A 1 150 ARG 150 147 147 ARG ARG A . n 
A 1 151 ASN 151 148 148 ASN ASN A . n 
A 1 152 HIS 152 149 149 HIS HIS A . n 
A 1 153 PHE 153 150 150 PHE PHE A . n 
A 1 154 THR 154 151 151 THR THR A . n 
A 1 155 LEU 155 152 152 LEU LEU A . n 
A 1 156 GLU 156 153 153 GLU GLU A . n 
A 1 157 GLY 157 154 154 GLY GLY A . n 
A 1 158 CYS 158 155 155 CYS CYS A . n 
A 1 159 MET 159 156 156 MET MET A . n 
A 1 160 LYS 160 157 157 LYS LYS A . n 
A 1 161 GLN 161 158 158 GLN GLN A . n 
A 1 162 ALA 162 159 159 ALA ALA A . n 
A 1 163 GLU 163 160 160 GLU GLU A . n 
A 1 164 TYR 164 161 161 TYR TYR A . n 
A 1 165 LEU 165 162 162 LEU LEU A . n 
A 1 166 ASN 166 163 163 ASN ASN A . n 
A 1 167 GLY 167 164 164 GLY GLY A . n 
A 1 168 ASP 168 165 165 ASP ASP A . n 
A 1 169 TYR 169 166 166 TYR TYR A . n 
A 1 170 HIS 170 167 167 HIS HIS A . n 
A 1 171 ASP 171 168 168 ASP ASP A . n 
A 1 172 VAL 172 169 169 VAL VAL A . n 
A 1 173 ASN 173 170 170 ASN ASN A . n 
A 1 174 MET 174 171 171 MET MET A . n 
A 1 175 TYR 175 172 172 TYR TYR A . n 
A 1 176 ALA 176 173 173 ALA ALA A . n 
A 1 177 ARG 177 174 174 ARG ARG A . n 
A 1 178 ILE 178 175 175 ILE ILE A . n 
A 1 179 ILE 179 176 176 ILE ILE A . n 
A 1 180 ASP 180 177 177 ASP ASP A . n 
A 1 181 ALA 181 178 178 ALA ALA A . n 
A 1 182 ASP 182 179 179 ASP ASP A . n 
# 
loop_
_pdbx_nonpoly_scheme.asym_id 
_pdbx_nonpoly_scheme.entity_id 
_pdbx_nonpoly_scheme.mon_id 
_pdbx_nonpoly_scheme.ndb_seq_num 
_pdbx_nonpoly_scheme.pdb_seq_num 
_pdbx_nonpoly_scheme.auth_seq_num 
_pdbx_nonpoly_scheme.pdb_mon_id 
_pdbx_nonpoly_scheme.auth_mon_id 
_pdbx_nonpoly_scheme.pdb_strand_id 
_pdbx_nonpoly_scheme.pdb_ins_code 
B 2 SO4 1  180 1   SO4 SO4 A . 
C 3 COA 1  601 601 COA COA A . 
D 4 HOH 1  602 1   HOH WAT A . 
D 4 HOH 2  603 2   HOH WAT A . 
D 4 HOH 3  604 3   HOH WAT A . 
D 4 HOH 4  605 4   HOH WAT A . 
D 4 HOH 5  606 5   HOH WAT A . 
D 4 HOH 6  607 6   HOH WAT A . 
D 4 HOH 7  608 7   HOH WAT A . 
D 4 HOH 8  609 8   HOH WAT A . 
D 4 HOH 9  610 9   HOH WAT A . 
D 4 HOH 10 611 10  HOH WAT A . 
D 4 HOH 11 612 11  HOH WAT A . 
D 4 HOH 12 613 12  HOH WAT A . 
D 4 HOH 13 614 13  HOH WAT A . 
D 4 HOH 14 615 14  HOH WAT A . 
D 4 HOH 15 616 15  HOH WAT A . 
D 4 HOH 16 617 16  HOH WAT A . 
D 4 HOH 17 618 17  HOH WAT A . 
D 4 HOH 18 619 18  HOH WAT A . 
D 4 HOH 19 620 19  HOH WAT A . 
D 4 HOH 20 621 20  HOH WAT A . 
D 4 HOH 21 622 21  HOH WAT A . 
D 4 HOH 22 623 22  HOH WAT A . 
D 4 HOH 23 624 23  HOH WAT A . 
D 4 HOH 24 625 24  HOH WAT A . 
D 4 HOH 25 626 25  HOH WAT A . 
D 4 HOH 26 627 26  HOH WAT A . 
D 4 HOH 27 628 27  HOH WAT A . 
D 4 HOH 28 629 28  HOH WAT A . 
D 4 HOH 29 630 29  HOH WAT A . 
D 4 HOH 30 631 30  HOH WAT A . 
D 4 HOH 31 632 31  HOH WAT A . 
D 4 HOH 32 633 32  HOH WAT A . 
D 4 HOH 33 634 33  HOH WAT A . 
D 4 HOH 34 635 34  HOH WAT A . 
D 4 HOH 35 636 35  HOH WAT A . 
D 4 HOH 36 637 36  HOH WAT A . 
D 4 HOH 37 638 37  HOH WAT A . 
D 4 HOH 38 639 38  HOH WAT A . 
D 4 HOH 39 640 39  HOH WAT A . 
D 4 HOH 40 641 40  HOH WAT A . 
D 4 HOH 41 642 41  HOH WAT A . 
D 4 HOH 42 643 42  HOH WAT A . 
D 4 HOH 43 644 43  HOH WAT A . 
D 4 HOH 44 645 44  HOH WAT A . 
D 4 HOH 45 646 45  HOH WAT A . 
D 4 HOH 46 647 46  HOH WAT A . 
D 4 HOH 47 648 47  HOH WAT A . 
D 4 HOH 48 649 48  HOH WAT A . 
D 4 HOH 49 650 49  HOH WAT A . 
D 4 HOH 50 651 50  HOH WAT A . 
D 4 HOH 51 652 51  HOH WAT A . 
D 4 HOH 52 653 52  HOH WAT A . 
D 4 HOH 53 654 53  HOH WAT A . 
D 4 HOH 54 655 54  HOH WAT A . 
D 4 HOH 55 656 55  HOH WAT A . 
D 4 HOH 56 657 56  HOH WAT A . 
D 4 HOH 57 658 57  HOH WAT A . 
D 4 HOH 58 659 58  HOH WAT A . 
D 4 HOH 59 660 59  HOH WAT A . 
D 4 HOH 60 661 60  HOH WAT A . 
D 4 HOH 61 662 61  HOH WAT A . 
D 4 HOH 62 663 62  HOH WAT A . 
D 4 HOH 63 664 63  HOH WAT A . 
D 4 HOH 64 665 64  HOH WAT A . 
# 
loop_
_software.name 
_software.classification 
_software.version 
_software.citation_id 
_software.pdbx_ordinal 
DENZO     'data reduction' .   ? 1 
SCALEPACK 'data scaling'   .   ? 2 
AMoRE     phasing          .   ? 3 
CNS       refinement       1.0 ? 4 
# 
_cell.entry_id           1S7L 
_cell.length_a           92.920 
_cell.length_b           92.920 
_cell.length_c           55.670 
_cell.angle_alpha        90.00 
_cell.angle_beta         90.00 
_cell.angle_gamma        90.00 
_cell.Z_PDB              8 
_cell.pdbx_unique_axis   ? 
# 
_symmetry.entry_id                         1S7L 
_symmetry.space_group_name_H-M             'P 41 21 2' 
_symmetry.pdbx_full_space_group_name_H-M   ? 
_symmetry.cell_setting                     ? 
_symmetry.Int_Tables_number                92 
_symmetry.space_group_name_Hall            ? 
# 
_exptl.entry_id          1S7L 
_exptl.method            'X-RAY DIFFRACTION' 
_exptl.crystals_number   1 
# 
_exptl_crystal.id                    1 
_exptl_crystal.density_meas          ? 
_exptl_crystal.density_percent_sol   57.19 
_exptl_crystal.description           ? 
_exptl_crystal.density_Matthews      2.87 
_exptl_crystal.F_000                 ? 
_exptl_crystal.preparation           ? 
# 
_exptl_crystal_grow.crystal_id      1 
_exptl_crystal_grow.method          'vapor diffusion under oil' 
_exptl_crystal_grow.temp            293 
_exptl_crystal_grow.temp_details    ? 
_exptl_crystal_grow.pH              8 
_exptl_crystal_grow.pdbx_details    
;pentaerythritiol ethoxylate 797, triethanolamine, ammonium sulfate, acetylcoenzyme A, DTT, pH 8, vapor diffusion under oil, temperature 293K
;
_exptl_crystal_grow.pdbx_pH_range   . 
# 
_diffrn.id                     1 
_diffrn.ambient_temp           77 
_diffrn.ambient_temp_details   ? 
_diffrn.crystal_id             1 
# 
_diffrn_detector.diffrn_id              1 
_diffrn_detector.detector               'IMAGE PLATE' 
_diffrn_detector.type                   'RIGAKU RAXIS IV' 
_diffrn_detector.pdbx_collection_date   2003-03-03 
_diffrn_detector.details                'MSC Blue Confocal' 
# 
_diffrn_radiation.diffrn_id                        1 
_diffrn_radiation.wavelength_id                    1 
_diffrn_radiation.pdbx_monochromatic_or_laue_m_l   M 
_diffrn_radiation.monochromator                    'MSC Blue Confocal' 
_diffrn_radiation.pdbx_diffrn_protocol             'SINGLE WAVELENGTH' 
_diffrn_radiation.pdbx_scattering_type             x-ray 
# 
_diffrn_radiation_wavelength.id           1 
_diffrn_radiation_wavelength.wavelength   1.5418 
_diffrn_radiation_wavelength.wt           1.0 
# 
_diffrn_source.diffrn_id                   1 
_diffrn_source.source                      'ROTATING ANODE' 
_diffrn_source.type                        'RIGAKU RU200' 
_diffrn_source.pdbx_synchrotron_site       ? 
_diffrn_source.pdbx_synchrotron_beamline   ? 
_diffrn_source.pdbx_wavelength             ? 
_diffrn_source.pdbx_wavelength_list        1.5418 
# 
_reflns.entry_id                     1S7L 
_reflns.observed_criterion_sigma_F   0 
_reflns.observed_criterion_sigma_I   0 
_reflns.d_resolution_high            2.3 
_reflns.d_resolution_low             30 
_reflns.number_all                   10924 
_reflns.number_obs                   10924 
_reflns.percent_possible_obs         96.6 
_reflns.pdbx_Rmerge_I_obs            ? 
_reflns.pdbx_Rsym_value              0.04 
_reflns.pdbx_netI_over_sigmaI        20.8 
_reflns.B_iso_Wilson_estimate        40.3 
_reflns.pdbx_redundancy              5.0 
_reflns.R_free_details               ? 
_reflns.limit_h_max                  ? 
_reflns.limit_h_min                  ? 
_reflns.limit_k_max                  ? 
_reflns.limit_k_min                  ? 
_reflns.limit_l_max                  ? 
_reflns.limit_l_min                  ? 
_reflns.observed_criterion_F_max     ? 
_reflns.observed_criterion_F_min     ? 
_reflns.pdbx_chi_squared             ? 
_reflns.pdbx_scaling_rejects         ? 
_reflns.pdbx_ordinal                 1 
_reflns.pdbx_diffrn_id               1 
# 
_reflns_shell.d_res_high             2.3 
_reflns_shell.d_res_low              2.38 
_reflns_shell.percent_possible_all   93.7 
_reflns_shell.Rmerge_I_obs           ? 
_reflns_shell.pdbx_Rsym_value        0.165 
_reflns_shell.meanI_over_sigI_obs    ? 
_reflns_shell.pdbx_redundancy        3.9 
_reflns_shell.percent_possible_obs   ? 
_reflns_shell.number_unique_all      ? 
_reflns_shell.number_measured_all    ? 
_reflns_shell.number_measured_obs    ? 
_reflns_shell.number_unique_obs      ? 
_reflns_shell.pdbx_chi_squared       ? 
_reflns_shell.pdbx_ordinal           1 
_reflns_shell.pdbx_diffrn_id         1 
# 
_refine.entry_id                                 1S7L 
_refine.ls_d_res_high                            2.3 
_refine.ls_d_res_low                             30.0 
_refine.pdbx_ls_sigma_F                          0 
_refine.pdbx_ls_sigma_I                          0 
_refine.ls_number_reflns_all                     10908 
_refine.ls_number_reflns_obs                     10908 
_refine.ls_number_reflns_R_free                  566 
_refine.ls_percent_reflns_obs                    96.5 
_refine.ls_R_factor_all                          0.193 
_refine.ls_R_factor_obs                          0.193 
_refine.ls_R_factor_R_work                       0.193 
_refine.ls_R_factor_R_free                       0.245 
_refine.ls_redundancy_reflns_obs                 ? 
_refine.pdbx_data_cutoff_high_absF               ? 
_refine.pdbx_data_cutoff_low_absF                ? 
_refine.ls_number_parameters                     ? 
_refine.ls_number_restraints                     ? 
_refine.ls_percent_reflns_R_free                 ? 
_refine.ls_R_factor_R_free_error                 ? 
_refine.ls_R_factor_R_free_error_details         ? 
_refine.pdbx_method_to_determine_struct          'MOLECULAR REPLACEMENT' 
_refine.pdbx_starting_model                      'PDB Entry 1S7F' 
_refine.pdbx_ls_cross_valid_method               THROUGHOUT 
_refine.pdbx_R_Free_selection_details            random 
_refine.pdbx_stereochem_target_val_spec_case     ? 
_refine.pdbx_stereochemistry_target_values       'Engh & Huber' 
_refine.solvent_model_details                    ? 
_refine.solvent_model_param_bsol                 ? 
_refine.solvent_model_param_ksol                 ? 
_refine.occupancy_max                            ? 
_refine.occupancy_min                            ? 
_refine.pdbx_isotropic_thermal_model             ? 
_refine.B_iso_mean                               ? 
_refine.aniso_B[1][1]                            ? 
_refine.aniso_B[1][2]                            ? 
_refine.aniso_B[1][3]                            ? 
_refine.aniso_B[2][2]                            ? 
_refine.aniso_B[2][3]                            ? 
_refine.aniso_B[3][3]                            ? 
_refine.details                                  ? 
_refine.B_iso_min                                ? 
_refine.B_iso_max                                ? 
_refine.correlation_coeff_Fo_to_Fc               ? 
_refine.correlation_coeff_Fo_to_Fc_free          ? 
_refine.pdbx_solvent_vdw_probe_radii             ? 
_refine.pdbx_solvent_ion_probe_radii             ? 
_refine.pdbx_solvent_shrinkage_radii             ? 
_refine.overall_SU_R_Cruickshank_DPI             ? 
_refine.overall_SU_R_free                        ? 
_refine.overall_SU_B                             ? 
_refine.overall_SU_ML                            ? 
_refine.pdbx_overall_ESU_R                       ? 
_refine.pdbx_overall_ESU_R_Free                  ? 
_refine.pdbx_data_cutoff_high_rms_absF           ? 
_refine.ls_wR_factor_R_free                      ? 
_refine.ls_wR_factor_R_work                      ? 
_refine.overall_FOM_free_R_set                   ? 
_refine.overall_FOM_work_R_set                   ? 
_refine.pdbx_refine_id                           'X-RAY DIFFRACTION' 
_refine.pdbx_diffrn_id                           1 
_refine.pdbx_TLS_residual_ADP_flag               ? 
_refine.pdbx_overall_phase_error                 ? 
_refine.pdbx_overall_SU_R_free_Cruickshank_DPI   ? 
_refine.pdbx_overall_SU_R_Blow_DPI               ? 
_refine.pdbx_overall_SU_R_free_Blow_DPI          ? 
# 
_refine_hist.pdbx_refine_id                   'X-RAY DIFFRACTION' 
_refine_hist.cycle_id                         LAST 
_refine_hist.pdbx_number_atoms_protein        1433 
_refine_hist.pdbx_number_atoms_nucleic_acid   0 
_refine_hist.pdbx_number_atoms_ligand         53 
_refine_hist.number_atoms_solvent             64 
_refine_hist.number_atoms_total               1550 
_refine_hist.d_res_high                       2.3 
_refine_hist.d_res_low                        30.0 
# 
loop_
_refine_ls_restr.type 
_refine_ls_restr.dev_ideal 
_refine_ls_restr.dev_ideal_target 
_refine_ls_restr.weight 
_refine_ls_restr.number 
_refine_ls_restr.pdbx_refine_id 
_refine_ls_restr.pdbx_restraint_function 
c_angle_deg 2.0   ? ? ? 'X-RAY DIFFRACTION' ? 
c_bond_d    0.022 ? ? ? 'X-RAY DIFFRACTION' ? 
# 
_refine_ls_shell.pdbx_total_number_of_bins_used   ? 
_refine_ls_shell.d_res_high                       2.3 
_refine_ls_shell.d_res_low                        2.38 
_refine_ls_shell.number_reflns_R_work             ? 
_refine_ls_shell.R_factor_R_work                  0.239 
_refine_ls_shell.percent_reflns_obs               ? 
_refine_ls_shell.R_factor_R_free                  0.265 
_refine_ls_shell.R_factor_R_free_error            ? 
_refine_ls_shell.percent_reflns_R_free            ? 
_refine_ls_shell.number_reflns_R_free             ? 
_refine_ls_shell.number_reflns_obs                ? 
_refine_ls_shell.redundancy_reflns_obs            ? 
_refine_ls_shell.number_reflns_all                ? 
_refine_ls_shell.pdbx_refine_id                   'X-RAY DIFFRACTION' 
_refine_ls_shell.R_factor_all                     ? 
# 
_struct.entry_id                  1S7L 
_struct.title                     
'RimL- Ribosomal L7/L12 alpha-N-protein acetyltransferase in complex with Coenzyme A (CoA-Cys134 Disulfide)' 
_struct.pdbx_model_details        ? 
_struct.pdbx_CASP_flag            ? 
_struct.pdbx_model_type_details   ? 
# 
_struct_keywords.entry_id        1S7L 
_struct_keywords.pdbx_keywords   TRANSFERASE 
_struct_keywords.text            'acetyltransferase, GNAT, alpha-N-protein acetyltransferase, Coenzyme A, L7/L12, transferase' 
# 
loop_
_struct_asym.id 
_struct_asym.pdbx_blank_PDB_chainid_flag 
_struct_asym.pdbx_modified 
_struct_asym.entity_id 
_struct_asym.details 
A N N 1 ? 
B N N 2 ? 
C N N 3 ? 
D N N 4 ? 
# 
_struct_ref.id                         1 
_struct_ref.db_name                    UNP 
_struct_ref.db_code                    Q8ZPC0_SALTY 
_struct_ref.pdbx_db_accession          Q8ZPC0 
_struct_ref.entity_id                  1 
_struct_ref.pdbx_seq_one_letter_code   
;MVEIIPVSTTLELRAADESHVPALHQLVLKNKAWLQQSLDWPQYVTSQEETRKHVQGNILLHQRGYAKMYLIFCQNEMAG
VLSFNAIEPINKAAYIGYWLDESFQGQGIMSQSLQALMTHYARRGDIRRFVIKCRVDNQASNAVARRNHFTLEGCMKQAE
YLNGDYHDVNMYARIIDAD
;
_struct_ref.pdbx_align_begin           1 
_struct_ref.pdbx_db_isoform            ? 
# 
_struct_ref_seq.align_id                      1 
_struct_ref_seq.ref_id                        1 
_struct_ref_seq.pdbx_PDB_id_code              1S7L 
_struct_ref_seq.pdbx_strand_id                A 
_struct_ref_seq.seq_align_beg                 4 
_struct_ref_seq.pdbx_seq_align_beg_ins_code   ? 
_struct_ref_seq.seq_align_end                 182 
_struct_ref_seq.pdbx_seq_align_end_ins_code   ? 
_struct_ref_seq.pdbx_db_accession             Q8ZPC0 
_struct_ref_seq.db_align_beg                  1 
_struct_ref_seq.pdbx_db_align_beg_ins_code    ? 
_struct_ref_seq.db_align_end                  179 
_struct_ref_seq.pdbx_db_align_end_ins_code    ? 
_struct_ref_seq.pdbx_auth_seq_align_beg       1 
_struct_ref_seq.pdbx_auth_seq_align_end       179 
# 
loop_
_struct_ref_seq_dif.align_id 
_struct_ref_seq_dif.pdbx_pdb_id_code 
_struct_ref_seq_dif.mon_id 
_struct_ref_seq_dif.pdbx_pdb_strand_id 
_struct_ref_seq_dif.seq_num 
_struct_ref_seq_dif.pdbx_pdb_ins_code 
_struct_ref_seq_dif.pdbx_seq_db_name 
_struct_ref_seq_dif.pdbx_seq_db_accession_code 
_struct_ref_seq_dif.db_mon_id 
_struct_ref_seq_dif.pdbx_seq_db_seq_num 
_struct_ref_seq_dif.details 
_struct_ref_seq_dif.pdbx_auth_seq_num 
_struct_ref_seq_dif.pdbx_ordinal 
1 1S7L GLY A 1 ? UNP Q8ZPC0 ? ? 'expression tag' -2 1 
1 1S7L SER A 2 ? UNP Q8ZPC0 ? ? 'expression tag' -1 2 
1 1S7L HIS A 3 ? UNP Q8ZPC0 ? ? 'expression tag' 0  3 
# 
_pdbx_struct_assembly.id                   1 
_pdbx_struct_assembly.details              author_defined_assembly 
_pdbx_struct_assembly.method_details       ? 
_pdbx_struct_assembly.oligomeric_details   dimeric 
_pdbx_struct_assembly.oligomeric_count     2 
# 
_pdbx_struct_assembly_gen.assembly_id       1 
_pdbx_struct_assembly_gen.oper_expression   1,2 
_pdbx_struct_assembly_gen.asym_id_list      A,B,C,D 
# 
loop_
_pdbx_struct_oper_list.id 
_pdbx_struct_oper_list.type 
_pdbx_struct_oper_list.name 
_pdbx_struct_oper_list.symmetry_operation 
_pdbx_struct_oper_list.matrix[1][1] 
_pdbx_struct_oper_list.matrix[1][2] 
_pdbx_struct_oper_list.matrix[1][3] 
_pdbx_struct_oper_list.vector[1] 
_pdbx_struct_oper_list.matrix[2][1] 
_pdbx_struct_oper_list.matrix[2][2] 
_pdbx_struct_oper_list.matrix[2][3] 
_pdbx_struct_oper_list.vector[2] 
_pdbx_struct_oper_list.matrix[3][1] 
_pdbx_struct_oper_list.matrix[3][2] 
_pdbx_struct_oper_list.matrix[3][3] 
_pdbx_struct_oper_list.vector[3] 
1 'identity operation'         1_555 x,y,z  1.0000000000 0.0000000000 0.0000000000  0.0000000000  0.0000000000 1.0000000000  0.0000000000  0.0000000000   0.0000000000  0.0000000000  1.0000000000  0.0000000000   
2 'crystal symmetry operation' 7_555 y,x,-z 0.1342807573 0.2580237641 -0.9567614203 -5.8584837694 0.2580237641 -0.9413053052 -0.2176420445 -26.9083315912 -0.9567614203 -0.2176420445 -0.1929754521 -14.2022390560 
# 
_struct_biol.id                    1 
_struct_biol.details               
'The biological assembly is a dimer generated from the monomer in the asymmetric unit by the operations y, x, -z' 
_struct_biol.pdbx_parent_biol_id   ? 
# 
loop_
_struct_conf.conf_type_id 
_struct_conf.id 
_struct_conf.pdbx_PDB_helix_id 
_struct_conf.beg_label_comp_id 
_struct_conf.beg_label_asym_id 
_struct_conf.beg_label_seq_id 
_struct_conf.pdbx_beg_PDB_ins_code 
_struct_conf.end_label_comp_id 
_struct_conf.end_label_asym_id 
_struct_conf.end_label_seq_id 
_struct_conf.pdbx_end_PDB_ins_code 
_struct_conf.beg_auth_comp_id 
_struct_conf.beg_auth_asym_id 
_struct_conf.beg_auth_seq_id 
_struct_conf.end_auth_comp_id 
_struct_conf.end_auth_asym_id 
_struct_conf.end_auth_seq_id 
_struct_conf.pdbx_PDB_helix_class 
_struct_conf.details 
_struct_conf.pdbx_PDB_helix_length 
HELX_P HELX_P1 1 ASP A 20  ? SER A 22  ? ASP A 17  SER A 19  5 ? 3  
HELX_P HELX_P2 2 HIS A 23  ? GLN A 39  ? HIS A 20  GLN A 36  1 ? 17 
HELX_P HELX_P3 3 ASP A 43  ? VAL A 48  ? ASP A 40  VAL A 45  5 ? 6  
HELX_P HELX_P4 4 SER A 50  ? ARG A 67  ? SER A 47  ARG A 64  1 ? 18 
HELX_P HELX_P5 5 GLU A 105 ? GLN A 108 ? GLU A 102 GLN A 105 5 ? 4  
HELX_P HELX_P6 6 GLY A 111 ? GLY A 128 ? GLY A 108 GLY A 125 1 ? 18 
HELX_P HELX_P7 7 ASN A 141 ? ASN A 151 ? ASN A 138 ASN A 148 1 ? 11 
# 
_struct_conf_type.id          HELX_P 
_struct_conf_type.criteria    ? 
_struct_conf_type.reference   ? 
# 
_struct_conn.id                            covale1 
_struct_conn.conn_type_id                  covale 
_struct_conn.pdbx_leaving_atom_flag        none 
_struct_conn.pdbx_PDB_id                   ? 
_struct_conn.ptnr1_label_asym_id           A 
_struct_conn.ptnr1_label_comp_id           CYS 
_struct_conn.ptnr1_label_seq_id            137 
_struct_conn.ptnr1_label_atom_id           SG 
_struct_conn.pdbx_ptnr1_label_alt_id       ? 
_struct_conn.pdbx_ptnr1_PDB_ins_code       ? 
_struct_conn.pdbx_ptnr1_standard_comp_id   ? 
_struct_conn.ptnr1_symmetry                1_555 
_struct_conn.ptnr2_label_asym_id           C 
_struct_conn.ptnr2_label_comp_id           COA 
_struct_conn.ptnr2_label_seq_id            . 
_struct_conn.ptnr2_label_atom_id           S1P 
_struct_conn.pdbx_ptnr2_label_alt_id       ? 
_struct_conn.pdbx_ptnr2_PDB_ins_code       ? 
_struct_conn.ptnr1_auth_asym_id            A 
_struct_conn.ptnr1_auth_comp_id            CYS 
_struct_conn.ptnr1_auth_seq_id             134 
_struct_conn.ptnr2_auth_asym_id            A 
_struct_conn.ptnr2_auth_comp_id            COA 
_struct_conn.ptnr2_auth_seq_id             601 
_struct_conn.ptnr2_symmetry                1_555 
_struct_conn.pdbx_ptnr3_label_atom_id      ? 
_struct_conn.pdbx_ptnr3_label_seq_id       ? 
_struct_conn.pdbx_ptnr3_label_comp_id      ? 
_struct_conn.pdbx_ptnr3_label_asym_id      ? 
_struct_conn.pdbx_ptnr3_label_alt_id       ? 
_struct_conn.pdbx_ptnr3_PDB_ins_code       ? 
_struct_conn.details                       ? 
_struct_conn.pdbx_dist_value               2.264 
_struct_conn.pdbx_value_order              ? 
_struct_conn.pdbx_role                     ? 
# 
_struct_conn_type.id          covale 
_struct_conn_type.criteria    ? 
_struct_conn_type.reference   ? 
# 
_pdbx_modification_feature.ordinal                            1 
_pdbx_modification_feature.label_comp_id                      COA 
_pdbx_modification_feature.label_asym_id                      C 
_pdbx_modification_feature.label_seq_id                       . 
_pdbx_modification_feature.label_alt_id                       ? 
_pdbx_modification_feature.modified_residue_label_comp_id     CYS 
_pdbx_modification_feature.modified_residue_label_asym_id     A 
_pdbx_modification_feature.modified_residue_label_seq_id      137 
_pdbx_modification_feature.modified_residue_label_alt_id      ? 
_pdbx_modification_feature.auth_comp_id                       COA 
_pdbx_modification_feature.auth_asym_id                       A 
_pdbx_modification_feature.auth_seq_id                        601 
_pdbx_modification_feature.PDB_ins_code                       ? 
_pdbx_modification_feature.symmetry                           1_555 
_pdbx_modification_feature.modified_residue_auth_comp_id      CYS 
_pdbx_modification_feature.modified_residue_auth_asym_id      A 
_pdbx_modification_feature.modified_residue_auth_seq_id       134 
_pdbx_modification_feature.modified_residue_PDB_ins_code      ? 
_pdbx_modification_feature.modified_residue_symmetry          1_555 
_pdbx_modification_feature.comp_id_linking_atom               S1P 
_pdbx_modification_feature.modified_residue_id_linking_atom   SG 
_pdbx_modification_feature.modified_residue_id                CYS 
_pdbx_modification_feature.ref_pcm_id                         4 
_pdbx_modification_feature.ref_comp_id                        COA 
_pdbx_modification_feature.type                               None 
_pdbx_modification_feature.category                           'Covalent chemical modification' 
# 
_struct_sheet.id               A 
_struct_sheet.type             ? 
_struct_sheet.number_strands   8 
_struct_sheet.details          ? 
# 
loop_
_struct_sheet_order.sheet_id 
_struct_sheet_order.range_id_1 
_struct_sheet_order.range_id_2 
_struct_sheet_order.offset 
_struct_sheet_order.sense 
A 1 2 ? anti-parallel 
A 2 3 ? anti-parallel 
A 3 4 ? anti-parallel 
A 4 5 ? anti-parallel 
A 5 6 ? parallel      
A 6 7 ? anti-parallel 
A 7 8 ? anti-parallel 
# 
loop_
_struct_sheet_range.sheet_id 
_struct_sheet_range.id 
_struct_sheet_range.beg_label_comp_id 
_struct_sheet_range.beg_label_asym_id 
_struct_sheet_range.beg_label_seq_id 
_struct_sheet_range.pdbx_beg_PDB_ins_code 
_struct_sheet_range.end_label_comp_id 
_struct_sheet_range.end_label_asym_id 
_struct_sheet_range.end_label_seq_id 
_struct_sheet_range.pdbx_end_PDB_ins_code 
_struct_sheet_range.beg_auth_comp_id 
_struct_sheet_range.beg_auth_asym_id 
_struct_sheet_range.beg_auth_seq_id 
_struct_sheet_range.end_auth_comp_id 
_struct_sheet_range.end_auth_asym_id 
_struct_sheet_range.end_auth_seq_id 
A 1 ILE A 7   ? SER A 11  ? ILE A 4   SER A 8   
A 2 LEU A 14  ? ALA A 18  ? LEU A 11  ALA A 15  
A 3 LYS A 71  ? CYS A 77  ? LYS A 68  CYS A 74  
A 4 GLU A 80  ? GLU A 91  ? GLU A 77  GLU A 88  
A 5 ALA A 96  ? LEU A 103 ? ALA A 93  LEU A 100 
A 6 ARG A 132 ? ARG A 138 ? ARG A 129 ARG A 135 
A 7 TYR A 169 ? ILE A 178 ? TYR A 166 ILE A 175 
A 8 THR A 154 ? TYR A 164 ? THR A 151 TYR A 161 
# 
loop_
_pdbx_struct_sheet_hbond.sheet_id 
_pdbx_struct_sheet_hbond.range_id_1 
_pdbx_struct_sheet_hbond.range_id_2 
_pdbx_struct_sheet_hbond.range_1_label_atom_id 
_pdbx_struct_sheet_hbond.range_1_label_comp_id 
_pdbx_struct_sheet_hbond.range_1_label_asym_id 
_pdbx_struct_sheet_hbond.range_1_label_seq_id 
_pdbx_struct_sheet_hbond.range_1_PDB_ins_code 
_pdbx_struct_sheet_hbond.range_1_auth_atom_id 
_pdbx_struct_sheet_hbond.range_1_auth_comp_id 
_pdbx_struct_sheet_hbond.range_1_auth_asym_id 
_pdbx_struct_sheet_hbond.range_1_auth_seq_id 
_pdbx_struct_sheet_hbond.range_2_label_atom_id 
_pdbx_struct_sheet_hbond.range_2_label_comp_id 
_pdbx_struct_sheet_hbond.range_2_label_asym_id 
_pdbx_struct_sheet_hbond.range_2_label_seq_id 
_pdbx_struct_sheet_hbond.range_2_PDB_ins_code 
_pdbx_struct_sheet_hbond.range_2_auth_atom_id 
_pdbx_struct_sheet_hbond.range_2_auth_comp_id 
_pdbx_struct_sheet_hbond.range_2_auth_asym_id 
_pdbx_struct_sheet_hbond.range_2_auth_seq_id 
A 1 2 N ILE A 8   ? N ILE A 5   O LEU A 16  ? O LEU A 13  
A 2 3 N ARG A 17  ? N ARG A 14  O LEU A 74  ? O LEU A 71  
A 3 4 N ILE A 75  ? N ILE A 72  O ALA A 82  ? O ALA A 79  
A 4 5 N SER A 86  ? N SER A 83  O GLY A 100 ? O GLY A 97  
A 5 6 N ILE A 99  ? N ILE A 96  O VAL A 134 ? O VAL A 131 
A 6 7 N ILE A 135 ? N ILE A 132 O TYR A 175 ? O TYR A 172 
A 7 8 O ALA A 176 ? O ALA A 173 N THR A 154 ? N THR A 151 
# 
loop_
_struct_site.id 
_struct_site.pdbx_evidence_code 
_struct_site.pdbx_auth_asym_id 
_struct_site.pdbx_auth_comp_id 
_struct_site.pdbx_auth_seq_id 
_struct_site.pdbx_auth_ins_code 
_struct_site.pdbx_num_residues 
_struct_site.details 
AC1 Software A SO4 180 ? 2  'BINDING SITE FOR RESIDUE SO4 A 180' 
AC2 Software A COA 601 ? 25 'BINDING SITE FOR RESIDUE COA A 601' 
# 
loop_
_struct_site_gen.id 
_struct_site_gen.site_id 
_struct_site_gen.pdbx_num_res 
_struct_site_gen.label_comp_id 
_struct_site_gen.label_asym_id 
_struct_site_gen.label_seq_id 
_struct_site_gen.pdbx_auth_ins_code 
_struct_site_gen.auth_comp_id 
_struct_site_gen.auth_asym_id 
_struct_site_gen.auth_seq_id 
_struct_site_gen.label_atom_id 
_struct_site_gen.label_alt_id 
_struct_site_gen.symmetry 
_struct_site_gen.details 
1  AC1 2  GLN A 118 ? GLN A 115 . ? 1_555 ? 
2  AC1 2  ARG A 177 ? ARG A 174 . ? 1_555 ? 
3  AC2 25 LEU A 32  ? LEU A 29  . ? 3_555 ? 
4  AC2 25 LYS A 35  ? LYS A 32  . ? 3_555 ? 
5  AC2 25 TRP A 37  ? TRP A 34  . ? 1_555 ? 
6  AC2 25 SER A 41  ? SER A 38  . ? 1_555 ? 
7  AC2 25 TYR A 101 ? TYR A 98  . ? 1_555 ? 
8  AC2 25 TRP A 102 ? TRP A 99  . ? 1_555 ? 
9  AC2 25 LEU A 103 ? LEU A 100 . ? 1_555 ? 
10 AC2 25 GLN A 108 ? GLN A 105 . ? 1_555 ? 
11 AC2 25 GLY A 109 ? GLY A 106 . ? 1_555 ? 
12 AC2 25 GLN A 110 ? GLN A 107 . ? 1_555 ? 
13 AC2 25 GLY A 111 ? GLY A 108 . ? 1_555 ? 
14 AC2 25 ILE A 112 ? ILE A 109 . ? 1_555 ? 
15 AC2 25 MET A 113 ? MET A 110 . ? 1_555 ? 
16 AC2 25 SER A 114 ? SER A 111 . ? 1_555 ? 
17 AC2 25 CYS A 137 ? CYS A 134 . ? 1_555 ? 
18 AC2 25 ASN A 141 ? ASN A 138 . ? 1_555 ? 
19 AC2 25 ALA A 143 ? ALA A 140 . ? 1_555 ? 
20 AC2 25 SER A 144 ? SER A 141 . ? 1_555 ? 
21 AC2 25 ALA A 146 ? ALA A 143 . ? 1_555 ? 
22 AC2 25 ARG A 150 ? ARG A 147 . ? 1_555 ? 
23 AC2 25 HOH D .   ? HOH A 602 . ? 1_555 ? 
24 AC2 25 HOH D .   ? HOH A 606 . ? 1_555 ? 
25 AC2 25 HOH D .   ? HOH A 615 . ? 1_555 ? 
26 AC2 25 HOH D .   ? HOH A 617 . ? 1_555 ? 
27 AC2 25 HOH D .   ? HOH A 651 . ? 1_555 ? 
# 
_pdbx_entry_details.entry_id                   1S7L 
_pdbx_entry_details.compound_details           ? 
_pdbx_entry_details.source_details             ? 
_pdbx_entry_details.nonpolymer_details         ? 
_pdbx_entry_details.sequence_details           ? 
_pdbx_entry_details.has_ligand_of_interest     ? 
_pdbx_entry_details.has_protein_modification   Y 
# 
_pdbx_validate_symm_contact.id                1 
_pdbx_validate_symm_contact.PDB_model_num     1 
_pdbx_validate_symm_contact.auth_atom_id_1    O 
_pdbx_validate_symm_contact.auth_asym_id_1    A 
_pdbx_validate_symm_contact.auth_comp_id_1    HOH 
_pdbx_validate_symm_contact.auth_seq_id_1     665 
_pdbx_validate_symm_contact.PDB_ins_code_1    ? 
_pdbx_validate_symm_contact.label_alt_id_1    ? 
_pdbx_validate_symm_contact.site_symmetry_1   1_555 
_pdbx_validate_symm_contact.auth_atom_id_2    O 
_pdbx_validate_symm_contact.auth_asym_id_2    A 
_pdbx_validate_symm_contact.auth_comp_id_2    HOH 
_pdbx_validate_symm_contact.auth_seq_id_2     665 
_pdbx_validate_symm_contact.PDB_ins_code_2    ? 
_pdbx_validate_symm_contact.label_alt_id_2    ? 
_pdbx_validate_symm_contact.site_symmetry_2   7_556 
_pdbx_validate_symm_contact.dist              1.31 
# 
loop_
_pdbx_validate_rmsd_angle.id 
_pdbx_validate_rmsd_angle.PDB_model_num 
_pdbx_validate_rmsd_angle.auth_atom_id_1 
_pdbx_validate_rmsd_angle.auth_asym_id_1 
_pdbx_validate_rmsd_angle.auth_comp_id_1 
_pdbx_validate_rmsd_angle.auth_seq_id_1 
_pdbx_validate_rmsd_angle.PDB_ins_code_1 
_pdbx_validate_rmsd_angle.label_alt_id_1 
_pdbx_validate_rmsd_angle.auth_atom_id_2 
_pdbx_validate_rmsd_angle.auth_asym_id_2 
_pdbx_validate_rmsd_angle.auth_comp_id_2 
_pdbx_validate_rmsd_angle.auth_seq_id_2 
_pdbx_validate_rmsd_angle.PDB_ins_code_2 
_pdbx_validate_rmsd_angle.label_alt_id_2 
_pdbx_validate_rmsd_angle.auth_atom_id_3 
_pdbx_validate_rmsd_angle.auth_asym_id_3 
_pdbx_validate_rmsd_angle.auth_comp_id_3 
_pdbx_validate_rmsd_angle.auth_seq_id_3 
_pdbx_validate_rmsd_angle.PDB_ins_code_3 
_pdbx_validate_rmsd_angle.label_alt_id_3 
_pdbx_validate_rmsd_angle.angle_value 
_pdbx_validate_rmsd_angle.angle_target_value 
_pdbx_validate_rmsd_angle.angle_deviation 
_pdbx_validate_rmsd_angle.angle_standard_deviation 
_pdbx_validate_rmsd_angle.linker_flag 
1 1 CB A ASP 17  ? ? CG A ASP 17  ? ? OD1 A ASP 17  ? ? 112.75 118.30 -5.55  0.90 N 
2 1 CG A ARG 123 ? ? CD A ARG 123 ? ? NE  A ARG 123 ? ? 99.12  111.80 -12.68 2.10 N 
3 1 NE A ARG 147 ? ? CZ A ARG 147 ? ? NH1 A ARG 147 ? ? 124.78 120.30 4.48   0.50 N 
4 1 NE A ARG 147 ? ? CZ A ARG 147 ? ? NH2 A ARG 147 ? ? 115.97 120.30 -4.33  0.50 N 
# 
_pdbx_validate_chiral.id              1 
_pdbx_validate_chiral.PDB_model_num   1 
_pdbx_validate_chiral.auth_atom_id    C3B 
_pdbx_validate_chiral.label_alt_id    ? 
_pdbx_validate_chiral.auth_asym_id    A 
_pdbx_validate_chiral.auth_comp_id    COA 
_pdbx_validate_chiral.auth_seq_id     601 
_pdbx_validate_chiral.PDB_ins_code    ? 
_pdbx_validate_chiral.details         'WRONG HAND' 
_pdbx_validate_chiral.omega           . 
# 
_pdbx_validate_planes.id              1 
_pdbx_validate_planes.PDB_model_num   1 
_pdbx_validate_planes.auth_comp_id    TYR 
_pdbx_validate_planes.auth_asym_id    A 
_pdbx_validate_planes.auth_seq_id     121 
_pdbx_validate_planes.PDB_ins_code    ? 
_pdbx_validate_planes.label_alt_id    ? 
_pdbx_validate_planes.rmsd            0.071 
_pdbx_validate_planes.type            'SIDE CHAIN' 
# 
loop_
_pdbx_unobs_or_zero_occ_residues.id 
_pdbx_unobs_or_zero_occ_residues.PDB_model_num 
_pdbx_unobs_or_zero_occ_residues.polymer_flag 
_pdbx_unobs_or_zero_occ_residues.occupancy_flag 
_pdbx_unobs_or_zero_occ_residues.auth_asym_id 
_pdbx_unobs_or_zero_occ_residues.auth_comp_id 
_pdbx_unobs_or_zero_occ_residues.auth_seq_id 
_pdbx_unobs_or_zero_occ_residues.PDB_ins_code 
_pdbx_unobs_or_zero_occ_residues.label_asym_id 
_pdbx_unobs_or_zero_occ_residues.label_comp_id 
_pdbx_unobs_or_zero_occ_residues.label_seq_id 
1 1 Y 1 A GLY -2 ? A GLY 1 
2 1 Y 1 A SER -1 ? A SER 2 
3 1 Y 1 A HIS 0  ? A HIS 3 
4 1 Y 1 A MET 1  ? A MET 4 
5 1 Y 1 A VAL 2  ? A VAL 5 
# 
loop_
_chem_comp_atom.comp_id 
_chem_comp_atom.atom_id 
_chem_comp_atom.type_symbol 
_chem_comp_atom.pdbx_aromatic_flag 
_chem_comp_atom.pdbx_stereo_config 
_chem_comp_atom.pdbx_ordinal 
ALA N    N N N 1   
ALA CA   C N S 2   
ALA C    C N N 3   
ALA O    O N N 4   
ALA CB   C N N 5   
ALA OXT  O N N 6   
ALA H    H N N 7   
ALA H2   H N N 8   
ALA HA   H N N 9   
ALA HB1  H N N 10  
ALA HB2  H N N 11  
ALA HB3  H N N 12  
ALA HXT  H N N 13  
ARG N    N N N 14  
ARG CA   C N S 15  
ARG C    C N N 16  
ARG O    O N N 17  
ARG CB   C N N 18  
ARG CG   C N N 19  
ARG CD   C N N 20  
ARG NE   N N N 21  
ARG CZ   C N N 22  
ARG NH1  N N N 23  
ARG NH2  N N N 24  
ARG OXT  O N N 25  
ARG H    H N N 26  
ARG H2   H N N 27  
ARG HA   H N N 28  
ARG HB2  H N N 29  
ARG HB3  H N N 30  
ARG HG2  H N N 31  
ARG HG3  H N N 32  
ARG HD2  H N N 33  
ARG HD3  H N N 34  
ARG HE   H N N 35  
ARG HH11 H N N 36  
ARG HH12 H N N 37  
ARG HH21 H N N 38  
ARG HH22 H N N 39  
ARG HXT  H N N 40  
ASN N    N N N 41  
ASN CA   C N S 42  
ASN C    C N N 43  
ASN O    O N N 44  
ASN CB   C N N 45  
ASN CG   C N N 46  
ASN OD1  O N N 47  
ASN ND2  N N N 48  
ASN OXT  O N N 49  
ASN H    H N N 50  
ASN H2   H N N 51  
ASN HA   H N N 52  
ASN HB2  H N N 53  
ASN HB3  H N N 54  
ASN HD21 H N N 55  
ASN HD22 H N N 56  
ASN HXT  H N N 57  
ASP N    N N N 58  
ASP CA   C N S 59  
ASP C    C N N 60  
ASP O    O N N 61  
ASP CB   C N N 62  
ASP CG   C N N 63  
ASP OD1  O N N 64  
ASP OD2  O N N 65  
ASP OXT  O N N 66  
ASP H    H N N 67  
ASP H2   H N N 68  
ASP HA   H N N 69  
ASP HB2  H N N 70  
ASP HB3  H N N 71  
ASP HD2  H N N 72  
ASP HXT  H N N 73  
COA N1A  N Y N 74  
COA C2A  C Y N 75  
COA N3A  N Y N 76  
COA C4A  C Y N 77  
COA C5A  C Y N 78  
COA C6A  C Y N 79  
COA N6A  N N N 80  
COA N7A  N Y N 81  
COA C8A  C Y N 82  
COA N9A  N Y N 83  
COA C1B  C N R 84  
COA C2B  C N R 85  
COA O2B  O N N 86  
COA C3B  C N S 87  
COA O3B  O N N 88  
COA P3B  P N N 89  
COA O7A  O N N 90  
COA O8A  O N N 91  
COA O9A  O N N 92  
COA C4B  C N R 93  
COA O4B  O N N 94  
COA C5B  C N N 95  
COA O5B  O N N 96  
COA P1A  P N S 97  
COA O1A  O N N 98  
COA O2A  O N N 99  
COA O3A  O N N 100 
COA P2A  P N S 101 
COA O4A  O N N 102 
COA O5A  O N N 103 
COA O6A  O N N 104 
COA CBP  C N N 105 
COA CCP  C N N 106 
COA CDP  C N N 107 
COA CEP  C N N 108 
COA CAP  C N R 109 
COA OAP  O N N 110 
COA C9P  C N N 111 
COA O9P  O N N 112 
COA N8P  N N N 113 
COA C7P  C N N 114 
COA C6P  C N N 115 
COA C5P  C N N 116 
COA O5P  O N N 117 
COA N4P  N N N 118 
COA C3P  C N N 119 
COA C2P  C N N 120 
COA S1P  S N N 121 
COA H2A  H N N 122 
COA H61A H N N 123 
COA H62A H N N 124 
COA H8A  H N N 125 
COA H1B  H N N 126 
COA H2B  H N N 127 
COA HO2A H N N 128 
COA H3B  H N N 129 
COA HOA8 H N N 130 
COA HOA9 H N N 131 
COA H4B  H N N 132 
COA H51A H N N 133 
COA H52A H N N 134 
COA HOA2 H N N 135 
COA HOA5 H N N 136 
COA H121 H N N 137 
COA H122 H N N 138 
COA H131 H N N 139 
COA H132 H N N 140 
COA H133 H N N 141 
COA H141 H N N 142 
COA H142 H N N 143 
COA H143 H N N 144 
COA H10  H N N 145 
COA HO1  H N N 146 
COA HN8  H N N 147 
COA H71  H N N 148 
COA H72  H N N 149 
COA H61  H N N 150 
COA H62  H N N 151 
COA HN4  H N N 152 
COA H31  H N N 153 
COA H32  H N N 154 
COA H21  H N N 155 
COA H22  H N N 156 
COA HS1  H N N 157 
CYS N    N N N 158 
CYS CA   C N R 159 
CYS C    C N N 160 
CYS O    O N N 161 
CYS CB   C N N 162 
CYS SG   S N N 163 
CYS OXT  O N N 164 
CYS H    H N N 165 
CYS H2   H N N 166 
CYS HA   H N N 167 
CYS HB2  H N N 168 
CYS HB3  H N N 169 
CYS HG   H N N 170 
CYS HXT  H N N 171 
GLN N    N N N 172 
GLN CA   C N S 173 
GLN C    C N N 174 
GLN O    O N N 175 
GLN CB   C N N 176 
GLN CG   C N N 177 
GLN CD   C N N 178 
GLN OE1  O N N 179 
GLN NE2  N N N 180 
GLN OXT  O N N 181 
GLN H    H N N 182 
GLN H2   H N N 183 
GLN HA   H N N 184 
GLN HB2  H N N 185 
GLN HB3  H N N 186 
GLN HG2  H N N 187 
GLN HG3  H N N 188 
GLN HE21 H N N 189 
GLN HE22 H N N 190 
GLN HXT  H N N 191 
GLU N    N N N 192 
GLU CA   C N S 193 
GLU C    C N N 194 
GLU O    O N N 195 
GLU CB   C N N 196 
GLU CG   C N N 197 
GLU CD   C N N 198 
GLU OE1  O N N 199 
GLU OE2  O N N 200 
GLU OXT  O N N 201 
GLU H    H N N 202 
GLU H2   H N N 203 
GLU HA   H N N 204 
GLU HB2  H N N 205 
GLU HB3  H N N 206 
GLU HG2  H N N 207 
GLU HG3  H N N 208 
GLU HE2  H N N 209 
GLU HXT  H N N 210 
GLY N    N N N 211 
GLY CA   C N N 212 
GLY C    C N N 213 
GLY O    O N N 214 
GLY OXT  O N N 215 
GLY H    H N N 216 
GLY H2   H N N 217 
GLY HA2  H N N 218 
GLY HA3  H N N 219 
GLY HXT  H N N 220 
HIS N    N N N 221 
HIS CA   C N S 222 
HIS C    C N N 223 
HIS O    O N N 224 
HIS CB   C N N 225 
HIS CG   C Y N 226 
HIS ND1  N Y N 227 
HIS CD2  C Y N 228 
HIS CE1  C Y N 229 
HIS NE2  N Y N 230 
HIS OXT  O N N 231 
HIS H    H N N 232 
HIS H2   H N N 233 
HIS HA   H N N 234 
HIS HB2  H N N 235 
HIS HB3  H N N 236 
HIS HD1  H N N 237 
HIS HD2  H N N 238 
HIS HE1  H N N 239 
HIS HE2  H N N 240 
HIS HXT  H N N 241 
HOH O    O N N 242 
HOH H1   H N N 243 
HOH H2   H N N 244 
ILE N    N N N 245 
ILE CA   C N S 246 
ILE C    C N N 247 
ILE O    O N N 248 
ILE CB   C N S 249 
ILE CG1  C N N 250 
ILE CG2  C N N 251 
ILE CD1  C N N 252 
ILE OXT  O N N 253 
ILE H    H N N 254 
ILE H2   H N N 255 
ILE HA   H N N 256 
ILE HB   H N N 257 
ILE HG12 H N N 258 
ILE HG13 H N N 259 
ILE HG21 H N N 260 
ILE HG22 H N N 261 
ILE HG23 H N N 262 
ILE HD11 H N N 263 
ILE HD12 H N N 264 
ILE HD13 H N N 265 
ILE HXT  H N N 266 
LEU N    N N N 267 
LEU CA   C N S 268 
LEU C    C N N 269 
LEU O    O N N 270 
LEU CB   C N N 271 
LEU CG   C N N 272 
LEU CD1  C N N 273 
LEU CD2  C N N 274 
LEU OXT  O N N 275 
LEU H    H N N 276 
LEU H2   H N N 277 
LEU HA   H N N 278 
LEU HB2  H N N 279 
LEU HB3  H N N 280 
LEU HG   H N N 281 
LEU HD11 H N N 282 
LEU HD12 H N N 283 
LEU HD13 H N N 284 
LEU HD21 H N N 285 
LEU HD22 H N N 286 
LEU HD23 H N N 287 
LEU HXT  H N N 288 
LYS N    N N N 289 
LYS CA   C N S 290 
LYS C    C N N 291 
LYS O    O N N 292 
LYS CB   C N N 293 
LYS CG   C N N 294 
LYS CD   C N N 295 
LYS CE   C N N 296 
LYS NZ   N N N 297 
LYS OXT  O N N 298 
LYS H    H N N 299 
LYS H2   H N N 300 
LYS HA   H N N 301 
LYS HB2  H N N 302 
LYS HB3  H N N 303 
LYS HG2  H N N 304 
LYS HG3  H N N 305 
LYS HD2  H N N 306 
LYS HD3  H N N 307 
LYS HE2  H N N 308 
LYS HE3  H N N 309 
LYS HZ1  H N N 310 
LYS HZ2  H N N 311 
LYS HZ3  H N N 312 
LYS HXT  H N N 313 
MET N    N N N 314 
MET CA   C N S 315 
MET C    C N N 316 
MET O    O N N 317 
MET CB   C N N 318 
MET CG   C N N 319 
MET SD   S N N 320 
MET CE   C N N 321 
MET OXT  O N N 322 
MET H    H N N 323 
MET H2   H N N 324 
MET HA   H N N 325 
MET HB2  H N N 326 
MET HB3  H N N 327 
MET HG2  H N N 328 
MET HG3  H N N 329 
MET HE1  H N N 330 
MET HE2  H N N 331 
MET HE3  H N N 332 
MET HXT  H N N 333 
PHE N    N N N 334 
PHE CA   C N S 335 
PHE C    C N N 336 
PHE O    O N N 337 
PHE CB   C N N 338 
PHE CG   C Y N 339 
PHE CD1  C Y N 340 
PHE CD2  C Y N 341 
PHE CE1  C Y N 342 
PHE CE2  C Y N 343 
PHE CZ   C Y N 344 
PHE OXT  O N N 345 
PHE H    H N N 346 
PHE H2   H N N 347 
PHE HA   H N N 348 
PHE HB2  H N N 349 
PHE HB3  H N N 350 
PHE HD1  H N N 351 
PHE HD2  H N N 352 
PHE HE1  H N N 353 
PHE HE2  H N N 354 
PHE HZ   H N N 355 
PHE HXT  H N N 356 
PRO N    N N N 357 
PRO CA   C N S 358 
PRO C    C N N 359 
PRO O    O N N 360 
PRO CB   C N N 361 
PRO CG   C N N 362 
PRO CD   C N N 363 
PRO OXT  O N N 364 
PRO H    H N N 365 
PRO HA   H N N 366 
PRO HB2  H N N 367 
PRO HB3  H N N 368 
PRO HG2  H N N 369 
PRO HG3  H N N 370 
PRO HD2  H N N 371 
PRO HD3  H N N 372 
PRO HXT  H N N 373 
SER N    N N N 374 
SER CA   C N S 375 
SER C    C N N 376 
SER O    O N N 377 
SER CB   C N N 378 
SER OG   O N N 379 
SER OXT  O N N 380 
SER H    H N N 381 
SER H2   H N N 382 
SER HA   H N N 383 
SER HB2  H N N 384 
SER HB3  H N N 385 
SER HG   H N N 386 
SER HXT  H N N 387 
SO4 S    S N N 388 
SO4 O1   O N N 389 
SO4 O2   O N N 390 
SO4 O3   O N N 391 
SO4 O4   O N N 392 
THR N    N N N 393 
THR CA   C N S 394 
THR C    C N N 395 
THR O    O N N 396 
THR CB   C N R 397 
THR OG1  O N N 398 
THR CG2  C N N 399 
THR OXT  O N N 400 
THR H    H N N 401 
THR H2   H N N 402 
THR HA   H N N 403 
THR HB   H N N 404 
THR HG1  H N N 405 
THR HG21 H N N 406 
THR HG22 H N N 407 
THR HG23 H N N 408 
THR HXT  H N N 409 
TRP N    N N N 410 
TRP CA   C N S 411 
TRP C    C N N 412 
TRP O    O N N 413 
TRP CB   C N N 414 
TRP CG   C Y N 415 
TRP CD1  C Y N 416 
TRP CD2  C Y N 417 
TRP NE1  N Y N 418 
TRP CE2  C Y N 419 
TRP CE3  C Y N 420 
TRP CZ2  C Y N 421 
TRP CZ3  C Y N 422 
TRP CH2  C Y N 423 
TRP OXT  O N N 424 
TRP H    H N N 425 
TRP H2   H N N 426 
TRP HA   H N N 427 
TRP HB2  H N N 428 
TRP HB3  H N N 429 
TRP HD1  H N N 430 
TRP HE1  H N N 431 
TRP HE3  H N N 432 
TRP HZ2  H N N 433 
TRP HZ3  H N N 434 
TRP HH2  H N N 435 
TRP HXT  H N N 436 
TYR N    N N N 437 
TYR CA   C N S 438 
TYR C    C N N 439 
TYR O    O N N 440 
TYR CB   C N N 441 
TYR CG   C Y N 442 
TYR CD1  C Y N 443 
TYR CD2  C Y N 444 
TYR CE1  C Y N 445 
TYR CE2  C Y N 446 
TYR CZ   C Y N 447 
TYR OH   O N N 448 
TYR OXT  O N N 449 
TYR H    H N N 450 
TYR H2   H N N 451 
TYR HA   H N N 452 
TYR HB2  H N N 453 
TYR HB3  H N N 454 
TYR HD1  H N N 455 
TYR HD2  H N N 456 
TYR HE1  H N N 457 
TYR HE2  H N N 458 
TYR HH   H N N 459 
TYR HXT  H N N 460 
VAL N    N N N 461 
VAL CA   C N S 462 
VAL C    C N N 463 
VAL O    O N N 464 
VAL CB   C N N 465 
VAL CG1  C N N 466 
VAL CG2  C N N 467 
VAL OXT  O N N 468 
VAL H    H N N 469 
VAL H2   H N N 470 
VAL HA   H N N 471 
VAL HB   H N N 472 
VAL HG11 H N N 473 
VAL HG12 H N N 474 
VAL HG13 H N N 475 
VAL HG21 H N N 476 
VAL HG22 H N N 477 
VAL HG23 H N N 478 
VAL HXT  H N N 479 
# 
loop_
_chem_comp_bond.comp_id 
_chem_comp_bond.atom_id_1 
_chem_comp_bond.atom_id_2 
_chem_comp_bond.value_order 
_chem_comp_bond.pdbx_aromatic_flag 
_chem_comp_bond.pdbx_stereo_config 
_chem_comp_bond.pdbx_ordinal 
ALA N   CA   sing N N 1   
ALA N   H    sing N N 2   
ALA N   H2   sing N N 3   
ALA CA  C    sing N N 4   
ALA CA  CB   sing N N 5   
ALA CA  HA   sing N N 6   
ALA C   O    doub N N 7   
ALA C   OXT  sing N N 8   
ALA CB  HB1  sing N N 9   
ALA CB  HB2  sing N N 10  
ALA CB  HB3  sing N N 11  
ALA OXT HXT  sing N N 12  
ARG N   CA   sing N N 13  
ARG N   H    sing N N 14  
ARG N   H2   sing N N 15  
ARG CA  C    sing N N 16  
ARG CA  CB   sing N N 17  
ARG CA  HA   sing N N 18  
ARG C   O    doub N N 19  
ARG C   OXT  sing N N 20  
ARG CB  CG   sing N N 21  
ARG CB  HB2  sing N N 22  
ARG CB  HB3  sing N N 23  
ARG CG  CD   sing N N 24  
ARG CG  HG2  sing N N 25  
ARG CG  HG3  sing N N 26  
ARG CD  NE   sing N N 27  
ARG CD  HD2  sing N N 28  
ARG CD  HD3  sing N N 29  
ARG NE  CZ   sing N N 30  
ARG NE  HE   sing N N 31  
ARG CZ  NH1  sing N N 32  
ARG CZ  NH2  doub N N 33  
ARG NH1 HH11 sing N N 34  
ARG NH1 HH12 sing N N 35  
ARG NH2 HH21 sing N N 36  
ARG NH2 HH22 sing N N 37  
ARG OXT HXT  sing N N 38  
ASN N   CA   sing N N 39  
ASN N   H    sing N N 40  
ASN N   H2   sing N N 41  
ASN CA  C    sing N N 42  
ASN CA  CB   sing N N 43  
ASN CA  HA   sing N N 44  
ASN C   O    doub N N 45  
ASN C   OXT  sing N N 46  
ASN CB  CG   sing N N 47  
ASN CB  HB2  sing N N 48  
ASN CB  HB3  sing N N 49  
ASN CG  OD1  doub N N 50  
ASN CG  ND2  sing N N 51  
ASN ND2 HD21 sing N N 52  
ASN ND2 HD22 sing N N 53  
ASN OXT HXT  sing N N 54  
ASP N   CA   sing N N 55  
ASP N   H    sing N N 56  
ASP N   H2   sing N N 57  
ASP CA  C    sing N N 58  
ASP CA  CB   sing N N 59  
ASP CA  HA   sing N N 60  
ASP C   O    doub N N 61  
ASP C   OXT  sing N N 62  
ASP CB  CG   sing N N 63  
ASP CB  HB2  sing N N 64  
ASP CB  HB3  sing N N 65  
ASP CG  OD1  doub N N 66  
ASP CG  OD2  sing N N 67  
ASP OD2 HD2  sing N N 68  
ASP OXT HXT  sing N N 69  
COA N1A C2A  sing Y N 70  
COA N1A C6A  doub Y N 71  
COA C2A N3A  doub Y N 72  
COA C2A H2A  sing N N 73  
COA N3A C4A  sing Y N 74  
COA C4A C5A  doub Y N 75  
COA C4A N9A  sing Y N 76  
COA C5A C6A  sing Y N 77  
COA C5A N7A  sing Y N 78  
COA C6A N6A  sing N N 79  
COA N6A H61A sing N N 80  
COA N6A H62A sing N N 81  
COA N7A C8A  doub Y N 82  
COA C8A N9A  sing Y N 83  
COA C8A H8A  sing N N 84  
COA N9A C1B  sing N N 85  
COA C1B C2B  sing N N 86  
COA C1B O4B  sing N N 87  
COA C1B H1B  sing N N 88  
COA C2B O2B  sing N N 89  
COA C2B C3B  sing N N 90  
COA C2B H2B  sing N N 91  
COA O2B HO2A sing N N 92  
COA C3B O3B  sing N N 93  
COA C3B C4B  sing N N 94  
COA C3B H3B  sing N N 95  
COA O3B P3B  sing N N 96  
COA P3B O7A  doub N N 97  
COA P3B O8A  sing N N 98  
COA P3B O9A  sing N N 99  
COA O8A HOA8 sing N N 100 
COA O9A HOA9 sing N N 101 
COA C4B O4B  sing N N 102 
COA C4B C5B  sing N N 103 
COA C4B H4B  sing N N 104 
COA C5B O5B  sing N N 105 
COA C5B H51A sing N N 106 
COA C5B H52A sing N N 107 
COA O5B P1A  sing N N 108 
COA P1A O1A  doub N N 109 
COA P1A O2A  sing N N 110 
COA P1A O3A  sing N N 111 
COA O2A HOA2 sing N N 112 
COA O3A P2A  sing N N 113 
COA P2A O4A  doub N N 114 
COA P2A O5A  sing N N 115 
COA P2A O6A  sing N N 116 
COA O5A HOA5 sing N N 117 
COA O6A CCP  sing N N 118 
COA CBP CCP  sing N N 119 
COA CBP CDP  sing N N 120 
COA CBP CEP  sing N N 121 
COA CBP CAP  sing N N 122 
COA CCP H121 sing N N 123 
COA CCP H122 sing N N 124 
COA CDP H131 sing N N 125 
COA CDP H132 sing N N 126 
COA CDP H133 sing N N 127 
COA CEP H141 sing N N 128 
COA CEP H142 sing N N 129 
COA CEP H143 sing N N 130 
COA CAP OAP  sing N N 131 
COA CAP C9P  sing N N 132 
COA CAP H10  sing N N 133 
COA OAP HO1  sing N N 134 
COA C9P O9P  doub N N 135 
COA C9P N8P  sing N N 136 
COA N8P C7P  sing N N 137 
COA N8P HN8  sing N N 138 
COA C7P C6P  sing N N 139 
COA C7P H71  sing N N 140 
COA C7P H72  sing N N 141 
COA C6P C5P  sing N N 142 
COA C6P H61  sing N N 143 
COA C6P H62  sing N N 144 
COA C5P O5P  doub N N 145 
COA C5P N4P  sing N N 146 
COA N4P C3P  sing N N 147 
COA N4P HN4  sing N N 148 
COA C3P C2P  sing N N 149 
COA C3P H31  sing N N 150 
COA C3P H32  sing N N 151 
COA C2P S1P  sing N N 152 
COA C2P H21  sing N N 153 
COA C2P H22  sing N N 154 
COA S1P HS1  sing N N 155 
CYS N   CA   sing N N 156 
CYS N   H    sing N N 157 
CYS N   H2   sing N N 158 
CYS CA  C    sing N N 159 
CYS CA  CB   sing N N 160 
CYS CA  HA   sing N N 161 
CYS C   O    doub N N 162 
CYS C   OXT  sing N N 163 
CYS CB  SG   sing N N 164 
CYS CB  HB2  sing N N 165 
CYS CB  HB3  sing N N 166 
CYS SG  HG   sing N N 167 
CYS OXT HXT  sing N N 168 
GLN N   CA   sing N N 169 
GLN N   H    sing N N 170 
GLN N   H2   sing N N 171 
GLN CA  C    sing N N 172 
GLN CA  CB   sing N N 173 
GLN CA  HA   sing N N 174 
GLN C   O    doub N N 175 
GLN C   OXT  sing N N 176 
GLN CB  CG   sing N N 177 
GLN CB  HB2  sing N N 178 
GLN CB  HB3  sing N N 179 
GLN CG  CD   sing N N 180 
GLN CG  HG2  sing N N 181 
GLN CG  HG3  sing N N 182 
GLN CD  OE1  doub N N 183 
GLN CD  NE2  sing N N 184 
GLN NE2 HE21 sing N N 185 
GLN NE2 HE22 sing N N 186 
GLN OXT HXT  sing N N 187 
GLU N   CA   sing N N 188 
GLU N   H    sing N N 189 
GLU N   H2   sing N N 190 
GLU CA  C    sing N N 191 
GLU CA  CB   sing N N 192 
GLU CA  HA   sing N N 193 
GLU C   O    doub N N 194 
GLU C   OXT  sing N N 195 
GLU CB  CG   sing N N 196 
GLU CB  HB2  sing N N 197 
GLU CB  HB3  sing N N 198 
GLU CG  CD   sing N N 199 
GLU CG  HG2  sing N N 200 
GLU CG  HG3  sing N N 201 
GLU CD  OE1  doub N N 202 
GLU CD  OE2  sing N N 203 
GLU OE2 HE2  sing N N 204 
GLU OXT HXT  sing N N 205 
GLY N   CA   sing N N 206 
GLY N   H    sing N N 207 
GLY N   H2   sing N N 208 
GLY CA  C    sing N N 209 
GLY CA  HA2  sing N N 210 
GLY CA  HA3  sing N N 211 
GLY C   O    doub N N 212 
GLY C   OXT  sing N N 213 
GLY OXT HXT  sing N N 214 
HIS N   CA   sing N N 215 
HIS N   H    sing N N 216 
HIS N   H2   sing N N 217 
HIS CA  C    sing N N 218 
HIS CA  CB   sing N N 219 
HIS CA  HA   sing N N 220 
HIS C   O    doub N N 221 
HIS C   OXT  sing N N 222 
HIS CB  CG   sing N N 223 
HIS CB  HB2  sing N N 224 
HIS CB  HB3  sing N N 225 
HIS CG  ND1  sing Y N 226 
HIS CG  CD2  doub Y N 227 
HIS ND1 CE1  doub Y N 228 
HIS ND1 HD1  sing N N 229 
HIS CD2 NE2  sing Y N 230 
HIS CD2 HD2  sing N N 231 
HIS CE1 NE2  sing Y N 232 
HIS CE1 HE1  sing N N 233 
HIS NE2 HE2  sing N N 234 
HIS OXT HXT  sing N N 235 
HOH O   H1   sing N N 236 
HOH O   H2   sing N N 237 
ILE N   CA   sing N N 238 
ILE N   H    sing N N 239 
ILE N   H2   sing N N 240 
ILE CA  C    sing N N 241 
ILE CA  CB   sing N N 242 
ILE CA  HA   sing N N 243 
ILE C   O    doub N N 244 
ILE C   OXT  sing N N 245 
ILE CB  CG1  sing N N 246 
ILE CB  CG2  sing N N 247 
ILE CB  HB   sing N N 248 
ILE CG1 CD1  sing N N 249 
ILE CG1 HG12 sing N N 250 
ILE CG1 HG13 sing N N 251 
ILE CG2 HG21 sing N N 252 
ILE CG2 HG22 sing N N 253 
ILE CG2 HG23 sing N N 254 
ILE CD1 HD11 sing N N 255 
ILE CD1 HD12 sing N N 256 
ILE CD1 HD13 sing N N 257 
ILE OXT HXT  sing N N 258 
LEU N   CA   sing N N 259 
LEU N   H    sing N N 260 
LEU N   H2   sing N N 261 
LEU CA  C    sing N N 262 
LEU CA  CB   sing N N 263 
LEU CA  HA   sing N N 264 
LEU C   O    doub N N 265 
LEU C   OXT  sing N N 266 
LEU CB  CG   sing N N 267 
LEU CB  HB2  sing N N 268 
LEU CB  HB3  sing N N 269 
LEU CG  CD1  sing N N 270 
LEU CG  CD2  sing N N 271 
LEU CG  HG   sing N N 272 
LEU CD1 HD11 sing N N 273 
LEU CD1 HD12 sing N N 274 
LEU CD1 HD13 sing N N 275 
LEU CD2 HD21 sing N N 276 
LEU CD2 HD22 sing N N 277 
LEU CD2 HD23 sing N N 278 
LEU OXT HXT  sing N N 279 
LYS N   CA   sing N N 280 
LYS N   H    sing N N 281 
LYS N   H2   sing N N 282 
LYS CA  C    sing N N 283 
LYS CA  CB   sing N N 284 
LYS CA  HA   sing N N 285 
LYS C   O    doub N N 286 
LYS C   OXT  sing N N 287 
LYS CB  CG   sing N N 288 
LYS CB  HB2  sing N N 289 
LYS CB  HB3  sing N N 290 
LYS CG  CD   sing N N 291 
LYS CG  HG2  sing N N 292 
LYS CG  HG3  sing N N 293 
LYS CD  CE   sing N N 294 
LYS CD  HD2  sing N N 295 
LYS CD  HD3  sing N N 296 
LYS CE  NZ   sing N N 297 
LYS CE  HE2  sing N N 298 
LYS CE  HE3  sing N N 299 
LYS NZ  HZ1  sing N N 300 
LYS NZ  HZ2  sing N N 301 
LYS NZ  HZ3  sing N N 302 
LYS OXT HXT  sing N N 303 
MET N   CA   sing N N 304 
MET N   H    sing N N 305 
MET N   H2   sing N N 306 
MET CA  C    sing N N 307 
MET CA  CB   sing N N 308 
MET CA  HA   sing N N 309 
MET C   O    doub N N 310 
MET C   OXT  sing N N 311 
MET CB  CG   sing N N 312 
MET CB  HB2  sing N N 313 
MET CB  HB3  sing N N 314 
MET CG  SD   sing N N 315 
MET CG  HG2  sing N N 316 
MET CG  HG3  sing N N 317 
MET SD  CE   sing N N 318 
MET CE  HE1  sing N N 319 
MET CE  HE2  sing N N 320 
MET CE  HE3  sing N N 321 
MET OXT HXT  sing N N 322 
PHE N   CA   sing N N 323 
PHE N   H    sing N N 324 
PHE N   H2   sing N N 325 
PHE CA  C    sing N N 326 
PHE CA  CB   sing N N 327 
PHE CA  HA   sing N N 328 
PHE C   O    doub N N 329 
PHE C   OXT  sing N N 330 
PHE CB  CG   sing N N 331 
PHE CB  HB2  sing N N 332 
PHE CB  HB3  sing N N 333 
PHE CG  CD1  doub Y N 334 
PHE CG  CD2  sing Y N 335 
PHE CD1 CE1  sing Y N 336 
PHE CD1 HD1  sing N N 337 
PHE CD2 CE2  doub Y N 338 
PHE CD2 HD2  sing N N 339 
PHE CE1 CZ   doub Y N 340 
PHE CE1 HE1  sing N N 341 
PHE CE2 CZ   sing Y N 342 
PHE CE2 HE2  sing N N 343 
PHE CZ  HZ   sing N N 344 
PHE OXT HXT  sing N N 345 
PRO N   CA   sing N N 346 
PRO N   CD   sing N N 347 
PRO N   H    sing N N 348 
PRO CA  C    sing N N 349 
PRO CA  CB   sing N N 350 
PRO CA  HA   sing N N 351 
PRO C   O    doub N N 352 
PRO C   OXT  sing N N 353 
PRO CB  CG   sing N N 354 
PRO CB  HB2  sing N N 355 
PRO CB  HB3  sing N N 356 
PRO CG  CD   sing N N 357 
PRO CG  HG2  sing N N 358 
PRO CG  HG3  sing N N 359 
PRO CD  HD2  sing N N 360 
PRO CD  HD3  sing N N 361 
PRO OXT HXT  sing N N 362 
SER N   CA   sing N N 363 
SER N   H    sing N N 364 
SER N   H2   sing N N 365 
SER CA  C    sing N N 366 
SER CA  CB   sing N N 367 
SER CA  HA   sing N N 368 
SER C   O    doub N N 369 
SER C   OXT  sing N N 370 
SER CB  OG   sing N N 371 
SER CB  HB2  sing N N 372 
SER CB  HB3  sing N N 373 
SER OG  HG   sing N N 374 
SER OXT HXT  sing N N 375 
SO4 S   O1   doub N N 376 
SO4 S   O2   doub N N 377 
SO4 S   O3   sing N N 378 
SO4 S   O4   sing N N 379 
THR N   CA   sing N N 380 
THR N   H    sing N N 381 
THR N   H2   sing N N 382 
THR CA  C    sing N N 383 
THR CA  CB   sing N N 384 
THR CA  HA   sing N N 385 
THR C   O    doub N N 386 
THR C   OXT  sing N N 387 
THR CB  OG1  sing N N 388 
THR CB  CG2  sing N N 389 
THR CB  HB   sing N N 390 
THR OG1 HG1  sing N N 391 
THR CG2 HG21 sing N N 392 
THR CG2 HG22 sing N N 393 
THR CG2 HG23 sing N N 394 
THR OXT HXT  sing N N 395 
TRP N   CA   sing N N 396 
TRP N   H    sing N N 397 
TRP N   H2   sing N N 398 
TRP CA  C    sing N N 399 
TRP CA  CB   sing N N 400 
TRP CA  HA   sing N N 401 
TRP C   O    doub N N 402 
TRP C   OXT  sing N N 403 
TRP CB  CG   sing N N 404 
TRP CB  HB2  sing N N 405 
TRP CB  HB3  sing N N 406 
TRP CG  CD1  doub Y N 407 
TRP CG  CD2  sing Y N 408 
TRP CD1 NE1  sing Y N 409 
TRP CD1 HD1  sing N N 410 
TRP CD2 CE2  doub Y N 411 
TRP CD2 CE3  sing Y N 412 
TRP NE1 CE2  sing Y N 413 
TRP NE1 HE1  sing N N 414 
TRP CE2 CZ2  sing Y N 415 
TRP CE3 CZ3  doub Y N 416 
TRP CE3 HE3  sing N N 417 
TRP CZ2 CH2  doub Y N 418 
TRP CZ2 HZ2  sing N N 419 
TRP CZ3 CH2  sing Y N 420 
TRP CZ3 HZ3  sing N N 421 
TRP CH2 HH2  sing N N 422 
TRP OXT HXT  sing N N 423 
TYR N   CA   sing N N 424 
TYR N   H    sing N N 425 
TYR N   H2   sing N N 426 
TYR CA  C    sing N N 427 
TYR CA  CB   sing N N 428 
TYR CA  HA   sing N N 429 
TYR C   O    doub N N 430 
TYR C   OXT  sing N N 431 
TYR CB  CG   sing N N 432 
TYR CB  HB2  sing N N 433 
TYR CB  HB3  sing N N 434 
TYR CG  CD1  doub Y N 435 
TYR CG  CD2  sing Y N 436 
TYR CD1 CE1  sing Y N 437 
TYR CD1 HD1  sing N N 438 
TYR CD2 CE2  doub Y N 439 
TYR CD2 HD2  sing N N 440 
TYR CE1 CZ   doub Y N 441 
TYR CE1 HE1  sing N N 442 
TYR CE2 CZ   sing Y N 443 
TYR CE2 HE2  sing N N 444 
TYR CZ  OH   sing N N 445 
TYR OH  HH   sing N N 446 
TYR OXT HXT  sing N N 447 
VAL N   CA   sing N N 448 
VAL N   H    sing N N 449 
VAL N   H2   sing N N 450 
VAL CA  C    sing N N 451 
VAL CA  CB   sing N N 452 
VAL CA  HA   sing N N 453 
VAL C   O    doub N N 454 
VAL C   OXT  sing N N 455 
VAL CB  CG1  sing N N 456 
VAL CB  CG2  sing N N 457 
VAL CB  HB   sing N N 458 
VAL CG1 HG11 sing N N 459 
VAL CG1 HG12 sing N N 460 
VAL CG1 HG13 sing N N 461 
VAL CG2 HG21 sing N N 462 
VAL CG2 HG22 sing N N 463 
VAL CG2 HG23 sing N N 464 
VAL OXT HXT  sing N N 465 
# 
_pdbx_initial_refinement_model.id               1 
_pdbx_initial_refinement_model.entity_id_list   ? 
_pdbx_initial_refinement_model.type             'experimental model' 
_pdbx_initial_refinement_model.source_name      PDB 
_pdbx_initial_refinement_model.accession_code   1S7F 
_pdbx_initial_refinement_model.details          'PDB Entry 1S7F' 
# 
_atom_sites.entry_id                    1S7L 
_atom_sites.fract_transf_matrix[1][1]   0.00872963 
_atom_sites.fract_transf_matrix[1][2]   -0.00547383 
_atom_sites.fract_transf_matrix[1][3]   -0.00310667 
_atom_sites.fract_transf_matrix[2][1]   0.00273218 
_atom_sites.fract_transf_matrix[2][2]   0.00808114 
_atom_sites.fract_transf_matrix[2][3]   -0.00656132 
_atom_sites.fract_transf_matrix[3][1]   0.00946395 
_atom_sites.fract_transf_matrix[3][2]   0.00756699 
_atom_sites.fract_transf_matrix[3][3]   0.01326061 
_atom_sites.fract_transf_vector[1]      0.112123 
_atom_sites.fract_transf_vector[2]      0.252394 
_atom_sites.fract_transf_vector[3]      0.223695 
# 
loop_
_atom_type.symbol 
C 
N 
O 
P 
S 
# 
loop_
_atom_site.group_PDB 
_atom_site.id 
_atom_site.type_symbol 
_atom_site.label_atom_id 
_atom_site.label_alt_id 
_atom_site.label_comp_id 
_atom_site.label_asym_id 
_atom_site.label_entity_id 
_atom_site.label_seq_id 
_atom_site.pdbx_PDB_ins_code 
_atom_site.Cartn_x 
_atom_site.Cartn_y 
_atom_site.Cartn_z 
_atom_site.occupancy 
_atom_site.B_iso_or_equiv 
_atom_site.pdbx_formal_charge 
_atom_site.auth_seq_id 
_atom_site.auth_comp_id 
_atom_site.auth_asym_id 
_atom_site.auth_atom_id 
_atom_site.pdbx_PDB_model_num 
ATOM   1    N N   . GLU A 1 6   ? -0.270  -1.033  17.934  1.00 34.77 ? 3   GLU A N   1 
ATOM   2    C CA  . GLU A 1 6   ? 0.846   -1.430  16.989  1.00 34.40 ? 3   GLU A CA  1 
ATOM   3    C C   . GLU A 1 6   ? 1.327   -0.317  16.055  1.00 33.65 ? 3   GLU A C   1 
ATOM   4    O O   . GLU A 1 6   ? 0.677   0.026   15.068  1.00 35.00 ? 3   GLU A O   1 
ATOM   5    C CB  . GLU A 1 6   ? 0.469   -2.622  16.090  1.00 33.95 ? 3   GLU A CB  1 
ATOM   6    C CG  . GLU A 1 6   ? 1.660   -2.985  15.129  1.00 33.61 ? 3   GLU A CG  1 
ATOM   7    C CD  . GLU A 1 6   ? 1.333   -3.937  13.954  1.00 33.88 ? 3   GLU A CD  1 
ATOM   8    O OE1 . GLU A 1 6   ? 0.188   -4.365  13.738  1.00 34.35 ? 3   GLU A OE1 1 
ATOM   9    O OE2 . GLU A 1 6   ? 2.264   -4.265  13.198  1.00 35.11 ? 3   GLU A OE2 1 
ATOM   10   N N   . ILE A 1 7   ? 2.508   0.194   16.350  1.00 33.62 ? 4   ILE A N   1 
ATOM   11   C CA  . ILE A 1 7   ? 3.144   1.268   15.593  1.00 31.14 ? 4   ILE A CA  1 
ATOM   12   C C   . ILE A 1 7   ? 4.520   0.803   15.058  1.00 29.99 ? 4   ILE A C   1 
ATOM   13   O O   . ILE A 1 7   ? 5.288   0.225   15.791  1.00 30.35 ? 4   ILE A O   1 
ATOM   14   C CB  . ILE A 1 7   ? 3.345   2.509   16.518  1.00 30.77 ? 4   ILE A CB  1 
ATOM   15   C CG1 . ILE A 1 7   ? 2.032   2.928   17.149  1.00 30.23 ? 4   ILE A CG1 1 
ATOM   16   C CG2 . ILE A 1 7   ? 3.871   3.640   15.772  1.00 29.90 ? 4   ILE A CG2 1 
ATOM   17   C CD1 . ILE A 1 7   ? 1.001   3.252   16.178  1.00 34.59 ? 4   ILE A CD1 1 
ATOM   18   N N   . ILE A 1 8   ? 4.796   1.016   13.773  1.00 27.52 ? 5   ILE A N   1 
ATOM   19   C CA  . ILE A 1 8   ? 6.100   0.701   13.191  1.00 24.84 ? 5   ILE A CA  1 
ATOM   20   C C   . ILE A 1 8   ? 6.653   2.115   12.899  1.00 26.11 ? 5   ILE A C   1 
ATOM   21   O O   . ILE A 1 8   ? 6.046   2.895   12.151  1.00 25.90 ? 5   ILE A O   1 
ATOM   22   C CB  . ILE A 1 8   ? 5.990   -0.136  11.836  1.00 24.69 ? 5   ILE A CB  1 
ATOM   23   C CG1 . ILE A 1 8   ? 5.435   -1.543  12.157  1.00 23.69 ? 5   ILE A CG1 1 
ATOM   24   C CG2 . ILE A 1 8   ? 7.342   -0.166  11.091  1.00 19.09 ? 5   ILE A CG2 1 
ATOM   25   C CD1 . ILE A 1 8   ? 4.897   -2.332  11.009  1.00 20.49 ? 5   ILE A CD1 1 
ATOM   26   N N   . PRO A 1 9   ? 7.803   2.461   13.511  1.00 24.49 ? 6   PRO A N   1 
ATOM   27   C CA  . PRO A 1 9   ? 8.480   3.747   13.375  1.00 23.04 ? 6   PRO A CA  1 
ATOM   28   C C   . PRO A 1 9   ? 9.070   3.924   12.028  1.00 22.16 ? 6   PRO A C   1 
ATOM   29   O O   . PRO A 1 9   ? 9.618   2.998   11.513  1.00 22.12 ? 6   PRO A O   1 
ATOM   30   C CB  . PRO A 1 9   ? 9.609   3.681   14.421  1.00 23.33 ? 6   PRO A CB  1 
ATOM   31   C CG  . PRO A 1 9   ? 9.184   2.549   15.361  1.00 22.44 ? 6   PRO A CG  1 
ATOM   32   C CD  . PRO A 1 9   ? 8.465   1.598   14.508  1.00 22.44 ? 6   PRO A CD  1 
ATOM   33   N N   . VAL A 1 10  ? 8.984   5.128   11.463  1.00 20.54 ? 7   VAL A N   1 
ATOM   34   C CA  . VAL A 1 10  ? 9.603   5.345   10.197  1.00 18.45 ? 7   VAL A CA  1 
ATOM   35   C C   . VAL A 1 10  ? 10.672  6.435   10.344  1.00 18.46 ? 7   VAL A C   1 
ATOM   36   O O   . VAL A 1 10  ? 11.805  6.215   9.988   1.00 17.14 ? 7   VAL A O   1 
ATOM   37   C CB  . VAL A 1 10  ? 8.541   5.738   9.089   1.00 19.68 ? 7   VAL A CB  1 
ATOM   38   C CG1 . VAL A 1 10  ? 9.253   5.966   7.652   1.00 17.17 ? 7   VAL A CG1 1 
ATOM   39   C CG2 . VAL A 1 10  ? 7.485   4.667   9.007   1.00 16.63 ? 7   VAL A CG2 1 
ATOM   40   N N   . SER A 1 11  ? 10.274  7.616   10.813  1.00 19.30 ? 8   SER A N   1 
ATOM   41   C CA  . SER A 1 11  ? 11.185  8.733   11.001  1.00 21.02 ? 8   SER A CA  1 
ATOM   42   C C   . SER A 1 11  ? 10.687  9.664   12.139  1.00 21.78 ? 8   SER A C   1 
ATOM   43   O O   . SER A 1 11  ? 9.600   9.452   12.715  1.00 22.52 ? 8   SER A O   1 
ATOM   44   C CB  . SER A 1 11  ? 11.334  9.556   9.710   1.00 22.41 ? 8   SER A CB  1 
ATOM   45   O OG  . SER A 1 11  ? 10.256  10.492  9.594   1.00 25.34 ? 8   SER A OG  1 
ATOM   46   N N   . THR A 1 12  ? 11.511  10.651  12.487  1.00 21.58 ? 9   THR A N   1 
ATOM   47   C CA  . THR A 1 12  ? 11.149  11.600  13.522  1.00 23.58 ? 9   THR A CA  1 
ATOM   48   C C   . THR A 1 12  ? 9.785   12.244  13.170  1.00 25.27 ? 9   THR A C   1 
ATOM   49   O O   . THR A 1 12  ? 9.084   12.657  14.084  1.00 27.66 ? 9   THR A O   1 
ATOM   50   C CB  . THR A 1 12  ? 12.269  12.718  13.755  1.00 24.70 ? 9   THR A CB  1 
ATOM   51   O OG1 . THR A 1 12  ? 12.529  13.440  12.542  1.00 24.03 ? 9   THR A OG1 1 
ATOM   52   C CG2 . THR A 1 12  ? 13.600  12.086  14.264  1.00 22.62 ? 9   THR A CG2 1 
ATOM   53   N N   . THR A 1 13  ? 9.374   12.310  11.899  1.00 23.75 ? 10  THR A N   1 
ATOM   54   C CA  . THR A 1 13  ? 8.036   12.867  11.609  1.00 25.39 ? 10  THR A CA  1 
ATOM   55   C C   . THR A 1 13  ? 7.019   11.867  11.021  1.00 26.81 ? 10  THR A C   1 
ATOM   56   O O   . THR A 1 13  ? 5.859   12.229  10.732  1.00 29.57 ? 10  THR A O   1 
ATOM   57   C CB  . THR A 1 13  ? 8.054   14.121  10.665  1.00 23.70 ? 10  THR A CB  1 
ATOM   58   O OG1 . THR A 1 13  ? 8.740   13.825  9.457   1.00 21.14 ? 10  THR A OG1 1 
ATOM   59   C CG2 . THR A 1 13  ? 8.777   15.286  11.336  1.00 23.55 ? 10  THR A CG2 1 
ATOM   60   N N   . LEU A 1 14  ? 7.428   10.617  10.891  1.00 23.87 ? 11  LEU A N   1 
ATOM   61   C CA  . LEU A 1 14  ? 6.566   9.609   10.296  1.00 21.98 ? 11  LEU A CA  1 
ATOM   62   C C   . LEU A 1 14  ? 6.447   8.323   11.042  1.00 20.99 ? 11  LEU A C   1 
ATOM   63   O O   . LEU A 1 14  ? 7.444   7.834   11.617  1.00 22.25 ? 11  LEU A O   1 
ATOM   64   C CB  . LEU A 1 14  ? 7.104   9.219   8.899   1.00 19.87 ? 11  LEU A CB  1 
ATOM   65   C CG  . LEU A 1 14  ? 7.141   10.264  7.792   1.00 18.72 ? 11  LEU A CG  1 
ATOM   66   C CD1 . LEU A 1 14  ? 7.843   9.744   6.594   1.00 13.91 ? 11  LEU A CD1 1 
ATOM   67   C CD2 . LEU A 1 14  ? 5.683   10.673  7.455   1.00 13.42 ? 11  LEU A CD2 1 
ATOM   68   N N   . GLU A 1 15  ? 5.260   7.734   10.968  1.00 20.56 ? 12  GLU A N   1 
ATOM   69   C CA  . GLU A 1 15  ? 5.025   6.431   11.552  1.00 20.60 ? 12  GLU A CA  1 
ATOM   70   C C   . GLU A 1 15  ? 3.871   5.685   10.873  1.00 22.04 ? 12  GLU A C   1 
ATOM   71   O O   . GLU A 1 15  ? 3.018   6.261   10.192  1.00 21.33 ? 12  GLU A O   1 
ATOM   72   C CB  . GLU A 1 15  ? 4.804   6.503   13.066  1.00 21.36 ? 12  GLU A CB  1 
ATOM   73   C CG  . GLU A 1 15  ? 3.460   7.089   13.484  1.00 26.03 ? 12  GLU A CG  1 
ATOM   74   C CD  . GLU A 1 15  ? 3.335   7.225   14.992  1.00 27.22 ? 12  GLU A CD  1 
ATOM   75   O OE1 . GLU A 1 15  ? 4.376   7.293   15.676  1.00 27.33 ? 12  GLU A OE1 1 
ATOM   76   O OE2 . GLU A 1 15  ? 2.192   7.278   15.504  1.00 29.78 ? 12  GLU A OE2 1 
ATOM   77   N N   . LEU A 1 16  ? 3.893   4.373   11.043  1.00 23.09 ? 13  LEU A N   1 
ATOM   78   C CA  . LEU A 1 16  ? 2.906   3.468   10.513  1.00 22.30 ? 13  LEU A CA  1 
ATOM   79   C C   . LEU A 1 16  ? 2.099   2.934   11.696  1.00 24.27 ? 13  LEU A C   1 
ATOM   80   O O   . LEU A 1 16  ? 2.682   2.396   12.672  1.00 24.37 ? 13  LEU A O   1 
ATOM   81   C CB  . LEU A 1 16  ? 3.577   2.313   9.805   1.00 19.28 ? 13  LEU A CB  1 
ATOM   82   C CG  . LEU A 1 16  ? 4.421   2.702   8.594   1.00 20.65 ? 13  LEU A CG  1 
ATOM   83   C CD1 . LEU A 1 16  ? 4.761   1.474   7.866   1.00 22.59 ? 13  LEU A CD1 1 
ATOM   84   C CD2 . LEU A 1 16  ? 3.687   3.598   7.662   1.00 22.45 ? 13  LEU A CD2 1 
ATOM   85   N N   . ARG A 1 17  ? 0.775   3.121   11.632  1.00 23.42 ? 14  ARG A N   1 
ATOM   86   C CA  . ARG A 1 17  ? -0.102  2.613   12.681  1.00 23.37 ? 14  ARG A CA  1 
ATOM   87   C C   . ARG A 1 17  ? -1.000  1.585   12.038  1.00 23.46 ? 14  ARG A C   1 
ATOM   88   O O   . ARG A 1 17  ? -1.460  1.821   10.930  1.00 24.45 ? 14  ARG A O   1 
ATOM   89   C CB  . ARG A 1 17  ? -0.954  3.714   13.258  1.00 20.76 ? 14  ARG A CB  1 
ATOM   90   C CG  . ARG A 1 17  ? -0.210  4.912   13.540  1.00 19.36 ? 14  ARG A CG  1 
ATOM   91   C CD  . ARG A 1 17  ? -1.077  5.835   14.377  1.00 22.03 ? 14  ARG A CD  1 
ATOM   92   N NE  . ARG A 1 17  ? -0.332  7.054   14.614  1.00 22.13 ? 14  ARG A NE  1 
ATOM   93   C CZ  . ARG A 1 17  ? -0.863  8.194   14.987  1.00 23.65 ? 14  ARG A CZ  1 
ATOM   94   N NH1 . ARG A 1 17  ? -2.170  8.252   15.143  1.00 25.80 ? 14  ARG A NH1 1 
ATOM   95   N NH2 . ARG A 1 17  ? -0.096  9.263   15.176  1.00 21.10 ? 14  ARG A NH2 1 
ATOM   96   N N   . ALA A 1 18  ? -1.236  0.462   12.714  1.00 24.39 ? 15  ALA A N   1 
ATOM   97   C CA  . ALA A 1 18  ? -2.114  -0.604  12.187  1.00 26.50 ? 15  ALA A CA  1 
ATOM   98   C C   . ALA A 1 18  ? -3.539  -0.067  12.066  1.00 27.86 ? 15  ALA A C   1 
ATOM   99   O O   . ALA A 1 18  ? -4.001  0.680   12.935  1.00 28.53 ? 15  ALA A O   1 
ATOM   100  C CB  . ALA A 1 18  ? -2.111  -1.824  13.116  1.00 25.98 ? 15  ALA A CB  1 
ATOM   101  N N   . ALA A 1 19  ? -4.232  -0.435  10.998  1.00 29.70 ? 16  ALA A N   1 
ATOM   102  C CA  . ALA A 1 19  ? -5.585  0.071   10.795  1.00 32.71 ? 16  ALA A CA  1 
ATOM   103  C C   . ALA A 1 19  ? -6.521  -0.229  11.997  1.00 34.78 ? 16  ALA A C   1 
ATOM   104  O O   . ALA A 1 19  ? -6.615  -1.386  12.460  1.00 34.24 ? 16  ALA A O   1 
ATOM   105  C CB  . ALA A 1 19  ? -6.170  -0.497  9.504   1.00 30.80 ? 16  ALA A CB  1 
ATOM   106  N N   . ASP A 1 20  ? -7.195  0.846   12.432  1.00 35.63 ? 17  ASP A N   1 
ATOM   107  C CA  . ASP A 1 20  ? -8.134  0.941   13.580  1.00 38.99 ? 17  ASP A CA  1 
ATOM   108  C C   . ASP A 1 20  ? -9.525  1.354   13.173  1.00 39.15 ? 17  ASP A C   1 
ATOM   109  O O   . ASP A 1 20  ? -9.689  2.114   12.203  1.00 37.01 ? 17  ASP A O   1 
ATOM   110  C CB  . ASP A 1 20  ? -7.731  2.100   14.484  1.00 41.13 ? 17  ASP A CB  1 
ATOM   111  C CG  . ASP A 1 20  ? -7.336  1.670   15.764  1.00 43.90 ? 17  ASP A CG  1 
ATOM   112  O OD1 . ASP A 1 20  ? -7.036  0.479   15.794  1.00 49.09 ? 17  ASP A OD1 1 
ATOM   113  O OD2 . ASP A 1 20  ? -7.296  2.465   16.726  1.00 46.84 ? 17  ASP A OD2 1 
ATOM   114  N N   . GLU A 1 21  ? -10.510 0.992   13.984  1.00 39.88 ? 18  GLU A N   1 
ATOM   115  C CA  . GLU A 1 21  ? -11.869 1.455   13.649  1.00 41.48 ? 18  GLU A CA  1 
ATOM   116  C C   . GLU A 1 21  ? -11.905 2.959   13.848  1.00 39.15 ? 18  GLU A C   1 
ATOM   117  O O   . GLU A 1 21  ? -12.620 3.643   13.166  1.00 39.59 ? 18  GLU A O   1 
ATOM   118  C CB  . GLU A 1 21  ? -12.936 0.808   14.523  1.00 45.17 ? 18  GLU A CB  1 
ATOM   119  C CG  . GLU A 1 21  ? -13.009 -0.673  14.305  1.00 52.37 ? 18  GLU A CG  1 
ATOM   120  C CD  . GLU A 1 21  ? -14.430 -1.184  14.202  1.00 56.80 ? 18  GLU A CD  1 
ATOM   121  O OE1 . GLU A 1 21  ? -15.248 -0.616  13.404  1.00 59.88 ? 18  GLU A OE1 1 
ATOM   122  O OE2 . GLU A 1 21  ? -14.718 -2.174  14.922  1.00 58.33 ? 18  GLU A OE2 1 
ATOM   123  N N   . SER A 1 22  ? -11.102 3.475   14.763  1.00 37.16 ? 19  SER A N   1 
ATOM   124  C CA  . SER A 1 22  ? -11.085 4.897   15.011  1.00 35.87 ? 19  SER A CA  1 
ATOM   125  C C   . SER A 1 22  ? -10.574 5.710   13.831  1.00 35.25 ? 19  SER A C   1 
ATOM   126  O O   . SER A 1 22  ? -10.826 6.913   13.772  1.00 35.82 ? 19  SER A O   1 
ATOM   127  C CB  . SER A 1 22  ? -10.243 5.221   16.233  1.00 36.40 ? 19  SER A CB  1 
ATOM   128  O OG  . SER A 1 22  ? -8.865  5.077   15.957  1.00 37.08 ? 19  SER A OG  1 
ATOM   129  N N   . HIS A 1 23  ? -9.845  5.079   12.915  1.00 32.72 ? 20  HIS A N   1 
ATOM   130  C CA  . HIS A 1 23  ? -9.331  5.782   11.723  1.00 31.83 ? 20  HIS A CA  1 
ATOM   131  C C   . HIS A 1 23  ? -10.353 5.962   10.594  1.00 31.26 ? 20  HIS A C   1 
ATOM   132  O O   . HIS A 1 23  ? -10.109 6.743   9.682   1.00 31.61 ? 20  HIS A O   1 
ATOM   133  C CB  . HIS A 1 23  ? -8.184  4.991   11.085  1.00 29.27 ? 20  HIS A CB  1 
ATOM   134  C CG  . HIS A 1 23  ? -7.038  4.799   11.989  1.00 26.91 ? 20  HIS A CG  1 
ATOM   135  N ND1 . HIS A 1 23  ? -6.510  3.556   12.275  1.00 27.21 ? 20  HIS A ND1 1 
ATOM   136  C CD2 . HIS A 1 23  ? -6.314  5.698   12.704  1.00 26.39 ? 20  HIS A CD2 1 
ATOM   137  C CE1 . HIS A 1 23  ? -5.515  3.701   13.120  1.00 26.82 ? 20  HIS A CE1 1 
ATOM   138  N NE2 . HIS A 1 23  ? -5.378  4.989   13.402  1.00 27.67 ? 20  HIS A NE2 1 
ATOM   139  N N   . VAL A 1 24  ? -11.444 5.196   10.637  1.00 30.10 ? 21  VAL A N   1 
ATOM   140  C CA  . VAL A 1 24  ? -12.443 5.203   9.588   1.00 30.55 ? 21  VAL A CA  1 
ATOM   141  C C   . VAL A 1 24  ? -12.926 6.573   9.109   1.00 31.19 ? 21  VAL A C   1 
ATOM   142  O O   . VAL A 1 24  ? -12.900 6.868   7.907   1.00 31.53 ? 21  VAL A O   1 
ATOM   143  C CB  . VAL A 1 24  ? -13.600 4.291   9.994   1.00 31.52 ? 21  VAL A CB  1 
ATOM   144  C CG1 . VAL A 1 24  ? -14.818 4.439   9.027   1.00 28.26 ? 21  VAL A CG1 1 
ATOM   145  C CG2 . VAL A 1 24  ? -13.059 2.844   9.972   1.00 31.19 ? 21  VAL A CG2 1 
ATOM   146  N N   . PRO A 1 25  ? -13.344 7.429   10.030  1.00 30.35 ? 22  PRO A N   1 
ATOM   147  C CA  . PRO A 1 25  ? -13.817 8.779   9.669   1.00 30.72 ? 22  PRO A CA  1 
ATOM   148  C C   . PRO A 1 25  ? -12.780 9.598   8.872   1.00 30.66 ? 22  PRO A C   1 
ATOM   149  O O   . PRO A 1 25  ? -13.068 10.086  7.773   1.00 31.19 ? 22  PRO A O   1 
ATOM   150  C CB  . PRO A 1 25  ? -14.133 9.434   11.028  1.00 31.30 ? 22  PRO A CB  1 
ATOM   151  C CG  . PRO A 1 25  ? -14.406 8.202   11.975  1.00 29.13 ? 22  PRO A CG  1 
ATOM   152  C CD  . PRO A 1 25  ? -13.502 7.118   11.464  1.00 30.45 ? 22  PRO A CD  1 
ATOM   153  N N   . ALA A 1 26  ? -11.570 9.749   9.428   1.00 30.26 ? 23  ALA A N   1 
ATOM   154  C CA  . ALA A 1 26  ? -10.504 10.520  8.785   1.00 28.46 ? 23  ALA A CA  1 
ATOM   155  C C   . ALA A 1 26  ? -10.085 9.956   7.438   1.00 28.76 ? 23  ALA A C   1 
ATOM   156  O O   . ALA A 1 26  ? -9.862  10.715  6.478   1.00 30.83 ? 23  ALA A O   1 
ATOM   157  C CB  . ALA A 1 26  ? -9.329  10.603  9.685   1.00 29.72 ? 23  ALA A CB  1 
ATOM   158  N N   . LEU A 1 27  ? -10.036 8.629   7.364   1.00 26.64 ? 24  LEU A N   1 
ATOM   159  C CA  . LEU A 1 27  ? -9.676  7.924   6.166   1.00 26.71 ? 24  LEU A CA  1 
ATOM   160  C C   . LEU A 1 27  ? -10.718 8.053   5.088   1.00 27.68 ? 24  LEU A C   1 
ATOM   161  O O   . LEU A 1 27  ? -10.366 8.075   3.896   1.00 26.76 ? 24  LEU A O   1 
ATOM   162  C CB  . LEU A 1 27  ? -9.467  6.432   6.446   1.00 26.55 ? 24  LEU A CB  1 
ATOM   163  C CG  . LEU A 1 27  ? -9.188  5.559   5.219   1.00 23.92 ? 24  LEU A CG  1 
ATOM   164  C CD1 . LEU A 1 27  ? -7.938  6.037   4.497   1.00 22.45 ? 24  LEU A CD1 1 
ATOM   165  C CD2 . LEU A 1 27  ? -9.020  4.128   5.647   1.00 22.33 ? 24  LEU A CD2 1 
ATOM   166  N N   . HIS A 1 28  ? -11.998 8.093   5.502   1.00 27.53 ? 25  HIS A N   1 
ATOM   167  C CA  . HIS A 1 28  ? -13.077 8.234   4.546   1.00 26.63 ? 25  HIS A CA  1 
ATOM   168  C C   . HIS A 1 28  ? -12.890 9.579   3.841   1.00 25.36 ? 25  HIS A C   1 
ATOM   169  O O   . HIS A 1 28  ? -12.943 9.636   2.597   1.00 24.22 ? 25  HIS A O   1 
ATOM   170  C CB  . HIS A 1 28  ? -14.479 8.169   5.196   1.00 29.41 ? 25  HIS A CB  1 
ATOM   171  C CG  . HIS A 1 28  ? -15.581 8.154   4.186   1.00 29.01 ? 25  HIS A CG  1 
ATOM   172  N ND1 . HIS A 1 28  ? -15.736 7.103   3.292   1.00 30.23 ? 25  HIS A ND1 1 
ATOM   173  C CD2 . HIS A 1 28  ? -16.418 9.132   3.762   1.00 27.41 ? 25  HIS A CD2 1 
ATOM   174  C CE1 . HIS A 1 28  ? -16.606 7.452   2.362   1.00 28.05 ? 25  HIS A CE1 1 
ATOM   175  N NE2 . HIS A 1 28  ? -17.037 8.675   2.619   1.00 28.50 ? 25  HIS A NE2 1 
ATOM   176  N N   . GLN A 1 29  ? -12.671 10.636  4.619   1.00 24.35 ? 26  GLN A N   1 
ATOM   177  C CA  . GLN A 1 29  ? -12.421 11.986  4.063   1.00 24.10 ? 26  GLN A CA  1 
ATOM   178  C C   . GLN A 1 29  ? -11.184 11.992  3.149   1.00 24.11 ? 26  GLN A C   1 
ATOM   179  O O   . GLN A 1 29  ? -11.191 12.623  2.106   1.00 22.66 ? 26  GLN A O   1 
ATOM   180  C CB  . GLN A 1 29  ? -12.165 13.025  5.171   1.00 24.92 ? 26  GLN A CB  1 
ATOM   181  C CG  . GLN A 1 29  ? -13.393 13.422  5.999   1.00 28.57 ? 26  GLN A CG  1 
ATOM   182  C CD  . GLN A 1 29  ? -14.620 13.741  5.124   1.00 31.25 ? 26  GLN A CD  1 
ATOM   183  O OE1 . GLN A 1 29  ? -15.535 12.882  4.905   1.00 34.00 ? 26  GLN A OE1 1 
ATOM   184  N NE2 . GLN A 1 29  ? -14.635 14.964  4.592   1.00 28.98 ? 26  GLN A NE2 1 
ATOM   185  N N   . LEU A 1 30  ? -10.108 11.308  3.565   1.00 24.43 ? 27  LEU A N   1 
ATOM   186  C CA  . LEU A 1 30  ? -8.902  11.272  2.744   1.00 24.60 ? 27  LEU A CA  1 
ATOM   187  C C   . LEU A 1 30  ? -9.257  10.563  1.416   1.00 24.81 ? 27  LEU A C   1 
ATOM   188  O O   . LEU A 1 30  ? -8.855  10.981  0.330   1.00 24.02 ? 27  LEU A O   1 
ATOM   189  C CB  . LEU A 1 30  ? -7.750  10.527  3.491   1.00 24.40 ? 27  LEU A CB  1 
ATOM   190  C CG  . LEU A 1 30  ? -6.343  11.070  3.209   1.00 24.87 ? 27  LEU A CG  1 
ATOM   191  C CD1 . LEU A 1 30  ? -6.251  12.554  3.736   1.00 22.02 ? 27  LEU A CD1 1 
ATOM   192  C CD2 . LEU A 1 30  ? -5.243  10.183  3.845   1.00 22.17 ? 27  LEU A CD2 1 
ATOM   193  N N   . VAL A 1 31  ? -10.003 9.472   1.500   1.00 24.89 ? 28  VAL A N   1 
ATOM   194  C CA  . VAL A 1 31  ? -10.386 8.785   0.272   1.00 25.93 ? 28  VAL A CA  1 
ATOM   195  C C   . VAL A 1 31  ? -11.209 9.734   -0.641  1.00 25.80 ? 28  VAL A C   1 
ATOM   196  O O   . VAL A 1 31  ? -10.928 9.868   -1.846  1.00 27.32 ? 28  VAL A O   1 
ATOM   197  C CB  . VAL A 1 31  ? -11.184 7.499   0.595   1.00 26.15 ? 28  VAL A CB  1 
ATOM   198  C CG1 . VAL A 1 31  ? -11.546 6.750   -0.681  1.00 27.97 ? 28  VAL A CG1 1 
ATOM   199  C CG2 . VAL A 1 31  ? -10.368 6.615   1.459   1.00 25.28 ? 28  VAL A CG2 1 
ATOM   200  N N   . LEU A 1 32  ? -12.195 10.417  -0.073  1.00 25.06 ? 29  LEU A N   1 
ATOM   201  C CA  . LEU A 1 32  ? -13.018 11.342  -0.838  1.00 26.57 ? 29  LEU A CA  1 
ATOM   202  C C   . LEU A 1 32  ? -12.179 12.412  -1.592  1.00 27.41 ? 29  LEU A C   1 
ATOM   203  O O   . LEU A 1 32  ? -12.354 12.658  -2.792  1.00 27.62 ? 29  LEU A O   1 
ATOM   204  C CB  . LEU A 1 32  ? -14.071 12.013  0.092   1.00 28.27 ? 29  LEU A CB  1 
ATOM   205  C CG  . LEU A 1 32  ? -15.273 11.114  0.499   1.00 27.84 ? 29  LEU A CG  1 
ATOM   206  C CD1 . LEU A 1 32  ? -16.302 11.955  1.105   1.00 29.72 ? 29  LEU A CD1 1 
ATOM   207  C CD2 . LEU A 1 32  ? -15.907 10.391  -0.703  1.00 27.46 ? 29  LEU A CD2 1 
ATOM   208  N N   . LYS A 1 33  ? -11.261 13.023  -0.863  1.00 26.80 ? 30  LYS A N   1 
ATOM   209  C CA  . LYS A 1 33  ? -10.367 14.047  -1.358  1.00 25.90 ? 30  LYS A CA  1 
ATOM   210  C C   . LYS A 1 33  ? -9.448  13.565  -2.518  1.00 25.90 ? 30  LYS A C   1 
ATOM   211  O O   . LYS A 1 33  ? -9.081  14.329  -3.423  1.00 25.96 ? 30  LYS A O   1 
ATOM   212  C CB  . LYS A 1 33  ? -9.606  14.567  -0.144  1.00 24.40 ? 30  LYS A CB  1 
ATOM   213  C CG  . LYS A 1 33  ? -8.496  15.638  -0.358  1.00 29.40 ? 30  LYS A CG  1 
ATOM   214  C CD  . LYS A 1 33  ? -8.268  16.365  1.034   1.00 29.65 ? 30  LYS A CD  1 
ATOM   215  C CE  . LYS A 1 33  ? -6.879  16.987  1.263   1.00 31.37 ? 30  LYS A CE  1 
ATOM   216  N NZ  . LYS A 1 33  ? -5.867  16.803  0.146   1.00 32.27 ? 30  LYS A NZ  1 
ATOM   217  N N   . ASN A 1 34  ? -9.171  12.285  -2.578  1.00 23.94 ? 31  ASN A N   1 
ATOM   218  C CA  . ASN A 1 34  ? -8.274  11.822  -3.622  1.00 24.20 ? 31  ASN A CA  1 
ATOM   219  C C   . ASN A 1 34  ? -8.822  10.858  -4.664  1.00 23.71 ? 31  ASN A C   1 
ATOM   220  O O   . ASN A 1 34  ? -8.125  10.562  -5.632  1.00 22.75 ? 31  ASN A O   1 
ATOM   221  C CB  . ASN A 1 34  ? -7.062  11.160  -2.939  1.00 23.50 ? 31  ASN A CB  1 
ATOM   222  C CG  . ASN A 1 34  ? -6.286  12.131  -2.050  1.00 26.28 ? 31  ASN A CG  1 
ATOM   223  O OD1 . ASN A 1 34  ? -5.428  12.871  -2.557  1.00 30.19 ? 31  ASN A OD1 1 
ATOM   224  N ND2 . ASN A 1 34  ? -6.596  12.175  -0.740  1.00 23.86 ? 31  ASN A ND2 1 
ATOM   225  N N   . LYS A 1 35  ? -10.043 10.346  -4.467  1.00 25.03 ? 32  LYS A N   1 
ATOM   226  C CA  . LYS A 1 35  ? -10.594 9.341   -5.379  1.00 26.21 ? 32  LYS A CA  1 
ATOM   227  C C   . LYS A 1 35  ? -10.649 9.734   -6.820  1.00 24.82 ? 32  LYS A C   1 
ATOM   228  O O   . LYS A 1 35  ? -10.479 8.913   -7.656  1.00 24.54 ? 32  LYS A O   1 
ATOM   229  C CB  . LYS A 1 35  ? -11.978 8.821   -4.911  1.00 28.92 ? 32  LYS A CB  1 
ATOM   230  C CG  . LYS A 1 35  ? -13.083 9.829   -4.992  1.00 30.50 ? 32  LYS A CG  1 
ATOM   231  C CD  . LYS A 1 35  ? -14.454 9.192   -4.627  1.00 34.62 ? 32  LYS A CD  1 
ATOM   232  C CE  . LYS A 1 35  ? -15.048 8.333   -5.762  1.00 33.09 ? 32  LYS A CE  1 
ATOM   233  N NZ  . LYS A 1 35  ? -16.238 7.626   -5.207  1.00 33.11 ? 32  LYS A NZ  1 
ATOM   234  N N   . ALA A 1 36  ? -10.854 10.989  -7.136  1.00 27.50 ? 33  ALA A N   1 
ATOM   235  C CA  . ALA A 1 36  ? -10.889 11.339  -8.568  1.00 30.56 ? 33  ALA A CA  1 
ATOM   236  C C   . ALA A 1 36  ? -9.591  10.899  -9.228  1.00 30.76 ? 33  ALA A C   1 
ATOM   237  O O   . ALA A 1 36  ? -9.613  10.247  -10.251 1.00 30.17 ? 33  ALA A O   1 
ATOM   238  C CB  . ALA A 1 36  ? -11.101 12.862  -8.771  1.00 30.53 ? 33  ALA A CB  1 
ATOM   239  N N   . TRP A 1 37  ? -8.455  11.244  -8.636  1.00 31.26 ? 34  TRP A N   1 
ATOM   240  C CA  . TRP A 1 37  ? -7.223  10.855  -9.279  1.00 32.17 ? 34  TRP A CA  1 
ATOM   241  C C   . TRP A 1 37  ? -6.764  9.439   -8.928  1.00 32.08 ? 34  TRP A C   1 
ATOM   242  O O   . TRP A 1 37  ? -6.090  8.813   -9.738  1.00 34.14 ? 34  TRP A O   1 
ATOM   243  C CB  . TRP A 1 37  ? -6.132  11.910  -9.028  1.00 31.22 ? 34  TRP A CB  1 
ATOM   244  C CG  . TRP A 1 37  ? -5.664  11.994  -7.608  1.00 32.48 ? 34  TRP A CG  1 
ATOM   245  C CD1 . TRP A 1 37  ? -6.167  12.765  -6.600  1.00 31.04 ? 34  TRP A CD1 1 
ATOM   246  C CD2 . TRP A 1 37  ? -4.644  11.187  -7.024  1.00 31.60 ? 34  TRP A CD2 1 
ATOM   247  N NE1 . TRP A 1 37  ? -5.528  12.477  -5.422  1.00 31.22 ? 34  TRP A NE1 1 
ATOM   248  C CE2 . TRP A 1 37  ? -4.589  11.505  -5.655  1.00 30.65 ? 34  TRP A CE2 1 
ATOM   249  C CE3 . TRP A 1 37  ? -3.774  10.219  -7.531  1.00 32.18 ? 34  TRP A CE3 1 
ATOM   250  C CZ2 . TRP A 1 37  ? -3.706  10.884  -4.781  1.00 30.43 ? 34  TRP A CZ2 1 
ATOM   251  C CZ3 . TRP A 1 37  ? -2.893  9.601   -6.645  1.00 32.33 ? 34  TRP A CZ3 1 
ATOM   252  C CH2 . TRP A 1 37  ? -2.873  9.934   -5.293  1.00 30.17 ? 34  TRP A CH2 1 
ATOM   253  N N   . LEU A 1 38  ? -7.148  8.915   -7.765  1.00 32.42 ? 35  LEU A N   1 
ATOM   254  C CA  . LEU A 1 38  ? -6.781  7.537   -7.369  1.00 33.89 ? 35  LEU A CA  1 
ATOM   255  C C   . LEU A 1 38  ? -7.355  6.519   -8.347  1.00 35.23 ? 35  LEU A C   1 
ATOM   256  O O   . LEU A 1 38  ? -6.755  5.495   -8.618  1.00 32.74 ? 35  LEU A O   1 
ATOM   257  C CB  . LEU A 1 38  ? -7.323  7.180   -5.983  1.00 32.34 ? 35  LEU A CB  1 
ATOM   258  C CG  . LEU A 1 38  ? -6.557  7.707   -4.771  1.00 32.93 ? 35  LEU A CG  1 
ATOM   259  C CD1 . LEU A 1 38  ? -7.424  7.486   -3.534  1.00 29.57 ? 35  LEU A CD1 1 
ATOM   260  C CD2 . LEU A 1 38  ? -5.168  7.059   -4.647  1.00 28.47 ? 35  LEU A CD2 1 
ATOM   261  N N   . GLN A 1 39  ? -8.535  6.822   -8.864  1.00 38.19 ? 36  GLN A N   1 
ATOM   262  C CA  . GLN A 1 39  ? -9.210  5.927   -9.788  1.00 42.46 ? 36  GLN A CA  1 
ATOM   263  C C   . GLN A 1 39  ? -8.402  5.564   -10.994 1.00 43.91 ? 36  GLN A C   1 
ATOM   264  O O   . GLN A 1 39  ? -8.667  4.536   -11.605 1.00 44.40 ? 36  GLN A O   1 
ATOM   265  C CB  . GLN A 1 39  ? -10.531 6.519   -10.246 1.00 44.25 ? 36  GLN A CB  1 
ATOM   266  C CG  . GLN A 1 39  ? -11.461 6.731   -9.071  1.00 48.86 ? 36  GLN A CG  1 
ATOM   267  C CD  . GLN A 1 39  ? -12.831 7.292   -9.449  1.00 51.53 ? 36  GLN A CD  1 
ATOM   268  O OE1 . GLN A 1 39  ? -13.020 7.854   -10.550 1.00 54.00 ? 36  GLN A OE1 1 
ATOM   269  N NE2 . GLN A 1 39  ? -13.794 7.155   -8.531  1.00 51.18 ? 36  GLN A NE2 1 
ATOM   270  N N   . GLN A 1 40  ? -7.401  6.361   -11.357 1.00 44.64 ? 37  GLN A N   1 
ATOM   271  C CA  . GLN A 1 40  ? -6.705  5.957   -12.535 1.00 44.83 ? 37  GLN A CA  1 
ATOM   272  C C   . GLN A 1 40  ? -5.779  4.789   -12.338 1.00 44.35 ? 37  GLN A C   1 
ATOM   273  O O   . GLN A 1 40  ? -5.445  4.116   -13.305 1.00 44.98 ? 37  GLN A O   1 
ATOM   274  C CB  . GLN A 1 40  ? -6.028  7.131   -13.216 1.00 47.72 ? 37  GLN A CB  1 
ATOM   275  C CG  . GLN A 1 40  ? -5.167  8.006   -12.405 1.00 51.52 ? 37  GLN A CG  1 
ATOM   276  C CD  . GLN A 1 40  ? -4.207  8.748   -13.304 1.00 54.98 ? 37  GLN A CD  1 
ATOM   277  O OE1 . GLN A 1 40  ? -3.184  9.290   -12.857 1.00 57.05 ? 37  GLN A OE1 1 
ATOM   278  N NE2 . GLN A 1 40  ? -4.522  8.767   -14.604 1.00 57.92 ? 37  GLN A NE2 1 
ATOM   279  N N   . SER A 1 41  ? -5.399  4.481   -11.102 1.00 43.34 ? 38  SER A N   1 
ATOM   280  C CA  . SER A 1 41  ? -4.537  3.325   -10.915 1.00 43.06 ? 38  SER A CA  1 
ATOM   281  C C   . SER A 1 41  ? -5.045  2.305   -9.873  1.00 43.06 ? 38  SER A C   1 
ATOM   282  O O   . SER A 1 41  ? -4.468  1.219   -9.712  1.00 41.04 ? 38  SER A O   1 
ATOM   283  C CB  . SER A 1 41  ? -3.092  3.773   -10.631 1.00 42.03 ? 38  SER A CB  1 
ATOM   284  O OG  . SER A 1 41  ? -3.059  4.638   -9.523  1.00 41.38 ? 38  SER A OG  1 
ATOM   285  N N   . LEU A 1 42  ? -6.137  2.643   -9.194  1.00 44.27 ? 39  LEU A N   1 
ATOM   286  C CA  . LEU A 1 42  ? -6.740  1.734   -8.214  1.00 46.18 ? 39  LEU A CA  1 
ATOM   287  C C   . LEU A 1 42  ? -8.172  1.484   -8.631  1.00 47.97 ? 39  LEU A C   1 
ATOM   288  O O   . LEU A 1 42  ? -8.795  2.334   -9.242  1.00 48.61 ? 39  LEU A O   1 
ATOM   289  C CB  . LEU A 1 42  ? -6.729  2.313   -6.806  1.00 45.31 ? 39  LEU A CB  1 
ATOM   290  C CG  . LEU A 1 42  ? -5.337  2.591   -6.217  1.00 45.81 ? 39  LEU A CG  1 
ATOM   291  C CD1 . LEU A 1 42  ? -5.457  2.592   -4.712  1.00 44.90 ? 39  LEU A CD1 1 
ATOM   292  C CD2 . LEU A 1 42  ? -4.316  1.548   -6.682  1.00 43.05 ? 39  LEU A CD2 1 
ATOM   293  N N   . ASP A 1 43  ? -8.705  0.325   -8.296  1.00 49.28 ? 40  ASP A N   1 
ATOM   294  C CA  . ASP A 1 43  ? -10.047 0.038   -8.718  1.00 50.43 ? 40  ASP A CA  1 
ATOM   295  C C   . ASP A 1 43  ? -11.104 0.335   -7.656  1.00 49.45 ? 40  ASP A C   1 
ATOM   296  O O   . ASP A 1 43  ? -12.195 0.835   -7.971  1.00 48.51 ? 40  ASP A O   1 
ATOM   297  C CB  . ASP A 1 43  ? -10.147 -1.435  -9.162  1.00 54.45 ? 40  ASP A CB  1 
ATOM   298  C CG  . ASP A 1 43  ? -11.502 -1.754  -9.810  1.00 57.99 ? 40  ASP A CG  1 
ATOM   299  O OD1 . ASP A 1 43  ? -12.545 -1.544  -9.163  1.00 60.37 ? 40  ASP A OD1 1 
ATOM   300  O OD2 . ASP A 1 43  ? -11.546 -2.207  -10.969 1.00 61.12 ? 40  ASP A OD2 1 
ATOM   301  N N   . TRP A 1 44  ? -10.783 0.044   -6.404  1.00 47.96 ? 41  TRP A N   1 
ATOM   302  C CA  . TRP A 1 44  ? -11.741 0.231   -5.326  1.00 47.47 ? 41  TRP A CA  1 
ATOM   303  C C   . TRP A 1 44  ? -12.226 1.654   -4.976  1.00 46.07 ? 41  TRP A C   1 
ATOM   304  O O   . TRP A 1 44  ? -13.261 1.784   -4.340  1.00 45.66 ? 41  TRP A O   1 
ATOM   305  C CB  . TRP A 1 44  ? -11.223 -0.454  -4.045  1.00 47.81 ? 41  TRP A CB  1 
ATOM   306  C CG  . TRP A 1 44  ? -9.965  0.183   -3.553  1.00 50.36 ? 41  TRP A CG  1 
ATOM   307  C CD1 . TRP A 1 44  ? -8.677  -0.168  -3.886  1.00 49.95 ? 41  TRP A CD1 1 
ATOM   308  C CD2 . TRP A 1 44  ? -9.868  1.438   -2.862  1.00 51.18 ? 41  TRP A CD2 1 
ATOM   309  N NE1 . TRP A 1 44  ? -7.806  0.791   -3.466  1.00 51.41 ? 41  TRP A NE1 1 
ATOM   310  C CE2 . TRP A 1 44  ? -8.501  1.795   -2.838  1.00 51.81 ? 41  TRP A CE2 1 
ATOM   311  C CE3 . TRP A 1 44  ? -10.811 2.314   -2.281  1.00 51.03 ? 41  TRP A CE3 1 
ATOM   312  C CZ2 . TRP A 1 44  ? -8.046  2.997   -2.255  1.00 51.44 ? 41  TRP A CZ2 1 
ATOM   313  C CZ3 . TRP A 1 44  ? -10.360 3.518   -1.708  1.00 50.79 ? 41  TRP A CZ3 1 
ATOM   314  C CH2 . TRP A 1 44  ? -8.991  3.846   -1.702  1.00 50.21 ? 41  TRP A CH2 1 
ATOM   315  N N   . PRO A 1 45  ? -11.501 2.730   -5.360  1.00 45.74 ? 42  PRO A N   1 
ATOM   316  C CA  . PRO A 1 45  ? -12.044 4.046   -4.968  1.00 45.73 ? 42  PRO A CA  1 
ATOM   317  C C   . PRO A 1 45  ? -13.406 4.407   -5.534  1.00 46.07 ? 42  PRO A C   1 
ATOM   318  O O   . PRO A 1 45  ? -14.149 5.151   -4.911  1.00 45.09 ? 42  PRO A O   1 
ATOM   319  C CB  . PRO A 1 45  ? -10.967 5.026   -5.416  1.00 45.72 ? 42  PRO A CB  1 
ATOM   320  C CG  . PRO A 1 45  ? -9.706  4.210   -5.306  1.00 46.62 ? 42  PRO A CG  1 
ATOM   321  C CD  . PRO A 1 45  ? -10.119 2.859   -5.859  1.00 46.04 ? 42  PRO A CD  1 
ATOM   322  N N   . GLN A 1 46  ? -13.752 3.887   -6.707  1.00 47.28 ? 43  GLN A N   1 
ATOM   323  C CA  . GLN A 1 46  ? -15.059 4.204   -7.288  1.00 49.41 ? 43  GLN A CA  1 
ATOM   324  C C   . GLN A 1 46  ? -16.213 3.563   -6.548  1.00 49.05 ? 43  GLN A C   1 
ATOM   325  O O   . GLN A 1 46  ? -17.343 4.007   -6.678  1.00 49.53 ? 43  GLN A O   1 
ATOM   326  C CB  . GLN A 1 46  ? -15.136 3.764   -8.737  1.00 52.31 ? 43  GLN A CB  1 
ATOM   327  C CG  . GLN A 1 46  ? -15.052 2.269   -8.894  1.00 56.16 ? 43  GLN A CG  1 
ATOM   328  C CD  . GLN A 1 46  ? -14.304 1.868   -10.146 1.00 59.31 ? 43  GLN A CD  1 
ATOM   329  O OE1 . GLN A 1 46  ? -13.751 2.728   -10.870 1.00 62.15 ? 43  GLN A OE1 1 
ATOM   330  N NE2 . GLN A 1 46  ? -14.258 0.564   -10.409 1.00 60.25 ? 43  GLN A NE2 1 
ATOM   331  N N   . TYR A 1 47  ? -15.950 2.518   -5.781  1.00 47.89 ? 44  TYR A N   1 
ATOM   332  C CA  . TYR A 1 47  ? -17.028 1.879   -5.059  1.00 48.03 ? 44  TYR A CA  1 
ATOM   333  C C   . TYR A 1 47  ? -17.237 2.542   -3.711  1.00 46.75 ? 44  TYR A C   1 
ATOM   334  O O   . TYR A 1 47  ? -18.172 2.211   -3.005  1.00 47.20 ? 44  TYR A O   1 
ATOM   335  C CB  . TYR A 1 47  ? -16.725 0.395   -4.875  1.00 50.79 ? 44  TYR A CB  1 
ATOM   336  C CG  . TYR A 1 47  ? -16.531 -0.297  -6.191  1.00 54.64 ? 44  TYR A CG  1 
ATOM   337  C CD1 . TYR A 1 47  ? -17.496 -0.187  -7.204  1.00 56.15 ? 44  TYR A CD1 1 
ATOM   338  C CD2 . TYR A 1 47  ? -15.346 -0.968  -6.478  1.00 55.98 ? 44  TYR A CD2 1 
ATOM   339  C CE1 . TYR A 1 47  ? -17.273 -0.719  -8.480  1.00 58.29 ? 44  TYR A CE1 1 
ATOM   340  C CE2 . TYR A 1 47  ? -15.109 -1.511  -7.747  1.00 57.81 ? 44  TYR A CE2 1 
ATOM   341  C CZ  . TYR A 1 47  ? -16.071 -1.381  -8.750  1.00 59.09 ? 44  TYR A CZ  1 
ATOM   342  O OH  . TYR A 1 47  ? -15.828 -1.893  -10.025 1.00 61.01 ? 44  TYR A OH  1 
ATOM   343  N N   . VAL A 1 48  ? -16.378 3.497   -3.371  1.00 43.93 ? 45  VAL A N   1 
ATOM   344  C CA  . VAL A 1 48  ? -16.462 4.170   -2.096  1.00 41.53 ? 45  VAL A CA  1 
ATOM   345  C C   . VAL A 1 48  ? -17.189 5.477   -2.200  1.00 41.24 ? 45  VAL A C   1 
ATOM   346  O O   . VAL A 1 48  ? -16.725 6.430   -2.822  1.00 41.65 ? 45  VAL A O   1 
ATOM   347  C CB  . VAL A 1 48  ? -15.048 4.390   -1.487  1.00 40.13 ? 45  VAL A CB  1 
ATOM   348  C CG1 . VAL A 1 48  ? -15.158 4.905   -0.086  1.00 38.94 ? 45  VAL A CG1 1 
ATOM   349  C CG2 . VAL A 1 48  ? -14.286 3.091   -1.513  1.00 38.44 ? 45  VAL A CG2 1 
ATOM   350  N N   . THR A 1 49  ? -18.345 5.521   -1.572  1.00 40.75 ? 46  THR A N   1 
ATOM   351  C CA  . THR A 1 49  ? -19.160 6.715   -1.595  1.00 40.58 ? 46  THR A CA  1 
ATOM   352  C C   . THR A 1 49  ? -19.487 7.240   -0.196  1.00 39.62 ? 46  THR A C   1 
ATOM   353  O O   . THR A 1 49  ? -19.366 8.429   0.091   1.00 38.47 ? 46  THR A O   1 
ATOM   354  C CB  . THR A 1 49  ? -20.491 6.404   -2.377  1.00 43.12 ? 46  THR A CB  1 
ATOM   355  O OG1 . THR A 1 49  ? -20.174 6.181   -3.770  1.00 43.65 ? 46  THR A OG1 1 
ATOM   356  C CG2 . THR A 1 49  ? -21.549 7.549   -2.214  1.00 41.07 ? 46  THR A CG2 1 
ATOM   357  N N   . SER A 1 50  ? -19.895 6.329   0.681   1.00 38.73 ? 47  SER A N   1 
ATOM   358  C CA  . SER A 1 50  ? -20.298 6.676   2.033   1.00 38.96 ? 47  SER A CA  1 
ATOM   359  C C   . SER A 1 50  ? -19.316 6.162   3.066   1.00 38.15 ? 47  SER A C   1 
ATOM   360  O O   . SER A 1 50  ? -18.600 5.196   2.827   1.00 39.51 ? 47  SER A O   1 
ATOM   361  C CB  . SER A 1 50  ? -21.655 6.051   2.299   1.00 40.25 ? 47  SER A CB  1 
ATOM   362  O OG  . SER A 1 50  ? -21.543 4.628   2.122   1.00 44.18 ? 47  SER A OG  1 
ATOM   363  N N   . GLN A 1 51  ? -19.321 6.777   4.233   1.00 38.02 ? 48  GLN A N   1 
ATOM   364  C CA  . GLN A 1 51  ? -18.419 6.372   5.276   1.00 37.96 ? 48  GLN A CA  1 
ATOM   365  C C   . GLN A 1 51  ? -18.623 4.905   5.627   1.00 40.04 ? 48  GLN A C   1 
ATOM   366  O O   . GLN A 1 51  ? -17.633 4.198   5.865   1.00 41.25 ? 48  GLN A O   1 
ATOM   367  C CB  . GLN A 1 51  ? -18.574 7.286   6.474   1.00 35.88 ? 48  GLN A CB  1 
ATOM   368  C CG  . GLN A 1 51  ? -17.569 7.050   7.532   1.00 34.65 ? 48  GLN A CG  1 
ATOM   369  C CD  . GLN A 1 51  ? -17.549 8.136   8.620   1.00 32.90 ? 48  GLN A CD  1 
ATOM   370  O OE1 . GLN A 1 51  ? -17.921 7.859   9.719   1.00 33.00 ? 48  GLN A OE1 1 
ATOM   371  N NE2 . GLN A 1 51  ? -17.100 9.355   8.305   1.00 32.86 ? 48  GLN A NE2 1 
ATOM   372  N N   . GLU A 1 52  ? -19.869 4.425   5.597   1.00 41.27 ? 49  GLU A N   1 
ATOM   373  C CA  . GLU A 1 52  ? -20.190 3.002   5.875   1.00 43.28 ? 49  GLU A CA  1 
ATOM   374  C C   . GLU A 1 52  ? -19.350 2.046   4.992   1.00 42.10 ? 49  GLU A C   1 
ATOM   375  O O   . GLU A 1 52  ? -18.926 0.971   5.437   1.00 40.10 ? 49  GLU A O   1 
ATOM   376  C CB  . GLU A 1 52  ? -21.707 2.673   5.621   1.00 47.38 ? 49  GLU A CB  1 
ATOM   377  C CG  . GLU A 1 52  ? -22.776 3.667   6.226   1.00 52.56 ? 49  GLU A CG  1 
ATOM   378  C CD  . GLU A 1 52  ? -24.264 3.519   5.656   1.00 55.40 ? 49  GLU A CD  1 
ATOM   379  O OE1 . GLU A 1 52  ? -25.016 2.594   6.122   1.00 56.14 ? 49  GLU A OE1 1 
ATOM   380  O OE2 . GLU A 1 52  ? -24.675 4.332   4.752   1.00 54.44 ? 49  GLU A OE2 1 
ATOM   381  N N   . GLU A 1 53  ? -19.114 2.429   3.737   1.00 42.10 ? 50  GLU A N   1 
ATOM   382  C CA  . GLU A 1 53  ? -18.331 1.562   2.835   1.00 41.59 ? 50  GLU A CA  1 
ATOM   383  C C   . GLU A 1 53  ? -16.845 1.477   3.169   1.00 40.50 ? 50  GLU A C   1 
ATOM   384  O O   . GLU A 1 53  ? -16.197 0.458   2.927   1.00 40.37 ? 50  GLU A O   1 
ATOM   385  C CB  . GLU A 1 53  ? -18.506 2.004   1.392   1.00 42.60 ? 50  GLU A CB  1 
ATOM   386  C CG  . GLU A 1 53  ? -19.919 1.831   0.902   1.00 44.72 ? 50  GLU A CG  1 
ATOM   387  C CD  . GLU A 1 53  ? -20.158 2.502   -0.427  1.00 45.91 ? 50  GLU A CD  1 
ATOM   388  O OE1 . GLU A 1 53  ? -19.566 3.573   -0.708  1.00 46.18 ? 50  GLU A OE1 1 
ATOM   389  O OE2 . GLU A 1 53  ? -20.940 1.949   -1.204  1.00 45.70 ? 50  GLU A OE2 1 
ATOM   390  N N   . THR A 1 54  ? -16.315 2.556   3.722   1.00 40.32 ? 51  THR A N   1 
ATOM   391  C CA  . THR A 1 54  ? -14.924 2.612   4.117   1.00 39.59 ? 51  THR A CA  1 
ATOM   392  C C   . THR A 1 54  ? -14.841 1.751   5.376   1.00 41.91 ? 51  THR A C   1 
ATOM   393  O O   . THR A 1 54  ? -13.944 0.919   5.476   1.00 41.72 ? 51  THR A O   1 
ATOM   394  C CB  . THR A 1 54  ? -14.489 4.069   4.437   1.00 38.08 ? 51  THR A CB  1 
ATOM   395  O OG1 . THR A 1 54  ? -14.419 4.813   3.239   1.00 34.09 ? 51  THR A OG1 1 
ATOM   396  C CG2 . THR A 1 54  ? -13.132 4.123   5.118   1.00 37.82 ? 51  THR A CG2 1 
ATOM   397  N N   . ARG A 1 55  ? -15.783 1.933   6.321   1.00 43.58 ? 52  ARG A N   1 
ATOM   398  C CA  . ARG A 1 55  ? -15.784 1.153   7.561   1.00 45.27 ? 52  ARG A CA  1 
ATOM   399  C C   . ARG A 1 55  ? -15.771 -0.331  7.227   1.00 46.54 ? 52  ARG A C   1 
ATOM   400  O O   . ARG A 1 55  ? -15.047 -1.107  7.835   1.00 47.55 ? 52  ARG A O   1 
ATOM   401  C CB  . ARG A 1 55  ? -17.006 1.466   8.401   1.00 47.09 ? 52  ARG A CB  1 
ATOM   402  C CG  . ARG A 1 55  ? -16.949 0.801   9.754   1.00 50.31 ? 52  ARG A CG  1 
ATOM   403  C CD  . ARG A 1 55  ? -18.098 1.180   10.676  1.00 53.59 ? 52  ARG A CD  1 
ATOM   404  N NE  . ARG A 1 55  ? -18.407 2.623   10.735  1.00 55.99 ? 52  ARG A NE  1 
ATOM   405  C CZ  . ARG A 1 55  ? -17.753 3.561   11.440  1.00 57.30 ? 52  ARG A CZ  1 
ATOM   406  N NH1 . ARG A 1 55  ? -16.691 3.265   12.186  1.00 57.34 ? 52  ARG A NH1 1 
ATOM   407  N NH2 . ARG A 1 55  ? -18.210 4.820   11.436  1.00 57.69 ? 52  ARG A NH2 1 
ATOM   408  N N   . LYS A 1 56  ? -16.561 -0.708  6.240   1.00 46.86 ? 53  LYS A N   1 
ATOM   409  C CA  . LYS A 1 56  ? -16.635 -2.075  5.771   1.00 48.99 ? 53  LYS A CA  1 
ATOM   410  C C   . LYS A 1 56  ? -15.249 -2.593  5.296   1.00 48.92 ? 53  LYS A C   1 
ATOM   411  O O   . LYS A 1 56  ? -14.811 -3.688  5.682   1.00 47.96 ? 53  LYS A O   1 
ATOM   412  C CB  . LYS A 1 56  ? -17.637 -2.128  4.613   1.00 52.78 ? 53  LYS A CB  1 
ATOM   413  C CG  . LYS A 1 56  ? -18.709 -3.181  4.741   1.00 56.43 ? 53  LYS A CG  1 
ATOM   414  C CD  . LYS A 1 56  ? -19.533 -3.035  6.041   1.00 59.37 ? 53  LYS A CD  1 
ATOM   415  C CE  . LYS A 1 56  ? -20.560 -4.184  6.146   1.00 62.03 ? 53  LYS A CE  1 
ATOM   416  N NZ  . LYS A 1 56  ? -19.938 -5.543  5.815   1.00 63.60 ? 53  LYS A NZ  1 
ATOM   417  N N   . HIS A 1 57  ? -14.597 -1.808  4.428   1.00 48.60 ? 54  HIS A N   1 
ATOM   418  C CA  . HIS A 1 57  ? -13.263 -2.097  3.883   1.00 47.30 ? 54  HIS A CA  1 
ATOM   419  C C   . HIS A 1 57  ? -12.344 -2.195  5.098   1.00 44.95 ? 54  HIS A C   1 
ATOM   420  O O   . HIS A 1 57  ? -11.563 -3.102  5.207   1.00 45.12 ? 54  HIS A O   1 
ATOM   421  C CB  . HIS A 1 57  ? -12.831 -0.927  2.958   1.00 50.96 ? 54  HIS A CB  1 
ATOM   422  C CG  . HIS A 1 57  ? -11.525 -1.114  2.212   1.00 55.24 ? 54  HIS A CG  1 
ATOM   423  N ND1 . HIS A 1 57  ? -11.432 -1.791  1.007   1.00 57.88 ? 54  HIS A ND1 1 
ATOM   424  C CD2 . HIS A 1 57  ? -10.276 -0.633  2.459   1.00 56.86 ? 54  HIS A CD2 1 
ATOM   425  C CE1 . HIS A 1 57  ? -10.189 -1.716  0.548   1.00 58.46 ? 54  HIS A CE1 1 
ATOM   426  N NE2 . HIS A 1 57  ? -9.464  -1.019  1.410   1.00 57.93 ? 54  HIS A NE2 1 
ATOM   427  N N   . VAL A 1 58  ? -12.451 -1.288  6.048   1.00 42.62 ? 55  VAL A N   1 
ATOM   428  C CA  . VAL A 1 58  ? -11.545 -1.378  7.170   1.00 41.14 ? 55  VAL A CA  1 
ATOM   429  C C   . VAL A 1 58  ? -11.734 -2.570  8.097   1.00 42.30 ? 55  VAL A C   1 
ATOM   430  O O   . VAL A 1 58  ? -10.756 -3.209  8.482   1.00 42.65 ? 55  VAL A O   1 
ATOM   431  C CB  . VAL A 1 58  ? -11.548 -0.096  7.999   1.00 39.17 ? 55  VAL A CB  1 
ATOM   432  C CG1 . VAL A 1 58  ? -10.643 -0.247  9.197   1.00 36.35 ? 55  VAL A CG1 1 
ATOM   433  C CG2 . VAL A 1 58  ? -11.125 1.037   7.169   1.00 37.19 ? 55  VAL A CG2 1 
ATOM   434  N N   . GLN A 1 59  ? -12.974 -2.874  8.480   1.00 43.29 ? 56  GLN A N   1 
ATOM   435  C CA  . GLN A 1 59  ? -13.213 -4.019  9.361   1.00 42.17 ? 56  GLN A CA  1 
ATOM   436  C C   . GLN A 1 59  ? -12.751 -5.303  8.728   1.00 40.82 ? 56  GLN A C   1 
ATOM   437  O O   . GLN A 1 59  ? -12.258 -6.200  9.403   1.00 41.66 ? 56  GLN A O   1 
ATOM   438  C CB  . GLN A 1 59  ? -14.672 -4.123  9.692   1.00 43.21 ? 56  GLN A CB  1 
ATOM   439  C CG  . GLN A 1 59  ? -15.129 -2.957  10.514  1.00 47.18 ? 56  GLN A CG  1 
ATOM   440  C CD  . GLN A 1 59  ? -16.615 -3.051  10.845  1.00 50.14 ? 56  GLN A CD  1 
ATOM   441  O OE1 . GLN A 1 59  ? -17.437 -3.416  9.980   1.00 50.08 ? 56  GLN A OE1 1 
ATOM   442  N NE2 . GLN A 1 59  ? -16.972 -2.714  12.098  1.00 51.00 ? 56  GLN A NE2 1 
ATOM   443  N N   . GLY A 1 60  ? -12.888 -5.379  7.418   1.00 39.73 ? 57  GLY A N   1 
ATOM   444  C CA  . GLY A 1 60  ? -12.470 -6.577  6.714   1.00 38.46 ? 57  GLY A CA  1 
ATOM   445  C C   . GLY A 1 60  ? -10.969 -6.700  6.726   1.00 37.82 ? 57  GLY A C   1 
ATOM   446  O O   . GLY A 1 60  ? -10.394 -7.777  6.939   1.00 37.22 ? 57  GLY A O   1 
ATOM   447  N N   . ASN A 1 61  ? -10.327 -5.567  6.509   1.00 36.30 ? 58  ASN A N   1 
ATOM   448  C CA  . ASN A 1 61  ? -8.894  -5.558  6.452   1.00 36.78 ? 58  ASN A CA  1 
ATOM   449  C C   . ASN A 1 61  ? -8.284  -5.912  7.784   1.00 36.36 ? 58  ASN A C   1 
ATOM   450  O O   . ASN A 1 61  ? -7.327  -6.666  7.822   1.00 35.88 ? 58  ASN A O   1 
ATOM   451  C CB  . ASN A 1 61  ? -8.385  -4.205  5.975   1.00 36.99 ? 58  ASN A CB  1 
ATOM   452  C CG  . ASN A 1 61  ? -8.402  -4.095  4.493   1.00 38.12 ? 58  ASN A CG  1 
ATOM   453  O OD1 . ASN A 1 61  ? -8.120  -3.036  3.931   1.00 42.82 ? 58  ASN A OD1 1 
ATOM   454  N ND2 . ASN A 1 61  ? -8.720  -5.178  3.833   1.00 36.72 ? 58  ASN A ND2 1 
ATOM   455  N N   . ILE A 1 62  ? -8.844  -5.363  8.862   1.00 36.33 ? 59  ILE A N   1 
ATOM   456  C CA  . ILE A 1 62  ? -8.369  -5.609  10.205  1.00 35.21 ? 59  ILE A CA  1 
ATOM   457  C C   . ILE A 1 62  ? -8.343  -7.105  10.484  1.00 35.97 ? 59  ILE A C   1 
ATOM   458  O O   . ILE A 1 62  ? -7.447  -7.594  11.134  1.00 35.58 ? 59  ILE A O   1 
ATOM   459  C CB  . ILE A 1 62  ? -9.274  -4.917  11.255  1.00 35.20 ? 59  ILE A CB  1 
ATOM   460  C CG1 . ILE A 1 62  ? -9.062  -3.392  11.224  1.00 33.27 ? 59  ILE A CG1 1 
ATOM   461  C CG2 . ILE A 1 62  ? -8.954  -5.469  12.657  1.00 34.89 ? 59  ILE A CG2 1 
ATOM   462  C CD1 . ILE A 1 62  ? -10.018 -2.611  12.032  1.00 29.71 ? 59  ILE A CD1 1 
ATOM   463  N N   . LEU A 1 63  ? -9.321  -7.830  9.977   1.00 37.56 ? 60  LEU A N   1 
ATOM   464  C CA  . LEU A 1 63  ? -9.376  -9.266  10.204  1.00 39.21 ? 60  LEU A CA  1 
ATOM   465  C C   . LEU A 1 63  ? -8.250  -9.991  9.519   1.00 38.31 ? 60  LEU A C   1 
ATOM   466  O O   . LEU A 1 63  ? -7.577  -10.813 10.146  1.00 39.12 ? 60  LEU A O   1 
ATOM   467  C CB  . LEU A 1 63  ? -10.727 -9.843  9.754   1.00 40.37 ? 60  LEU A CB  1 
ATOM   468  C CG  . LEU A 1 63  ? -11.772 -9.288  10.744  1.00 42.80 ? 60  LEU A CG  1 
ATOM   469  C CD1 . LEU A 1 63  ? -13.221 -9.625  10.321  1.00 41.63 ? 60  LEU A CD1 1 
ATOM   470  C CD2 . LEU A 1 63  ? -11.426 -9.844  12.157  1.00 42.30 ? 60  LEU A CD2 1 
ATOM   471  N N   . LEU A 1 64  ? -8.057  -9.713  8.237   1.00 37.42 ? 61  LEU A N   1 
ATOM   472  C CA  . LEU A 1 64  ? -6.966  -10.340 7.501   1.00 36.76 ? 61  LEU A CA  1 
ATOM   473  C C   . LEU A 1 64  ? -5.642  -9.942  8.172   1.00 34.68 ? 61  LEU A C   1 
ATOM   474  O O   . LEU A 1 64  ? -4.712  -10.711 8.252   1.00 32.89 ? 61  LEU A O   1 
ATOM   475  C CB  . LEU A 1 64  ? -6.993  -9.902  6.032   1.00 36.70 ? 61  LEU A CB  1 
ATOM   476  C CG  . LEU A 1 64  ? -8.245  -10.318 5.252   1.00 37.92 ? 61  LEU A CG  1 
ATOM   477  C CD1 . LEU A 1 64  ? -8.273  -9.611  3.886   1.00 35.95 ? 61  LEU A CD1 1 
ATOM   478  C CD2 . LEU A 1 64  ? -8.232  -11.831 5.034   1.00 38.00 ? 61  LEU A CD2 1 
ATOM   479  N N   . HIS A 1 65  ? -5.615  -8.745  8.715   1.00 35.55 ? 62  HIS A N   1 
ATOM   480  C CA  . HIS A 1 65  ? -4.437  -8.222  9.379   1.00 37.09 ? 62  HIS A CA  1 
ATOM   481  C C   . HIS A 1 65  ? -4.099  -9.055  10.612  1.00 39.29 ? 62  HIS A C   1 
ATOM   482  O O   . HIS A 1 65  ? -2.946  -9.466  10.782  1.00 39.15 ? 62  HIS A O   1 
ATOM   483  C CB  . HIS A 1 65  ? -4.679  -6.759  9.769   1.00 34.18 ? 62  HIS A CB  1 
ATOM   484  C CG  . HIS A 1 65  ? -3.450  -6.038  10.223  1.00 36.07 ? 62  HIS A CG  1 
ATOM   485  N ND1 . HIS A 1 65  ? -2.862  -5.042  9.490   1.00 33.59 ? 62  HIS A ND1 1 
ATOM   486  C CD2 . HIS A 1 65  ? -2.699  -6.174  11.354  1.00 35.23 ? 62  HIS A CD2 1 
ATOM   487  C CE1 . HIS A 1 65  ? -1.800  -4.582  10.140  1.00 35.77 ? 62  HIS A CE1 1 
ATOM   488  N NE2 . HIS A 1 65  ? -1.687  -5.257  11.275  1.00 34.59 ? 62  HIS A NE2 1 
ATOM   489  N N   . GLN A 1 66  ? -5.096  -9.294  11.478  1.00 41.74 ? 63  GLN A N   1 
ATOM   490  C CA  . GLN A 1 66  ? -4.907  -10.084 12.714  1.00 44.10 ? 63  GLN A CA  1 
ATOM   491  C C   . GLN A 1 66  ? -4.555  -11.560 12.410  1.00 44.36 ? 63  GLN A C   1 
ATOM   492  O O   . GLN A 1 66  ? -3.761  -12.161 13.133  1.00 44.21 ? 63  GLN A O   1 
ATOM   493  C CB  . GLN A 1 66  ? -6.160  -10.019 13.609  1.00 46.43 ? 63  GLN A CB  1 
ATOM   494  C CG  . GLN A 1 66  ? -6.490  -8.635  14.207  1.00 49.21 ? 63  GLN A CG  1 
ATOM   495  C CD  . GLN A 1 66  ? -7.976  -8.535  14.695  1.00 52.74 ? 63  GLN A CD  1 
ATOM   496  O OE1 . GLN A 1 66  ? -8.849  -9.315  14.251  1.00 54.23 ? 63  GLN A OE1 1 
ATOM   497  N NE2 . GLN A 1 66  ? -8.264  -7.567  15.594  1.00 52.96 ? 63  GLN A NE2 1 
ATOM   498  N N   . ARG A 1 67  ? -5.122  -12.117 11.334  1.00 44.53 ? 64  ARG A N   1 
ATOM   499  C CA  . ARG A 1 67  ? -4.867  -13.502 10.887  1.00 44.33 ? 64  ARG A CA  1 
ATOM   500  C C   . ARG A 1 67  ? -3.590  -13.627 10.094  1.00 42.42 ? 64  ARG A C   1 
ATOM   501  O O   . ARG A 1 67  ? -3.230  -14.723 9.682   1.00 41.92 ? 64  ARG A O   1 
ATOM   502  C CB  . ARG A 1 67  ? -5.952  -13.975 9.934   1.00 47.44 ? 64  ARG A CB  1 
ATOM   503  C CG  . ARG A 1 67  ? -7.310  -13.932 10.508  1.00 53.58 ? 64  ARG A CG  1 
ATOM   504  C CD  . ARG A 1 67  ? -8.353  -14.373 9.489   1.00 58.06 ? 64  ARG A CD  1 
ATOM   505  N NE  . ARG A 1 67  ? -9.650  -14.645 10.136  1.00 62.55 ? 64  ARG A NE  1 
ATOM   506  C CZ  . ARG A 1 67  ? -10.204 -13.914 11.112  1.00 64.01 ? 64  ARG A CZ  1 
ATOM   507  N NH1 . ARG A 1 67  ? -9.570  -12.841 11.599  1.00 65.30 ? 64  ARG A NH1 1 
ATOM   508  N NH2 . ARG A 1 67  ? -11.394 -14.262 11.620  1.00 63.39 ? 64  ARG A NH2 1 
ATOM   509  N N   . GLY A 1 68  ? -2.949  -12.499 9.807   1.00 40.65 ? 65  GLY A N   1 
ATOM   510  C CA  . GLY A 1 68  ? -1.731  -12.518 9.014   1.00 36.79 ? 65  GLY A CA  1 
ATOM   511  C C   . GLY A 1 68  ? -1.941  -12.814 7.550   1.00 35.95 ? 65  GLY A C   1 
ATOM   512  O O   . GLY A 1 68  ? -1.051  -13.329 6.861   1.00 34.72 ? 65  GLY A O   1 
ATOM   513  N N   . TYR A 1 69  ? -3.125  -12.506 7.047   1.00 34.76 ? 66  TYR A N   1 
ATOM   514  C CA  . TYR A 1 69  ? -3.369  -12.774 5.643   1.00 34.52 ? 66  TYR A CA  1 
ATOM   515  C C   . TYR A 1 69  ? -3.227  -11.567 4.745   1.00 30.99 ? 66  TYR A C   1 
ATOM   516  O O   . TYR A 1 69  ? -3.293  -11.660 3.533   1.00 29.70 ? 66  TYR A O   1 
ATOM   517  C CB  . TYR A 1 69  ? -4.747  -13.424 5.485   1.00 40.55 ? 66  TYR A CB  1 
ATOM   518  C CG  . TYR A 1 69  ? -4.648  -14.924 5.570   1.00 44.82 ? 66  TYR A CG  1 
ATOM   519  C CD1 . TYR A 1 69  ? -3.687  -15.593 4.815   1.00 47.82 ? 66  TYR A CD1 1 
ATOM   520  C CD2 . TYR A 1 69  ? -5.453  -15.666 6.443   1.00 46.88 ? 66  TYR A CD2 1 
ATOM   521  C CE1 . TYR A 1 69  ? -3.508  -16.973 4.927   1.00 50.21 ? 66  TYR A CE1 1 
ATOM   522  C CE2 . TYR A 1 69  ? -5.298  -17.043 6.565   1.00 49.07 ? 66  TYR A CE2 1 
ATOM   523  C CZ  . TYR A 1 69  ? -4.309  -17.695 5.801   1.00 49.78 ? 66  TYR A CZ  1 
ATOM   524  O OH  . TYR A 1 69  ? -4.085  -19.058 5.893   1.00 50.31 ? 66  TYR A OH  1 
ATOM   525  N N   . ALA A 1 70  ? -3.035  -10.429 5.386   1.00 28.64 ? 67  ALA A N   1 
ATOM   526  C CA  . ALA A 1 70  ? -2.859  -9.167  4.730   1.00 26.09 ? 67  ALA A CA  1 
ATOM   527  C C   . ALA A 1 70  ? -2.513  -8.200  5.866   1.00 24.79 ? 67  ALA A C   1 
ATOM   528  O O   . ALA A 1 70  ? -2.466  -8.579  7.051   1.00 23.57 ? 67  ALA A O   1 
ATOM   529  C CB  . ALA A 1 70  ? -4.160  -8.747  4.026   1.00 24.59 ? 67  ALA A CB  1 
ATOM   530  N N   . LYS A 1 71  ? -2.219  -6.961  5.495   1.00 21.81 ? 68  LYS A N   1 
ATOM   531  C CA  . LYS A 1 71  ? -1.940  -5.932  6.456   1.00 19.93 ? 68  LYS A CA  1 
ATOM   532  C C   . LYS A 1 71  ? -2.390  -4.613  5.889   1.00 20.26 ? 68  LYS A C   1 
ATOM   533  O O   . LYS A 1 71  ? -2.292  -4.347  4.681   1.00 20.74 ? 68  LYS A O   1 
ATOM   534  C CB  . LYS A 1 71  ? -0.428  -5.825  6.793   1.00 20.58 ? 68  LYS A CB  1 
ATOM   535  C CG  . LYS A 1 71  ? 0.252   -7.062  7.406   1.00 20.78 ? 68  LYS A CG  1 
ATOM   536  C CD  . LYS A 1 71  ? -0.232  -7.388  8.771   1.00 22.37 ? 68  LYS A CD  1 
ATOM   537  C CE  . LYS A 1 71  ? 0.231   -8.785  9.250   1.00 22.51 ? 68  LYS A CE  1 
ATOM   538  N NZ  . LYS A 1 71  ? -0.030  -8.813  10.727  1.00 23.03 ? 68  LYS A NZ  1 
ATOM   539  N N   . MET A 1 72  ? -2.869  -3.768  6.774   1.00 20.38 ? 69  MET A N   1 
ATOM   540  C CA  . MET A 1 72  ? -3.222  -2.438  6.381   1.00 19.93 ? 69  MET A CA  1 
ATOM   541  C C   . MET A 1 72  ? -2.638  -1.429  7.410   1.00 19.44 ? 69  MET A C   1 
ATOM   542  O O   . MET A 1 72  ? -3.044  -1.406  8.560   1.00 16.70 ? 69  MET A O   1 
ATOM   543  C CB  . MET A 1 72  ? -4.723  -2.281  6.310   1.00 22.35 ? 69  MET A CB  1 
ATOM   544  C CG  . MET A 1 72  ? -5.159  -0.874  5.902   1.00 23.61 ? 69  MET A CG  1 
ATOM   545  S SD  . MET A 1 72  ? -6.941  -0.617  5.869   1.00 26.19 ? 69  MET A SD  1 
ATOM   546  C CE  . MET A 1 72  ? -6.974  0.935   4.728   1.00 19.73 ? 69  MET A CE  1 
ATOM   547  N N   . TYR A 1 73  ? -1.710  -0.581  6.974   1.00 19.32 ? 70  TYR A N   1 
ATOM   548  C CA  . TYR A 1 73  ? -1.141  0.427   7.900   1.00 20.46 ? 70  TYR A CA  1 
ATOM   549  C C   . TYR A 1 73  ? -1.513  1.841   7.441   1.00 21.07 ? 70  TYR A C   1 
ATOM   550  O O   . TYR A 1 73  ? -1.595  2.097   6.249   1.00 22.73 ? 70  TYR A O   1 
ATOM   551  C CB  . TYR A 1 73  ? 0.389   0.331   7.945   1.00 19.27 ? 70  TYR A CB  1 
ATOM   552  C CG  . TYR A 1 73  ? 0.886   -0.910  8.629   1.00 20.23 ? 70  TYR A CG  1 
ATOM   553  C CD1 . TYR A 1 73  ? 1.052   -0.924  10.011  1.00 21.91 ? 70  TYR A CD1 1 
ATOM   554  C CD2 . TYR A 1 73  ? 1.102   -2.081  7.925   1.00 19.52 ? 70  TYR A CD2 1 
ATOM   555  C CE1 . TYR A 1 73  ? 1.419   -2.043  10.678  1.00 22.35 ? 70  TYR A CE1 1 
ATOM   556  C CE2 . TYR A 1 73  ? 1.457   -3.241  8.597   1.00 23.25 ? 70  TYR A CE2 1 
ATOM   557  C CZ  . TYR A 1 73  ? 1.613   -3.214  9.986   1.00 22.15 ? 70  TYR A CZ  1 
ATOM   558  O OH  . TYR A 1 73  ? 1.938   -4.360  10.701  1.00 25.12 ? 70  TYR A OH  1 
ATOM   559  N N   . LEU A 1 74  ? -1.766  2.733   8.373   1.00 21.35 ? 71  LEU A N   1 
ATOM   560  C CA  . LEU A 1 74  ? -2.057  4.077   7.975   1.00 23.42 ? 71  LEU A CA  1 
ATOM   561  C C   . LEU A 1 74  ? -0.787  4.863   8.193   1.00 24.26 ? 71  LEU A C   1 
ATOM   562  O O   . LEU A 1 74  ? -0.149  4.703   9.248   1.00 25.36 ? 71  LEU A O   1 
ATOM   563  C CB  . LEU A 1 74  ? -3.175  4.652   8.827   1.00 23.27 ? 71  LEU A CB  1 
ATOM   564  C CG  . LEU A 1 74  ? -4.494  3.981   8.405   1.00 26.42 ? 71  LEU A CG  1 
ATOM   565  C CD1 . LEU A 1 74  ? -5.546  4.403   9.368   1.00 26.22 ? 71  LEU A CD1 1 
ATOM   566  C CD2 . LEU A 1 74  ? -4.899  4.312   6.922   1.00 25.51 ? 71  LEU A CD2 1 
ATOM   567  N N   . ILE A 1 75  ? -0.398  5.690   7.220   1.00 22.61 ? 72  ILE A N   1 
ATOM   568  C CA  . ILE A 1 75  ? 0.803   6.505   7.398   1.00 20.36 ? 72  ILE A CA  1 
ATOM   569  C C   . ILE A 1 75  ? 0.429   7.817   8.104   1.00 20.38 ? 72  ILE A C   1 
ATOM   570  O O   . ILE A 1 75  ? -0.490  8.505   7.658   1.00 20.53 ? 72  ILE A O   1 
ATOM   571  C CB  . ILE A 1 75  ? 1.510   6.862   6.044   1.00 18.54 ? 72  ILE A CB  1 
ATOM   572  C CG1 . ILE A 1 75  ? 1.806   5.608   5.267   1.00 15.84 ? 72  ILE A CG1 1 
ATOM   573  C CG2 . ILE A 1 75  ? 2.822   7.730   6.302   1.00 18.05 ? 72  ILE A CG2 1 
ATOM   574  C CD1 . ILE A 1 75  ? 2.266   5.847   3.832   1.00 15.34 ? 72  ILE A CD1 1 
ATOM   575  N N   . PHE A 1 76  ? 1.111   8.137   9.203   1.00 20.22 ? 73  PHE A N   1 
ATOM   576  C CA  . PHE A 1 76  ? 0.880   9.372   9.932   1.00 20.36 ? 73  PHE A CA  1 
ATOM   577  C C   . PHE A 1 76  ? 2.098   10.272  9.873   1.00 21.64 ? 73  PHE A C   1 
ATOM   578  O O   . PHE A 1 76  ? 3.217   9.817   10.082  1.00 21.96 ? 73  PHE A O   1 
ATOM   579  C CB  . PHE A 1 76  ? 0.495   9.084   11.371  1.00 19.60 ? 73  PHE A CB  1 
ATOM   580  C CG  . PHE A 1 76  ? -0.968  8.874   11.557  1.00 19.88 ? 73  PHE A CG  1 
ATOM   581  C CD1 . PHE A 1 76  ? -1.526  7.597   11.430  1.00 17.76 ? 73  PHE A CD1 1 
ATOM   582  C CD2 . PHE A 1 76  ? -1.832  9.982   11.841  1.00 21.46 ? 73  PHE A CD2 1 
ATOM   583  C CE1 . PHE A 1 76  ? -2.890  7.387   11.588  1.00 19.27 ? 73  PHE A CE1 1 
ATOM   584  C CE2 . PHE A 1 76  ? -3.250  9.766   12.007  1.00 19.16 ? 73  PHE A CE2 1 
ATOM   585  C CZ  . PHE A 1 76  ? -3.761  8.458   11.884  1.00 16.68 ? 73  PHE A CZ  1 
ATOM   586  N N   . CYS A 1 77  ? 1.875   11.538  9.529   1.00 23.26 ? 74  CYS A N   1 
ATOM   587  C CA  . CYS A 1 77  ? 2.915   12.556  9.386   1.00 25.72 ? 74  CYS A CA  1 
ATOM   588  C C   . CYS A 1 77  ? 2.648   13.639  10.396  1.00 28.29 ? 74  CYS A C   1 
ATOM   589  O O   . CYS A 1 77  ? 1.728   14.419  10.220  1.00 29.37 ? 74  CYS A O   1 
ATOM   590  C CB  . CYS A 1 77  ? 2.872   13.152  7.985   1.00 25.72 ? 74  CYS A CB  1 
ATOM   591  S SG  . CYS A 1 77  ? 4.142   14.407  7.670   1.00 26.11 ? 74  CYS A SG  1 
ATOM   592  N N   . GLN A 1 78  ? 3.457   13.683  11.454  1.00 31.56 ? 75  GLN A N   1 
ATOM   593  C CA  . GLN A 1 78  ? 3.268   14.610  12.563  1.00 33.55 ? 75  GLN A CA  1 
ATOM   594  C C   . GLN A 1 78  ? 1.809   14.506  13.106  1.00 35.00 ? 75  GLN A C   1 
ATOM   595  O O   . GLN A 1 78  ? 1.122   15.529  13.285  1.00 33.36 ? 75  GLN A O   1 
ATOM   596  C CB  . GLN A 1 78  ? 3.562   16.025  12.116  1.00 35.17 ? 75  GLN A CB  1 
ATOM   597  C CG  . GLN A 1 78  ? 4.836   16.111  11.361  1.00 40.08 ? 75  GLN A CG  1 
ATOM   598  C CD  . GLN A 1 78  ? 5.517   17.461  11.525  1.00 43.00 ? 75  GLN A CD  1 
ATOM   599  O OE1 . GLN A 1 78  ? 5.830   18.159  10.532  1.00 43.65 ? 75  GLN A OE1 1 
ATOM   600  N NE2 . GLN A 1 78  ? 5.771   17.833  12.783  1.00 43.89 ? 75  GLN A NE2 1 
ATOM   601  N N   . ASN A 1 79  ? 1.378   13.273  13.393  1.00 35.06 ? 76  ASN A N   1 
ATOM   602  C CA  . ASN A 1 79  ? 0.012   12.951  13.867  1.00 36.56 ? 76  ASN A CA  1 
ATOM   603  C C   . ASN A 1 79  ? -1.099  13.323  12.881  1.00 34.31 ? 76  ASN A C   1 
ATOM   604  O O   . ASN A 1 79  ? -2.223  13.520  13.281  1.00 33.27 ? 76  ASN A O   1 
ATOM   605  C CB  . ASN A 1 79  ? -0.348  13.621  15.201  1.00 42.14 ? 76  ASN A CB  1 
ATOM   606  C CG  . ASN A 1 79  ? 0.570   13.213  16.354  1.00 48.29 ? 76  ASN A CG  1 
ATOM   607  O OD1 . ASN A 1 79  ? 0.863   12.004  16.569  1.00 52.01 ? 76  ASN A OD1 1 
ATOM   608  N ND2 . ASN A 1 79  ? 1.031   14.222  17.121  1.00 50.63 ? 76  ASN A ND2 1 
ATOM   609  N N   . GLU A 1 80  ? -0.781  13.449  11.605  1.00 32.34 ? 77  GLU A N   1 
ATOM   610  C CA  . GLU A 1 80  ? -1.796  13.749  10.638  1.00 30.81 ? 77  GLU A CA  1 
ATOM   611  C C   . GLU A 1 80  ? -1.859  12.619  9.624   1.00 27.73 ? 77  GLU A C   1 
ATOM   612  O O   . GLU A 1 80  ? -0.860  12.240  9.058   1.00 26.40 ? 77  GLU A O   1 
ATOM   613  C CB  . GLU A 1 80  ? -1.441  15.066  9.998   1.00 34.21 ? 77  GLU A CB  1 
ATOM   614  C CG  . GLU A 1 80  ? -2.455  15.547  9.036   1.00 40.70 ? 77  GLU A CG  1 
ATOM   615  C CD  . GLU A 1 80  ? -2.161  16.984  8.661   1.00 46.01 ? 77  GLU A CD  1 
ATOM   616  O OE1 . GLU A 1 80  ? -1.579  17.662  9.574   1.00 43.98 ? 77  GLU A OE1 1 
ATOM   617  O OE2 . GLU A 1 80  ? -2.518  17.398  7.488   1.00 48.15 ? 77  GLU A OE2 1 
ATOM   618  N N   . MET A 1 81  ? -3.033  12.077  9.377   1.00 26.30 ? 78  MET A N   1 
ATOM   619  C CA  . MET A 1 81  ? -3.131  10.959  8.440   1.00 26.13 ? 78  MET A CA  1 
ATOM   620  C C   . MET A 1 81  ? -2.687  11.317  7.014   1.00 25.72 ? 78  MET A C   1 
ATOM   621  O O   . MET A 1 81  ? -3.243  12.209  6.390   1.00 25.70 ? 78  MET A O   1 
ATOM   622  C CB  . MET A 1 81  ? -4.531  10.426  8.427   1.00 26.20 ? 78  MET A CB  1 
ATOM   623  C CG  . MET A 1 81  ? -4.577  8.998   7.913   1.00 26.26 ? 78  MET A CG  1 
ATOM   624  S SD  . MET A 1 81  ? -6.266  8.387   7.658   1.00 27.07 ? 78  MET A SD  1 
ATOM   625  C CE  . MET A 1 81  ? -6.830  8.072   9.413   1.00 20.00 ? 78  MET A CE  1 
ATOM   626  N N   . ALA A 1 82  ? -1.693  10.624  6.473   1.00 23.28 ? 79  ALA A N   1 
ATOM   627  C CA  . ALA A 1 82  ? -1.225  11.032  5.138   1.00 20.85 ? 79  ALA A CA  1 
ATOM   628  C C   . ALA A 1 82  ? -1.447  10.061  3.984   1.00 19.66 ? 79  ALA A C   1 
ATOM   629  O O   . ALA A 1 82  ? -1.393  10.456  2.810   1.00 19.32 ? 79  ALA A O   1 
ATOM   630  C CB  . ALA A 1 82  ? 0.225   11.408  5.217   1.00 18.73 ? 79  ALA A CB  1 
ATOM   631  N N   . GLY A 1 83  ? -1.741  8.812   4.312   1.00 17.52 ? 80  GLY A N   1 
ATOM   632  C CA  . GLY A 1 83  ? -1.916  7.841   3.276   1.00 17.98 ? 80  GLY A CA  1 
ATOM   633  C C   . GLY A 1 83  ? -1.999  6.441   3.875   1.00 19.31 ? 80  GLY A C   1 
ATOM   634  O O   . GLY A 1 83  ? -2.044  6.275   5.101   1.00 17.81 ? 80  GLY A O   1 
ATOM   635  N N   . VAL A 1 84  ? -1.997  5.436   2.992   1.00 18.77 ? 81  VAL A N   1 
ATOM   636  C CA  . VAL A 1 84  ? -2.135  4.051   3.389   1.00 16.56 ? 81  VAL A CA  1 
ATOM   637  C C   . VAL A 1 84  ? -1.022  3.230   2.776   1.00 17.75 ? 81  VAL A C   1 
ATOM   638  O O   . VAL A 1 84  ? -0.637  3.441   1.608   1.00 19.71 ? 81  VAL A O   1 
ATOM   639  C CB  . VAL A 1 84  ? -3.506  3.495   2.851   1.00 18.30 ? 81  VAL A CB  1 
ATOM   640  C CG1 . VAL A 1 84  ? -3.684  2.061   3.229   1.00 13.94 ? 81  VAL A CG1 1 
ATOM   641  C CG2 . VAL A 1 84  ? -4.689  4.380   3.380   1.00 14.34 ? 81  VAL A CG2 1 
ATOM   642  N N   . LEU A 1 85  ? -0.475  2.299   3.551   1.00 16.42 ? 82  LEU A N   1 
ATOM   643  C CA  . LEU A 1 85  ? 0.550   1.403   3.006   1.00 15.70 ? 82  LEU A CA  1 
ATOM   644  C C   . LEU A 1 85  ? 0.148   -0.011  3.385   1.00 17.22 ? 82  LEU A C   1 
ATOM   645  O O   . LEU A 1 85  ? -0.076  -0.300  4.568   1.00 17.49 ? 82  LEU A O   1 
ATOM   646  C CB  . LEU A 1 85  ? 1.958   1.709   3.555   1.00 13.83 ? 82  LEU A CB  1 
ATOM   647  C CG  . LEU A 1 85  ? 3.086   0.665   3.312   1.00 13.31 ? 82  LEU A CG  1 
ATOM   648  C CD1 . LEU A 1 85  ? 3.165   0.397   1.806   1.00 11.66 ? 82  LEU A CD1 1 
ATOM   649  C CD2 . LEU A 1 85  ? 4.471   1.189   3.809   1.00 10.88 ? 82  LEU A CD2 1 
ATOM   650  N N   . SER A 1 86  ? 0.028   -0.906  2.413   1.00 17.76 ? 83  SER A N   1 
ATOM   651  C CA  . SER A 1 86  ? -0.359  -2.194  2.849   1.00 19.00 ? 83  SER A CA  1 
ATOM   652  C C   . SER A 1 86  ? 0.096   -3.456  2.116   1.00 19.19 ? 83  SER A C   1 
ATOM   653  O O   . SER A 1 86  ? 0.814   -3.399  1.127   1.00 19.42 ? 83  SER A O   1 
ATOM   654  C CB  . SER A 1 86  ? -1.889  -2.123  3.043   1.00 22.70 ? 83  SER A CB  1 
ATOM   655  O OG  . SER A 1 86  ? -2.544  -2.110  1.826   1.00 23.49 ? 83  SER A OG  1 
ATOM   656  N N   . PHE A 1 87  ? -0.195  -4.620  2.699   1.00 21.47 ? 84  PHE A N   1 
ATOM   657  C CA  . PHE A 1 87  ? 0.101   -5.901  2.005   1.00 23.37 ? 84  PHE A CA  1 
ATOM   658  C C   . PHE A 1 87  ? -1.316  -6.280  1.633   1.00 24.83 ? 84  PHE A C   1 
ATOM   659  O O   . PHE A 1 87  ? -2.165  -6.500  2.524   1.00 25.05 ? 84  PHE A O   1 
ATOM   660  C CB  . PHE A 1 87  ? 0.709   -6.985  2.923   1.00 24.14 ? 84  PHE A CB  1 
ATOM   661  C CG  . PHE A 1 87  ? 2.144   -6.709  3.332   1.00 26.42 ? 84  PHE A CG  1 
ATOM   662  C CD1 . PHE A 1 87  ? 3.055   -6.193  2.425   1.00 28.73 ? 84  PHE A CD1 1 
ATOM   663  C CD2 . PHE A 1 87  ? 2.564   -6.922  4.633   1.00 25.84 ? 84  PHE A CD2 1 
ATOM   664  C CE1 . PHE A 1 87  ? 4.362   -5.887  2.813   1.00 27.01 ? 84  PHE A CE1 1 
ATOM   665  C CE2 . PHE A 1 87  ? 3.829   -6.628  5.033   1.00 23.22 ? 84  PHE A CE2 1 
ATOM   666  C CZ  . PHE A 1 87  ? 4.737   -6.112  4.134   1.00 28.39 ? 84  PHE A CZ  1 
ATOM   667  N N   . ASN A 1 88  ? -1.605  -6.242  0.339   1.00 25.57 ? 85  ASN A N   1 
ATOM   668  C CA  . ASN A 1 88  ? -2.944  -6.575  -0.144  1.00 28.87 ? 85  ASN A CA  1 
ATOM   669  C C   . ASN A 1 88  ? -3.225  -8.057  0.107   1.00 30.38 ? 85  ASN A C   1 
ATOM   670  O O   . ASN A 1 88  ? -4.344  -8.447  0.441   1.00 32.66 ? 85  ASN A O   1 
ATOM   671  C CB  . ASN A 1 88  ? -3.027  -6.288  -1.625  1.00 28.56 ? 85  ASN A CB  1 
ATOM   672  C CG  . ASN A 1 88  ? -3.031  -4.806  -1.915  1.00 30.83 ? 85  ASN A CG  1 
ATOM   673  O OD1 . ASN A 1 88  ? -2.627  -4.381  -2.986  1.00 30.87 ? 85  ASN A OD1 1 
ATOM   674  N ND2 . ASN A 1 88  ? -3.503  -4.011  -0.953  1.00 31.11 ? 85  ASN A ND2 1 
ATOM   675  N N   . ALA A 1 89  ? -2.192  -8.867  -0.058  1.00 30.28 ? 86  ALA A N   1 
ATOM   676  C CA  . ALA A 1 89  ? -2.297  -10.295 0.156   1.00 31.90 ? 86  ALA A CA  1 
ATOM   677  C C   . ALA A 1 89  ? -0.952  -10.851 0.620   1.00 31.66 ? 86  ALA A C   1 
ATOM   678  O O   . ALA A 1 89  ? 0.075   -10.413 0.120   1.00 31.72 ? 86  ALA A O   1 
ATOM   679  C CB  . ALA A 1 89  ? -2.687  -10.975 -1.117  1.00 29.37 ? 86  ALA A CB  1 
ATOM   680  N N   . ILE A 1 90  ? -0.989  -11.795 1.563   1.00 30.92 ? 87  ILE A N   1 
ATOM   681  C CA  . ILE A 1 90  ? 0.198   -12.471 2.062   1.00 29.97 ? 87  ILE A CA  1 
ATOM   682  C C   . ILE A 1 90  ? 0.017   -13.978 1.791   1.00 30.49 ? 87  ILE A C   1 
ATOM   683  O O   . ILE A 1 90  ? -1.036  -14.542 2.090   1.00 31.47 ? 87  ILE A O   1 
ATOM   684  C CB  . ILE A 1 90  ? 0.392   -12.260 3.585   1.00 28.99 ? 87  ILE A CB  1 
ATOM   685  C CG1 . ILE A 1 90  ? 0.589   -10.771 3.884   1.00 28.19 ? 87  ILE A CG1 1 
ATOM   686  C CG2 . ILE A 1 90  ? 1.667   -12.997 4.063   1.00 27.99 ? 87  ILE A CG2 1 
ATOM   687  C CD1 . ILE A 1 90  ? 0.743   -10.426 5.342   1.00 25.83 ? 87  ILE A CD1 1 
ATOM   688  N N   . GLU A 1 91  ? 1.016   -14.613 1.188   1.00 27.82 ? 88  GLU A N   1 
ATOM   689  C CA  . GLU A 1 91  ? 0.969   -16.055 0.921   1.00 25.52 ? 88  GLU A CA  1 
ATOM   690  C C   . GLU A 1 91  ? 1.946   -16.628 1.961   1.00 25.42 ? 88  GLU A C   1 
ATOM   691  O O   . GLU A 1 91  ? 3.124   -16.783 1.676   1.00 23.85 ? 88  GLU A O   1 
ATOM   692  C CB  . GLU A 1 91  ? 1.465   -16.364 -0.494  1.00 25.24 ? 88  GLU A CB  1 
ATOM   693  C CG  . GLU A 1 91  ? 0.550   -15.940 -1.629  1.00 25.57 ? 88  GLU A CG  1 
ATOM   694  C CD  . GLU A 1 91  ? 1.268   -15.948 -2.942  1.00 26.38 ? 88  GLU A CD  1 
ATOM   695  O OE1 . GLU A 1 91  ? 2.405   -16.437 -3.007  1.00 26.87 ? 88  GLU A OE1 1 
ATOM   696  O OE2 . GLU A 1 91  ? 0.717   -15.441 -3.938  1.00 31.48 ? 88  GLU A OE2 1 
ATOM   697  N N   . PRO A 1 92  ? 1.452   -16.974 3.174   1.00 27.05 ? 89  PRO A N   1 
ATOM   698  C CA  . PRO A 1 92  ? 2.298   -17.502 4.239   1.00 28.03 ? 89  PRO A CA  1 
ATOM   699  C C   . PRO A 1 92  ? 3.252   -18.613 3.872   1.00 30.24 ? 89  PRO A C   1 
ATOM   700  O O   . PRO A 1 92  ? 4.427   -18.571 4.270   1.00 30.28 ? 89  PRO A O   1 
ATOM   701  C CB  . PRO A 1 92  ? 1.301   -17.916 5.285   1.00 28.36 ? 89  PRO A CB  1 
ATOM   702  C CG  . PRO A 1 92  ? 0.173   -17.029 5.082   1.00 27.10 ? 89  PRO A CG  1 
ATOM   703  C CD  . PRO A 1 92  ? 0.046   -17.077 3.585   1.00 26.28 ? 89  PRO A CD  1 
ATOM   704  N N   . ILE A 1 93  ? 2.772   -19.581 3.091   1.00 31.92 ? 90  ILE A N   1 
ATOM   705  C CA  . ILE A 1 93  ? 3.629   -20.694 2.696   1.00 33.69 ? 90  ILE A CA  1 
ATOM   706  C C   . ILE A 1 93  ? 4.771   -20.210 1.843   1.00 32.66 ? 90  ILE A C   1 
ATOM   707  O O   . ILE A 1 93  ? 5.864   -20.756 1.922   1.00 33.35 ? 90  ILE A O   1 
ATOM   708  C CB  . ILE A 1 93  ? 2.903   -21.777 1.860   1.00 36.64 ? 90  ILE A CB  1 
ATOM   709  C CG1 . ILE A 1 93  ? 1.619   -22.223 2.553   1.00 39.57 ? 90  ILE A CG1 1 
ATOM   710  C CG2 . ILE A 1 93  ? 3.867   -22.999 1.665   1.00 36.97 ? 90  ILE A CG2 1 
ATOM   711  C CD1 . ILE A 1 93  ? 0.659   -23.144 1.637   1.00 42.97 ? 90  ILE A CD1 1 
ATOM   712  N N   . ASN A 1 94  ? 4.534   -19.222 0.981   1.00 30.42 ? 91  ASN A N   1 
ATOM   713  C CA  . ASN A 1 94  ? 5.666   -18.749 0.183   1.00 28.06 ? 91  ASN A CA  1 
ATOM   714  C C   . ASN A 1 94  ? 6.466   -17.599 0.803   1.00 24.76 ? 91  ASN A C   1 
ATOM   715  O O   . ASN A 1 94  ? 7.524   -17.254 0.282   1.00 23.01 ? 91  ASN A O   1 
ATOM   716  C CB  . ASN A 1 94  ? 5.223   -18.358 -1.218  1.00 28.03 ? 91  ASN A CB  1 
ATOM   717  C CG  . ASN A 1 94  ? 4.451   -19.472 -1.901  1.00 29.12 ? 91  ASN A CG  1 
ATOM   718  O OD1 . ASN A 1 94  ? 4.918   -20.618 -1.990  1.00 27.29 ? 91  ASN A OD1 1 
ATOM   719  N ND2 . ASN A 1 94  ? 3.284   -19.141 -2.399  1.00 26.07 ? 91  ASN A ND2 1 
ATOM   720  N N   . LYS A 1 95  ? 6.003   -17.100 1.939   1.00 22.56 ? 92  LYS A N   1 
ATOM   721  C CA  . LYS A 1 95  ? 6.600   -15.935 2.601   1.00 22.72 ? 92  LYS A CA  1 
ATOM   722  C C   . LYS A 1 95  ? 6.657   -14.761 1.563   1.00 22.28 ? 92  LYS A C   1 
ATOM   723  O O   . LYS A 1 95  ? 7.633   -14.032 1.464   1.00 21.52 ? 92  LYS A O   1 
ATOM   724  C CB  . LYS A 1 95  ? 7.976   -16.275 3.160   1.00 23.41 ? 92  LYS A CB  1 
ATOM   725  C CG  . LYS A 1 95  ? 7.888   -17.083 4.415   1.00 23.74 ? 92  LYS A CG  1 
ATOM   726  C CD  . LYS A 1 95  ? 9.247   -17.550 4.879   1.00 27.03 ? 92  LYS A CD  1 
ATOM   727  C CE  . LYS A 1 95  ? 9.111   -18.516 6.088   1.00 27.54 ? 92  LYS A CE  1 
ATOM   728  N NZ  . LYS A 1 95  ? 8.206   -17.985 7.182   1.00 30.00 ? 92  LYS A NZ  1 
ATOM   729  N N   . ALA A 1 96  ? 5.570   -14.610 0.799   1.00 21.89 ? 93  ALA A N   1 
ATOM   730  C CA  . ALA A 1 96  ? 5.477   -13.611 -0.245  1.00 22.76 ? 93  ALA A CA  1 
ATOM   731  C C   . ALA A 1 96  ? 4.328   -12.715 0.055   1.00 23.32 ? 93  ALA A C   1 
ATOM   732  O O   . ALA A 1 96  ? 3.326   -13.169 0.660   1.00 24.74 ? 93  ALA A O   1 
ATOM   733  C CB  . ALA A 1 96  ? 5.278   -14.282 -1.606  1.00 23.38 ? 93  ALA A CB  1 
ATOM   734  N N   . ALA A 1 97  ? 4.486   -11.437 -0.286  1.00 21.77 ? 94  ALA A N   1 
ATOM   735  C CA  . ALA A 1 97  ? 3.420   -10.449 -0.058  1.00 21.71 ? 94  ALA A CA  1 
ATOM   736  C C   . ALA A 1 97  ? 3.320   -9.465  -1.207  1.00 21.32 ? 94  ALA A C   1 
ATOM   737  O O   . ALA A 1 97  ? 4.325   -9.059  -1.796  1.00 20.66 ? 94  ALA A O   1 
ATOM   738  C CB  . ALA A 1 97  ? 3.655   -9.675  1.253   1.00 20.30 ? 94  ALA A CB  1 
ATOM   739  N N   . TYR A 1 98  ? 2.093   -9.076  -1.502  1.00 21.80 ? 95  TYR A N   1 
ATOM   740  C CA  . TYR A 1 98  ? 1.799   -8.143  -2.569  1.00 24.10 ? 95  TYR A CA  1 
ATOM   741  C C   . TYR A 1 98  ? 1.502   -6.806  -1.896  1.00 24.14 ? 95  TYR A C   1 
ATOM   742  O O   . TYR A 1 98  ? 0.590   -6.712  -1.029  1.00 22.78 ? 95  TYR A O   1 
ATOM   743  C CB  . TYR A 1 98  ? 0.570   -8.626  -3.378  1.00 26.37 ? 95  TYR A CB  1 
ATOM   744  C CG  . TYR A 1 98  ? 0.850   -9.844  -4.233  1.00 28.09 ? 95  TYR A CG  1 
ATOM   745  C CD1 . TYR A 1 98  ? 1.439   -9.685  -5.473  1.00 29.75 ? 95  TYR A CD1 1 
ATOM   746  C CD2 . TYR A 1 98  ? 0.612   -11.160 -3.770  1.00 30.86 ? 95  TYR A CD2 1 
ATOM   747  C CE1 . TYR A 1 98  ? 1.822   -10.782 -6.266  1.00 32.89 ? 95  TYR A CE1 1 
ATOM   748  C CE2 . TYR A 1 98  ? 0.994   -12.300 -4.563  1.00 33.49 ? 95  TYR A CE2 1 
ATOM   749  C CZ  . TYR A 1 98  ? 1.614   -12.063 -5.819  1.00 34.24 ? 95  TYR A CZ  1 
ATOM   750  O OH  . TYR A 1 98  ? 2.101   -13.048 -6.643  1.00 38.70 ? 95  TYR A OH  1 
ATOM   751  N N   . ILE A 1 99  ? 2.264   -5.784  -2.303  1.00 22.56 ? 96  ILE A N   1 
ATOM   752  C CA  . ILE A 1 99  ? 2.128   -4.442  -1.739  1.00 20.30 ? 96  ILE A CA  1 
ATOM   753  C C   . ILE A 1 99  ? 1.139   -3.510  -2.439  1.00 19.76 ? 96  ILE A C   1 
ATOM   754  O O   . ILE A 1 99  ? 1.012   -3.542  -3.641  1.00 19.44 ? 96  ILE A O   1 
ATOM   755  C CB  . ILE A 1 99  ? 3.502   -3.732  -1.719  1.00 19.82 ? 96  ILE A CB  1 
ATOM   756  C CG1 . ILE A 1 99  ? 4.394   -4.425  -0.698  1.00 21.38 ? 96  ILE A CG1 1 
ATOM   757  C CG2 . ILE A 1 99  ? 3.357   -2.223  -1.413  1.00 18.65 ? 96  ILE A CG2 1 
ATOM   758  C CD1 . ILE A 1 99  ? 5.897   -4.381  -1.096  1.00 21.87 ? 96  ILE A CD1 1 
ATOM   759  N N   . GLY A 1 100 ? 0.420   -2.729  -1.651  1.00 17.07 ? 97  GLY A N   1 
ATOM   760  C CA  . GLY A 1 100 ? -0.433  -1.711  -2.188  1.00 17.54 ? 97  GLY A CA  1 
ATOM   761  C C   . GLY A 1 100 ? -0.159  -0.447  -1.314  1.00 19.18 ? 97  GLY A C   1 
ATOM   762  O O   . GLY A 1 100 ? 0.185   -0.561  -0.105  1.00 17.77 ? 97  GLY A O   1 
ATOM   763  N N   . TYR A 1 101 ? -0.248  0.746   -1.926  1.00 17.45 ? 98  TYR A N   1 
ATOM   764  C CA  . TYR A 1 101 ? -0.088  2.025   -1.182  1.00 17.49 ? 98  TYR A CA  1 
ATOM   765  C C   . TYR A 1 101 ? -0.626  3.187   -2.000  1.00 17.31 ? 98  TYR A C   1 
ATOM   766  O O   . TYR A 1 101 ? -0.766  3.082   -3.223  1.00 15.57 ? 98  TYR A O   1 
ATOM   767  C CB  . TYR A 1 101 ? 1.404   2.358   -0.844  1.00 15.88 ? 98  TYR A CB  1 
ATOM   768  C CG  . TYR A 1 101 ? 2.395   2.204   -2.002  1.00 13.31 ? 98  TYR A CG  1 
ATOM   769  C CD1 . TYR A 1 101 ? 2.245   2.940   -3.196  1.00 14.74 ? 98  TYR A CD1 1 
ATOM   770  C CD2 . TYR A 1 101 ? 3.421   1.259   -1.945  1.00 14.76 ? 98  TYR A CD2 1 
ATOM   771  C CE1 . TYR A 1 101 ? 3.081   2.746   -4.312  1.00 13.26 ? 98  TYR A CE1 1 
ATOM   772  C CE2 . TYR A 1 101 ? 4.278   1.028   -3.071  1.00 15.95 ? 98  TYR A CE2 1 
ATOM   773  C CZ  . TYR A 1 101 ? 4.107   1.796   -4.254  1.00 16.71 ? 98  TYR A CZ  1 
ATOM   774  O OH  . TYR A 1 101 ? 4.963   1.609   -5.336  1.00 14.17 ? 98  TYR A OH  1 
ATOM   775  N N   . TRP A 1 102 ? -0.945  4.280   -1.307  1.00 17.01 ? 99  TRP A N   1 
ATOM   776  C CA  . TRP A 1 102 ? -1.322  5.502   -1.977  1.00 17.10 ? 99  TRP A CA  1 
ATOM   777  C C   . TRP A 1 102 ? -1.111  6.578   -0.973  1.00 18.28 ? 99  TRP A C   1 
ATOM   778  O O   . TRP A 1 102 ? -1.177  6.331   0.235   1.00 17.16 ? 99  TRP A O   1 
ATOM   779  C CB  . TRP A 1 102 ? -2.764  5.519   -2.506  1.00 16.58 ? 99  TRP A CB  1 
ATOM   780  C CG  . TRP A 1 102 ? -3.897  5.363   -1.475  1.00 15.82 ? 99  TRP A CG  1 
ATOM   781  C CD1 . TRP A 1 102 ? -4.459  4.194   -1.064  1.00 15.47 ? 99  TRP A CD1 1 
ATOM   782  C CD2 . TRP A 1 102 ? -4.630  6.410   -0.813  1.00 15.81 ? 99  TRP A CD2 1 
ATOM   783  N NE1 . TRP A 1 102 ? -5.503  4.437   -0.184  1.00 15.63 ? 99  TRP A NE1 1 
ATOM   784  C CE2 . TRP A 1 102 ? -5.634  5.790   -0.021  1.00 17.15 ? 99  TRP A CE2 1 
ATOM   785  C CE3 . TRP A 1 102 ? -4.552  7.814   -0.825  1.00 17.78 ? 99  TRP A CE3 1 
ATOM   786  C CZ2 . TRP A 1 102 ? -6.554  6.526   0.749   1.00 17.44 ? 99  TRP A CZ2 1 
ATOM   787  C CZ3 . TRP A 1 102 ? -5.474  8.561   -0.058  1.00 20.20 ? 99  TRP A CZ3 1 
ATOM   788  C CH2 . TRP A 1 102 ? -6.468  7.905   0.725   1.00 18.00 ? 99  TRP A CH2 1 
ATOM   789  N N   . LEU A 1 103 ? -0.839  7.782   -1.471  1.00 18.94 ? 100 LEU A N   1 
ATOM   790  C CA  . LEU A 1 103 ? -0.607  8.963   -0.601  1.00 18.60 ? 100 LEU A CA  1 
ATOM   791  C C   . LEU A 1 103 ? -1.543  10.136  -0.927  1.00 17.79 ? 100 LEU A C   1 
ATOM   792  O O   . LEU A 1 103 ? -1.731  10.417  -2.088  1.00 18.26 ? 100 LEU A O   1 
ATOM   793  C CB  . LEU A 1 103 ? 0.812   9.484   -0.803  1.00 18.15 ? 100 LEU A CB  1 
ATOM   794  C CG  . LEU A 1 103 ? 1.985   9.140   0.132   1.00 22.11 ? 100 LEU A CG  1 
ATOM   795  C CD1 . LEU A 1 103 ? 3.247   10.013  -0.280  1.00 17.40 ? 100 LEU A CD1 1 
ATOM   796  C CD2 . LEU A 1 103 ? 1.567   9.362   1.638   1.00 16.94 ? 100 LEU A CD2 1 
ATOM   797  N N   . ASP A 1 104 ? -2.100  10.820  0.071   1.00 18.39 ? 101 ASP A N   1 
ATOM   798  C CA  . ASP A 1 104 ? -2.951  11.978  -0.183  1.00 20.42 ? 101 ASP A CA  1 
ATOM   799  C C   . ASP A 1 104 ? -2.102  12.928  -1.049  1.00 21.67 ? 101 ASP A C   1 
ATOM   800  O O   . ASP A 1 104 ? -0.889  13.104  -0.820  1.00 19.18 ? 101 ASP A O   1 
ATOM   801  C CB  . ASP A 1 104 ? -3.342  12.648  1.134   1.00 23.62 ? 101 ASP A CB  1 
ATOM   802  C CG  . ASP A 1 104 ? -3.879  14.040  0.934   1.00 28.22 ? 101 ASP A CG  1 
ATOM   803  O OD1 . ASP A 1 104 ? -5.047  14.194  0.512   1.00 30.99 ? 101 ASP A OD1 1 
ATOM   804  O OD2 . ASP A 1 104 ? -3.128  14.999  1.187   1.00 31.77 ? 101 ASP A OD2 1 
ATOM   805  N N   . GLU A 1 105 ? -2.704  13.497  -2.090  1.00 24.27 ? 102 GLU A N   1 
ATOM   806  C CA  . GLU A 1 105 ? -1.952  14.394  -2.976  1.00 26.47 ? 102 GLU A CA  1 
ATOM   807  C C   . GLU A 1 105 ? -1.152  15.500  -2.272  1.00 25.35 ? 102 GLU A C   1 
ATOM   808  O O   . GLU A 1 105 ? -0.087  15.877  -2.736  1.00 24.31 ? 102 GLU A O   1 
ATOM   809  C CB  . GLU A 1 105 ? -2.883  15.010  -4.034  1.00 30.79 ? 102 GLU A CB  1 
ATOM   810  C CG  . GLU A 1 105 ? -3.461  16.356  -3.701  1.00 41.90 ? 102 GLU A CG  1 
ATOM   811  C CD  . GLU A 1 105 ? -4.926  16.353  -3.142  1.00 48.13 ? 102 GLU A CD  1 
ATOM   812  O OE1 . GLU A 1 105 ? -5.903  16.362  -3.970  1.00 49.62 ? 102 GLU A OE1 1 
ATOM   813  O OE2 . GLU A 1 105 ? -5.083  16.359  -1.875  1.00 50.95 ? 102 GLU A OE2 1 
ATOM   814  N N   . SER A 1 106 ? -1.625  15.996  -1.129  1.00 25.02 ? 103 SER A N   1 
ATOM   815  C CA  . SER A 1 106 ? -0.894  17.045  -0.506  1.00 25.75 ? 103 SER A CA  1 
ATOM   816  C C   . SER A 1 106 ? 0.354   16.591  0.322   1.00 26.08 ? 103 SER A C   1 
ATOM   817  O O   . SER A 1 106 ? 1.117   17.437  0.822   1.00 26.96 ? 103 SER A O   1 
ATOM   818  C CB  . SER A 1 106 ? -1.875  17.901  0.304   1.00 28.01 ? 103 SER A CB  1 
ATOM   819  O OG  . SER A 1 106 ? -1.813  17.576  1.677   1.00 34.53 ? 103 SER A OG  1 
ATOM   820  N N   . PHE A 1 107 ? 0.565   15.278  0.444   1.00 23.38 ? 104 PHE A N   1 
ATOM   821  C CA  . PHE A 1 107 ? 1.713   14.712  1.161   1.00 21.91 ? 104 PHE A CA  1 
ATOM   822  C C   . PHE A 1 107 ? 2.743   14.112  0.175   1.00 21.21 ? 104 PHE A C   1 
ATOM   823  O O   . PHE A 1 107 ? 3.699   13.510  0.582   1.00 22.10 ? 104 PHE A O   1 
ATOM   824  C CB  . PHE A 1 107 ? 1.251   13.642  2.201   1.00 21.27 ? 104 PHE A CB  1 
ATOM   825  C CG  . PHE A 1 107 ? 0.637   14.240  3.454   1.00 22.49 ? 104 PHE A CG  1 
ATOM   826  C CD1 . PHE A 1 107 ? -0.706  14.552  3.505   1.00 23.28 ? 104 PHE A CD1 1 
ATOM   827  C CD2 . PHE A 1 107 ? 1.440   14.573  4.559   1.00 23.87 ? 104 PHE A CD2 1 
ATOM   828  C CE1 . PHE A 1 107 ? -1.267  15.194  4.637   1.00 25.30 ? 104 PHE A CE1 1 
ATOM   829  C CE2 . PHE A 1 107 ? 0.913   15.219  5.701   1.00 24.05 ? 104 PHE A CE2 1 
ATOM   830  C CZ  . PHE A 1 107 ? -0.456  15.532  5.738   1.00 25.09 ? 104 PHE A CZ  1 
ATOM   831  N N   . GLN A 1 108 ? 2.521   14.250  -1.121  1.00 20.03 ? 105 GLN A N   1 
ATOM   832  C CA  . GLN A 1 108 ? 3.466   13.755  -2.108  1.00 21.24 ? 105 GLN A CA  1 
ATOM   833  C C   . GLN A 1 108 ? 4.750   14.598  -2.356  1.00 23.40 ? 105 GLN A C   1 
ATOM   834  O O   . GLN A 1 108 ? 4.842   15.791  -1.945  1.00 24.14 ? 105 GLN A O   1 
ATOM   835  C CB  . GLN A 1 108 ? 2.737   13.571  -3.423  1.00 20.60 ? 105 GLN A CB  1 
ATOM   836  C CG  . GLN A 1 108 ? 1.719   12.480  -3.327  1.00 21.15 ? 105 GLN A CG  1 
ATOM   837  C CD  . GLN A 1 108 ? 0.974   12.264  -4.618  1.00 23.62 ? 105 GLN A CD  1 
ATOM   838  O OE1 . GLN A 1 108 ? 1.377   12.778  -5.701  1.00 22.48 ? 105 GLN A OE1 1 
ATOM   839  N NE2 . GLN A 1 108 ? -0.135  11.470  -4.533  1.00 23.03 ? 105 GLN A NE2 1 
ATOM   840  N N   . GLY A 1 109 ? 5.735   13.995  -3.021  1.00 21.28 ? 106 GLY A N   1 
ATOM   841  C CA  . GLY A 1 109 ? 6.923   14.733  -3.313  1.00 21.60 ? 106 GLY A CA  1 
ATOM   842  C C   . GLY A 1 109 ? 7.829   14.947  -2.111  1.00 23.67 ? 106 GLY A C   1 
ATOM   843  O O   . GLY A 1 109 ? 8.716   15.766  -2.209  1.00 22.21 ? 106 GLY A O   1 
ATOM   844  N N   . GLN A 1 110 ? 7.654   14.206  -1.014  1.00 22.96 ? 107 GLN A N   1 
ATOM   845  C CA  . GLN A 1 110 ? 8.507   14.374  0.140   1.00 23.73 ? 107 GLN A CA  1 
ATOM   846  C C   . GLN A 1 110 ? 9.243   13.109  0.548   1.00 22.42 ? 107 GLN A C   1 
ATOM   847  O O   . GLN A 1 110 ? 9.824   13.059  1.647   1.00 22.56 ? 107 GLN A O   1 
ATOM   848  C CB  . GLN A 1 110 ? 7.662   14.856  1.333   1.00 28.89 ? 107 GLN A CB  1 
ATOM   849  C CG  . GLN A 1 110 ? 7.100   16.250  1.165   1.00 32.55 ? 107 GLN A CG  1 
ATOM   850  C CD  . GLN A 1 110 ? 6.061   16.580  2.240   1.00 38.71 ? 107 GLN A CD  1 
ATOM   851  O OE1 . GLN A 1 110 ? 6.377   16.602  3.451   1.00 42.15 ? 107 GLN A OE1 1 
ATOM   852  N NE2 . GLN A 1 110 ? 4.804   16.844  1.809   1.00 40.37 ? 107 GLN A NE2 1 
ATOM   853  N N   . GLY A 1 111 ? 9.253   12.112  -0.339  1.00 19.88 ? 108 GLY A N   1 
ATOM   854  C CA  . GLY A 1 111 ? 9.864   10.819  -0.028  1.00 17.72 ? 108 GLY A CA  1 
ATOM   855  C C   . GLY A 1 111 ? 9.132   10.068  1.120   1.00 17.31 ? 108 GLY A C   1 
ATOM   856  O O   . GLY A 1 111 ? 9.683   9.128   1.695   1.00 15.48 ? 108 GLY A O   1 
ATOM   857  N N   . ILE A 1 112 ? 7.905   10.481  1.465   1.00 15.99 ? 109 ILE A N   1 
ATOM   858  C CA  . ILE A 1 112 ? 7.179   9.806   2.545   1.00 16.86 ? 109 ILE A CA  1 
ATOM   859  C C   . ILE A 1 112 ? 6.877   8.339   2.267   1.00 16.66 ? 109 ILE A C   1 
ATOM   860  O O   . ILE A 1 112 ? 7.136   7.475   3.081   1.00 15.96 ? 109 ILE A O   1 
ATOM   861  C CB  . ILE A 1 112 ? 5.874   10.561  2.921   1.00 16.41 ? 109 ILE A CB  1 
ATOM   862  C CG1 . ILE A 1 112 ? 6.243   11.843  3.692   1.00 16.92 ? 109 ILE A CG1 1 
ATOM   863  C CG2 . ILE A 1 112 ? 4.940   9.662   3.698   1.00 15.74 ? 109 ILE A CG2 1 
ATOM   864  C CD1 . ILE A 1 112 ? 5.141   12.733  4.109   1.00 16.66 ? 109 ILE A CD1 1 
ATOM   865  N N   . MET A 1 113 ? 6.363   8.041   1.097   1.00 17.96 ? 110 MET A N   1 
ATOM   866  C CA  . MET A 1 113 ? 6.085   6.638   0.790   1.00 17.10 ? 110 MET A CA  1 
ATOM   867  C C   . MET A 1 113 ? 7.379   5.782   0.633   1.00 18.31 ? 110 MET A C   1 
ATOM   868  O O   . MET A 1 113 ? 7.457   4.593   1.054   1.00 16.87 ? 110 MET A O   1 
ATOM   869  C CB  . MET A 1 113 ? 5.208   6.545   -0.474  1.00 16.28 ? 110 MET A CB  1 
ATOM   870  C CG  . MET A 1 113 ? 4.762   5.103   -0.769  1.00 17.57 ? 110 MET A CG  1 
ATOM   871  S SD  . MET A 1 113 ? 3.769   4.394   0.567   1.00 15.93 ? 110 MET A SD  1 
ATOM   872  C CE  . MET A 1 113 ? 2.374   5.415   0.443   1.00 14.53 ? 110 MET A CE  1 
ATOM   873  N N   . SER A 1 114 ? 8.380   6.367   -0.015  1.00 18.62 ? 111 SER A N   1 
ATOM   874  C CA  . SER A 1 114 ? 9.648   5.664   -0.176  1.00 18.01 ? 111 SER A CA  1 
ATOM   875  C C   . SER A 1 114 ? 10.146  5.213   1.201   1.00 18.46 ? 111 SER A C   1 
ATOM   876  O O   . SER A 1 114 ? 10.511  4.052   1.387   1.00 17.02 ? 111 SER A O   1 
ATOM   877  C CB  . SER A 1 114 ? 10.720  6.572   -0.765  1.00 17.26 ? 111 SER A CB  1 
ATOM   878  O OG  . SER A 1 114 ? 10.492  6.850   -2.126  1.00 21.65 ? 111 SER A OG  1 
ATOM   879  N N   . GLN A 1 115 ? 10.194  6.135   2.157   1.00 19.45 ? 112 GLN A N   1 
ATOM   880  C CA  . GLN A 1 115 ? 10.714  5.786   3.479   1.00 21.46 ? 112 GLN A CA  1 
ATOM   881  C C   . GLN A 1 115 ? 9.816   4.802   4.248   1.00 20.81 ? 112 GLN A C   1 
ATOM   882  O O   . GLN A 1 115 ? 10.316  3.976   5.004   1.00 19.40 ? 112 GLN A O   1 
ATOM   883  C CB  . GLN A 1 115 ? 10.867  7.018   4.380   1.00 23.87 ? 112 GLN A CB  1 
ATOM   884  C CG  . GLN A 1 115 ? 11.487  8.181   3.738   1.00 32.45 ? 112 GLN A CG  1 
ATOM   885  C CD  . GLN A 1 115 ? 11.588  9.354   4.695   1.00 34.91 ? 112 GLN A CD  1 
ATOM   886  O OE1 . GLN A 1 115 ? 12.303  9.272   5.691   1.00 35.10 ? 112 GLN A OE1 1 
ATOM   887  N NE2 . GLN A 1 115 ? 10.874  10.462  4.386   1.00 38.26 ? 112 GLN A NE2 1 
ATOM   888  N N   . SER A 1 116 ? 8.498   4.969   4.104   1.00 18.32 ? 113 SER A N   1 
ATOM   889  C CA  . SER A 1 116 ? 7.570   4.120   4.825   1.00 15.97 ? 113 SER A CA  1 
ATOM   890  C C   . SER A 1 116 ? 7.683   2.704   4.299   1.00 15.29 ? 113 SER A C   1 
ATOM   891  O O   . SER A 1 116 ? 7.598   1.771   5.038   1.00 15.06 ? 113 SER A O   1 
ATOM   892  C CB  . SER A 1 116 ? 6.131   4.620   4.656   1.00 16.77 ? 113 SER A CB  1 
ATOM   893  O OG  . SER A 1 116 ? 5.940   5.858   5.260   1.00 18.49 ? 113 SER A OG  1 
ATOM   894  N N   . LEU A 1 117 ? 7.880   2.549   3.008   1.00 16.75 ? 114 LEU A N   1 
ATOM   895  C CA  . LEU A 1 117 ? 7.926   1.207   2.426   1.00 17.42 ? 114 LEU A CA  1 
ATOM   896  C C   . LEU A 1 117 ? 9.178   0.504   2.881   1.00 17.34 ? 114 LEU A C   1 
ATOM   897  O O   . LEU A 1 117 ? 9.158   -0.649  3.254   1.00 16.81 ? 114 LEU A O   1 
ATOM   898  C CB  . LEU A 1 117 ? 7.846   1.263   0.892   1.00 14.28 ? 114 LEU A CB  1 
ATOM   899  C CG  . LEU A 1 117 ? 8.141   -0.028  0.146   1.00 15.26 ? 114 LEU A CG  1 
ATOM   900  C CD1 . LEU A 1 117 ? 7.040   -1.090  0.444   1.00 14.31 ? 114 LEU A CD1 1 
ATOM   901  C CD2 . LEU A 1 117 ? 8.243   0.239   -1.376  1.00 15.88 ? 114 LEU A CD2 1 
ATOM   902  N N   . GLN A 1 118 ? 10.269  1.233   2.892   1.00 18.28 ? 115 GLN A N   1 
ATOM   903  C CA  . GLN A 1 118 ? 11.489  0.645   3.323   1.00 19.43 ? 115 GLN A CA  1 
ATOM   904  C C   . GLN A 1 118 ? 11.411  0.227   4.808   1.00 20.18 ? 115 GLN A C   1 
ATOM   905  O O   . GLN A 1 118 ? 11.853  -0.885  5.184   1.00 17.50 ? 115 GLN A O   1 
ATOM   906  C CB  . GLN A 1 118 ? 12.598  1.614   3.107   1.00 23.03 ? 115 GLN A CB  1 
ATOM   907  C CG  . GLN A 1 118 ? 13.879  0.997   3.468   1.00 27.84 ? 115 GLN A CG  1 
ATOM   908  C CD  . GLN A 1 118 ? 14.516  1.819   4.458   1.00 34.71 ? 115 GLN A CD  1 
ATOM   909  O OE1 . GLN A 1 118 ? 14.072  1.852   5.642   1.00 34.45 ? 115 GLN A OE1 1 
ATOM   910  N NE2 . GLN A 1 118 ? 15.557  2.594   4.012   1.00 36.28 ? 115 GLN A NE2 1 
ATOM   911  N N   . ALA A 1 119 ? 10.799  1.077   5.642   1.00 19.07 ? 116 ALA A N   1 
ATOM   912  C CA  . ALA A 1 119 ? 10.709  0.692   7.043   1.00 19.45 ? 116 ALA A CA  1 
ATOM   913  C C   . ALA A 1 119 ? 9.827   -0.543  7.181   1.00 18.69 ? 116 ALA A C   1 
ATOM   914  O O   . ALA A 1 119 ? 10.189  -1.467  7.907   1.00 19.37 ? 116 ALA A O   1 
ATOM   915  C CB  . ALA A 1 119 ? 10.192  1.828   7.949   1.00 18.67 ? 116 ALA A CB  1 
ATOM   916  N N   . LEU A 1 120 ? 8.704   -0.562  6.476   1.00 16.20 ? 117 LEU A N   1 
ATOM   917  C CA  . LEU A 1 120 ? 7.766   -1.709  6.529   1.00 17.37 ? 117 LEU A CA  1 
ATOM   918  C C   . LEU A 1 120 ? 8.383   -3.037  6.061   1.00 18.20 ? 117 LEU A C   1 
ATOM   919  O O   . LEU A 1 120 ? 8.183   -4.041  6.734   1.00 18.69 ? 117 LEU A O   1 
ATOM   920  C CB  . LEU A 1 120 ? 6.440   -1.421  5.728   1.00 14.22 ? 117 LEU A CB  1 
ATOM   921  C CG  . LEU A 1 120 ? 5.425   -2.577  5.644   1.00 19.04 ? 117 LEU A CG  1 
ATOM   922  C CD1 . LEU A 1 120 ? 4.719   -2.725  6.992   1.00 18.04 ? 117 LEU A CD1 1 
ATOM   923  C CD2 . LEU A 1 120 ? 4.373   -2.362  4.514   1.00 19.30 ? 117 LEU A CD2 1 
ATOM   924  N N   . MET A 1 121 ? 9.123   -3.028  4.936   1.00 18.36 ? 118 MET A N   1 
ATOM   925  C CA  . MET A 1 121 ? 9.712   -4.230  4.402   1.00 18.80 ? 118 MET A CA  1 
ATOM   926  C C   . MET A 1 121 ? 10.773  -4.734  5.353   1.00 19.88 ? 118 MET A C   1 
ATOM   927  O O   . MET A 1 121 ? 10.802  -5.919  5.656   1.00 21.49 ? 118 MET A O   1 
ATOM   928  C CB  . MET A 1 121 ? 10.366  -4.012  3.028   1.00 19.77 ? 118 MET A CB  1 
ATOM   929  C CG  . MET A 1 121 ? 9.460   -4.062  1.838   1.00 24.87 ? 118 MET A CG  1 
ATOM   930  S SD  . MET A 1 121 ? 10.337  -4.012  0.230   1.00 27.48 ? 118 MET A SD  1 
ATOM   931  C CE  . MET A 1 121 ? 11.290  -2.577  0.278   1.00 23.13 ? 118 MET A CE  1 
ATOM   932  N N   . THR A 1 122 ? 11.682  -3.860  5.764   1.00 18.35 ? 119 THR A N   1 
ATOM   933  C CA  . THR A 1 122 ? 12.712  -4.240  6.693   1.00 17.25 ? 119 THR A CA  1 
ATOM   934  C C   . THR A 1 122 ? 12.105  -4.919  7.943   1.00 16.70 ? 119 THR A C   1 
ATOM   935  O O   . THR A 1 122 ? 12.549  -5.967  8.362   1.00 15.86 ? 119 THR A O   1 
ATOM   936  C CB  . THR A 1 122 ? 13.538  -3.013  7.112   1.00 19.89 ? 119 THR A CB  1 
ATOM   937  O OG1 . THR A 1 122 ? 14.517  -2.705  6.075   1.00 21.42 ? 119 THR A OG1 1 
ATOM   938  C CG2 . THR A 1 122 ? 14.217  -3.272  8.445   1.00 19.78 ? 119 THR A CG2 1 
ATOM   939  N N   . HIS A 1 123 ? 11.065  -4.350  8.492   1.00 16.61 ? 120 HIS A N   1 
ATOM   940  C CA  . HIS A 1 123 ? 10.439  -4.900  9.675   1.00 18.00 ? 120 HIS A CA  1 
ATOM   941  C C   . HIS A 1 123 ? 9.938   -6.338  9.440   1.00 20.46 ? 120 HIS A C   1 
ATOM   942  O O   . HIS A 1 123 ? 10.145  -7.230  10.309  1.00 20.09 ? 120 HIS A O   1 
ATOM   943  C CB  . HIS A 1 123 ? 9.285   -4.010  10.087  1.00 17.37 ? 120 HIS A CB  1 
ATOM   944  C CG  . HIS A 1 123 ? 8.489   -4.519  11.260  1.00 18.26 ? 120 HIS A CG  1 
ATOM   945  N ND1 . HIS A 1 123 ? 8.795   -4.210  12.573  1.00 17.31 ? 120 HIS A ND1 1 
ATOM   946  C CD2 . HIS A 1 123 ? 7.322   -5.192  11.315  1.00 15.06 ? 120 HIS A CD2 1 
ATOM   947  C CE1 . HIS A 1 123 ? 7.851   -4.643  13.380  1.00 15.97 ? 120 HIS A CE1 1 
ATOM   948  N NE2 . HIS A 1 123 ? 6.939   -5.250  12.632  1.00 19.79 ? 120 HIS A NE2 1 
ATOM   949  N N   . TYR A 1 124 ? 9.315   -6.584  8.272   1.00 19.52 ? 121 TYR A N   1 
ATOM   950  C CA  . TYR A 1 124 ? 8.829   -7.938  7.979   1.00 19.10 ? 121 TYR A CA  1 
ATOM   951  C C   . TYR A 1 124 ? 9.917   -8.880  7.570   1.00 18.26 ? 121 TYR A C   1 
ATOM   952  O O   . TYR A 1 124 ? 9.877   -10.038 7.958   1.00 19.76 ? 121 TYR A O   1 
ATOM   953  C CB  . TYR A 1 124 ? 7.650   -7.941  6.952   1.00 18.73 ? 121 TYR A CB  1 
ATOM   954  C CG  . TYR A 1 124 ? 6.322   -7.604  7.635   1.00 17.64 ? 121 TYR A CG  1 
ATOM   955  C CD1 . TYR A 1 124 ? 5.952   -6.267  7.898   1.00 19.14 ? 121 TYR A CD1 1 
ATOM   956  C CD2 . TYR A 1 124 ? 5.524   -8.615  8.195   1.00 18.29 ? 121 TYR A CD2 1 
ATOM   957  C CE1 . TYR A 1 124 ? 4.812   -5.967  8.743   1.00 20.52 ? 121 TYR A CE1 1 
ATOM   958  C CE2 . TYR A 1 124 ? 4.376   -8.313  9.018   1.00 17.95 ? 121 TYR A CE2 1 
ATOM   959  C CZ  . TYR A 1 124 ? 4.055   -7.039  9.290   1.00 19.67 ? 121 TYR A CZ  1 
ATOM   960  O OH  . TYR A 1 124 ? 3.011   -6.808  10.133  1.00 24.34 ? 121 TYR A OH  1 
ATOM   961  N N   . ALA A 1 125 ? 10.898  -8.431  6.799   1.00 17.73 ? 122 ALA A N   1 
ATOM   962  C CA  . ALA A 1 125 ? 11.995  -9.336  6.459   1.00 17.21 ? 122 ALA A CA  1 
ATOM   963  C C   . ALA A 1 125 ? 12.718  -9.719  7.825   1.00 19.39 ? 122 ALA A C   1 
ATOM   964  O O   . ALA A 1 125 ? 13.065  -10.849 7.990   1.00 20.81 ? 122 ALA A O   1 
ATOM   965  C CB  . ALA A 1 125 ? 12.987  -8.683  5.454   1.00 15.40 ? 122 ALA A CB  1 
ATOM   966  N N   . ARG A 1 126 ? 12.867  -8.791  8.782   1.00 19.60 ? 123 ARG A N   1 
ATOM   967  C CA  . ARG A 1 126 ? 13.506  -9.063  10.058  1.00 23.03 ? 123 ARG A CA  1 
ATOM   968  C C   . ARG A 1 126 ? 12.729  -10.085 10.846  1.00 24.64 ? 123 ARG A C   1 
ATOM   969  O O   . ARG A 1 126 ? 13.324  -10.975 11.396  1.00 25.27 ? 123 ARG A O   1 
ATOM   970  C CB  . ARG A 1 126 ? 13.675  -7.797  10.921  1.00 23.51 ? 123 ARG A CB  1 
ATOM   971  C CG  . ARG A 1 126 ? 14.748  -6.956  10.423  1.00 24.06 ? 123 ARG A CG  1 
ATOM   972  C CD  . ARG A 1 126 ? 14.976  -5.787  11.253  1.00 27.83 ? 123 ARG A CD  1 
ATOM   973  N NE  . ARG A 1 126 ? 16.317  -5.463  10.829  1.00 33.61 ? 123 ARG A NE  1 
ATOM   974  C CZ  . ARG A 1 126 ? 17.025  -4.383  11.118  1.00 34.65 ? 123 ARG A CZ  1 
ATOM   975  N NH1 . ARG A 1 126 ? 16.563  -3.419  11.883  1.00 36.67 ? 123 ARG A NH1 1 
ATOM   976  N NH2 . ARG A 1 126 ? 18.197  -4.243  10.545  1.00 36.84 ? 123 ARG A NH2 1 
ATOM   977  N N   . ARG A 1 127 ? 11.416  -9.916  10.946  1.00 24.61 ? 124 ARG A N   1 
ATOM   978  C CA  . ARG A 1 127 ? 10.568  -10.889 11.610  1.00 25.21 ? 124 ARG A CA  1 
ATOM   979  C C   . ARG A 1 127 ? 10.668  -12.229 10.886  1.00 27.25 ? 124 ARG A C   1 
ATOM   980  O O   . ARG A 1 127 ? 10.477  -13.276 11.489  1.00 26.78 ? 124 ARG A O   1 
ATOM   981  C CB  . ARG A 1 127 ? 9.103   -10.475 11.550  1.00 27.18 ? 124 ARG A CB  1 
ATOM   982  C CG  . ARG A 1 127 ? 8.687   -9.434  12.566  1.00 29.13 ? 124 ARG A CG  1 
ATOM   983  C CD  . ARG A 1 127 ? 7.441   -8.741  12.008  1.00 31.11 ? 124 ARG A CD  1 
ATOM   984  N NE  . ARG A 1 127 ? 6.362   -9.694  11.721  1.00 31.65 ? 124 ARG A NE  1 
ATOM   985  C CZ  . ARG A 1 127 ? 5.299   -9.857  12.508  1.00 33.09 ? 124 ARG A CZ  1 
ATOM   986  N NH1 . ARG A 1 127 ? 5.192   -9.158  13.620  1.00 32.13 ? 124 ARG A NH1 1 
ATOM   987  N NH2 . ARG A 1 127 ? 4.346   -10.725 12.192  1.00 34.56 ? 124 ARG A NH2 1 
ATOM   988  N N   . GLY A 1 128 ? 10.924  -12.197 9.583   1.00 27.25 ? 125 GLY A N   1 
ATOM   989  C CA  . GLY A 1 128 ? 11.029  -13.438 8.855   1.00 28.01 ? 125 GLY A CA  1 
ATOM   990  C C   . GLY A 1 128 ? 9.736   -14.034 8.303   1.00 29.41 ? 125 GLY A C   1 
ATOM   991  O O   . GLY A 1 128 ? 9.781   -15.103 7.702   1.00 30.35 ? 125 GLY A O   1 
ATOM   992  N N   . ASP A 1 129 ? 8.568   -13.410 8.478   1.00 29.15 ? 126 ASP A N   1 
ATOM   993  C CA  . ASP A 1 129 ? 7.414   -14.064 7.868   1.00 28.83 ? 126 ASP A CA  1 
ATOM   994  C C   . ASP A 1 129 ? 7.155   -13.596 6.416   1.00 27.07 ? 126 ASP A C   1 
ATOM   995  O O   . ASP A 1 129 ? 6.247   -14.111 5.756   1.00 26.20 ? 126 ASP A O   1 
ATOM   996  C CB  . ASP A 1 129 ? 6.165   -13.979 8.778   1.00 31.98 ? 126 ASP A CB  1 
ATOM   997  C CG  . ASP A 1 129 ? 5.922   -12.598 9.333   1.00 34.41 ? 126 ASP A CG  1 
ATOM   998  O OD1 . ASP A 1 129 ? 6.642   -11.666 8.945   1.00 37.01 ? 126 ASP A OD1 1 
ATOM   999  O OD2 . ASP A 1 129 ? 4.990   -12.439 10.146  1.00 37.50 ? 126 ASP A OD2 1 
ATOM   1000 N N   . ILE A 1 130 ? 7.972   -12.649 5.921   1.00 24.05 ? 127 ILE A N   1 
ATOM   1001 C CA  . ILE A 1 130 ? 7.858   -12.201 4.537   1.00 22.56 ? 127 ILE A CA  1 
ATOM   1002 C C   . ILE A 1 130 ? 9.259   -11.944 3.971   1.00 23.25 ? 127 ILE A C   1 
ATOM   1003 O O   . ILE A 1 130 ? 10.049  -11.161 4.525   1.00 23.56 ? 127 ILE A O   1 
ATOM   1004 C CB  . ILE A 1 130 ? 7.016   -10.911 4.390   1.00 22.44 ? 127 ILE A CB  1 
ATOM   1005 C CG1 . ILE A 1 130 ? 5.547   -11.156 4.804   1.00 21.19 ? 127 ILE A CG1 1 
ATOM   1006 C CG2 . ILE A 1 130 ? 7.140   -10.413 2.985   1.00 20.52 ? 127 ILE A CG2 1 
ATOM   1007 C CD1 . ILE A 1 130 ? 4.743   -9.831  5.059   1.00 21.00 ? 127 ILE A CD1 1 
ATOM   1008 N N   . ARG A 1 131 ? 9.596   -12.593 2.869   1.00 20.74 ? 128 ARG A N   1 
ATOM   1009 C CA  . ARG A 1 131 ? 10.929  -12.397 2.360   1.00 21.61 ? 128 ARG A CA  1 
ATOM   1010 C C   . ARG A 1 131 ? 10.918  -11.950 0.927   1.00 21.20 ? 128 ARG A C   1 
ATOM   1011 O O   . ARG A 1 131 ? 11.945  -11.477 0.380   1.00 22.85 ? 128 ARG A O   1 
ATOM   1012 C CB  . ARG A 1 131 ? 11.721  -13.695 2.514   1.00 21.23 ? 128 ARG A CB  1 
ATOM   1013 C CG  . ARG A 1 131 ? 11.205  -14.799 1.583   1.00 23.38 ? 128 ARG A CG  1 
ATOM   1014 C CD  . ARG A 1 131 ? 11.787  -16.131 2.051   1.00 23.04 ? 128 ARG A CD  1 
ATOM   1015 N NE  . ARG A 1 131 ? 13.125  -16.247 1.518   1.00 21.44 ? 128 ARG A NE  1 
ATOM   1016 C CZ  . ARG A 1 131 ? 13.387  -16.334 0.220   1.00 23.80 ? 128 ARG A CZ  1 
ATOM   1017 N NH1 . ARG A 1 131 ? 12.394  -16.317 -0.649  1.00 27.59 ? 128 ARG A NH1 1 
ATOM   1018 N NH2 . ARG A 1 131 ? 14.631  -16.440 -0.241  1.00 24.36 ? 128 ARG A NH2 1 
ATOM   1019 N N   . ARG A 1 132 ? 9.753   -12.130 0.327   1.00 21.20 ? 129 ARG A N   1 
ATOM   1020 C CA  . ARG A 1 132 ? 9.513   -11.764 -1.050  1.00 21.41 ? 129 ARG A CA  1 
ATOM   1021 C C   . ARG A 1 132 ? 8.381   -10.726 -1.107  1.00 20.87 ? 129 ARG A C   1 
ATOM   1022 O O   . ARG A 1 132 ? 7.253   -11.021 -0.750  1.00 21.53 ? 129 ARG A O   1 
ATOM   1023 C CB  . ARG A 1 132 ? 9.131   -12.996 -1.900  1.00 21.91 ? 129 ARG A CB  1 
ATOM   1024 C CG  . ARG A 1 132 ? 8.869   -12.671 -3.409  1.00 21.97 ? 129 ARG A CG  1 
ATOM   1025 C CD  . ARG A 1 132 ? 8.479   -13.916 -4.288  1.00 22.09 ? 129 ARG A CD  1 
ATOM   1026 N NE  . ARG A 1 132 ? 7.645   -13.483 -5.405  1.00 21.70 ? 129 ARG A NE  1 
ATOM   1027 C CZ  . ARG A 1 132 ? 8.096   -12.908 -6.518  1.00 21.02 ? 129 ARG A CZ  1 
ATOM   1028 N NH1 . ARG A 1 132 ? 9.386   -12.766 -6.710  1.00 18.45 ? 129 ARG A NH1 1 
ATOM   1029 N NH2 . ARG A 1 132 ? 7.251   -12.493 -7.468  1.00 21.38 ? 129 ARG A NH2 1 
ATOM   1030 N N   . PHE A 1 133 ? 8.718   -9.527  -1.564  1.00 18.61 ? 130 PHE A N   1 
ATOM   1031 C CA  . PHE A 1 133 ? 7.784   -8.420  -1.704  1.00 17.47 ? 130 PHE A CA  1 
ATOM   1032 C C   . PHE A 1 133 ? 7.502   -8.126  -3.153  1.00 16.07 ? 130 PHE A C   1 
ATOM   1033 O O   . PHE A 1 133 ? 8.391   -8.116  -3.989  1.00 15.18 ? 130 PHE A O   1 
ATOM   1034 C CB  . PHE A 1 133 ? 8.355   -7.193  -0.989  1.00 18.91 ? 130 PHE A CB  1 
ATOM   1035 C CG  . PHE A 1 133 ? 8.814   -7.498  0.424   1.00 18.57 ? 130 PHE A CG  1 
ATOM   1036 C CD1 . PHE A 1 133 ? 10.064  -8.073  0.678   1.00 17.11 ? 130 PHE A CD1 1 
ATOM   1037 C CD2 . PHE A 1 133 ? 7.980   -7.242  1.494   1.00 17.95 ? 130 PHE A CD2 1 
ATOM   1038 C CE1 . PHE A 1 133 ? 10.454  -8.388  2.012   1.00 17.73 ? 130 PHE A CE1 1 
ATOM   1039 C CE2 . PHE A 1 133 ? 8.369   -7.557  2.838   1.00 17.05 ? 130 PHE A CE2 1 
ATOM   1040 C CZ  . PHE A 1 133 ? 9.575   -8.114  3.085   1.00 16.47 ? 130 PHE A CZ  1 
ATOM   1041 N N   . VAL A 1 134 ? 6.249   -7.853  -3.455  1.00 17.78 ? 131 VAL A N   1 
ATOM   1042 C CA  . VAL A 1 134 ? 5.899   -7.621  -4.849  1.00 18.53 ? 131 VAL A CA  1 
ATOM   1043 C C   . VAL A 1 134 ? 5.081   -6.374  -5.038  1.00 19.66 ? 131 VAL A C   1 
ATOM   1044 O O   . VAL A 1 134 ? 4.220   -6.057  -4.192  1.00 19.09 ? 131 VAL A O   1 
ATOM   1045 C CB  . VAL A 1 134 ? 5.030   -8.817  -5.413  1.00 22.06 ? 131 VAL A CB  1 
ATOM   1046 C CG1 . VAL A 1 134 ? 4.840   -8.695  -6.948  1.00 19.45 ? 131 VAL A CG1 1 
ATOM   1047 C CG2 . VAL A 1 134 ? 5.720   -10.223 -5.038  1.00 22.10 ? 131 VAL A CG2 1 
ATOM   1048 N N   . ILE A 1 135 ? 5.357   -5.653  -6.132  1.00 19.52 ? 132 ILE A N   1 
ATOM   1049 C CA  . ILE A 1 135 ? 4.544   -4.483  -6.489  1.00 20.76 ? 132 ILE A CA  1 
ATOM   1050 C C   . ILE A 1 135 ? 4.068   -4.632  -7.972  1.00 20.99 ? 132 ILE A C   1 
ATOM   1051 O O   . ILE A 1 135 ? 4.866   -4.785  -8.891  1.00 21.77 ? 132 ILE A O   1 
ATOM   1052 C CB  . ILE A 1 135 ? 5.331   -3.152  -6.343  1.00 21.14 ? 132 ILE A CB  1 
ATOM   1053 C CG1 . ILE A 1 135 ? 5.742   -2.940  -4.880  1.00 19.68 ? 132 ILE A CG1 1 
ATOM   1054 C CG2 . ILE A 1 135 ? 4.468   -1.973  -6.797  1.00 21.26 ? 132 ILE A CG2 1 
ATOM   1055 C CD1 . ILE A 1 135 ? 6.644   -1.715  -4.653  1.00 14.89 ? 132 ILE A CD1 1 
ATOM   1056 N N   . LYS A 1 136 ? 2.766   -4.652  -8.163  1.00 23.42 ? 133 LYS A N   1 
ATOM   1057 C CA  . LYS A 1 136 ? 2.114   -4.750  -9.484  1.00 26.74 ? 133 LYS A CA  1 
ATOM   1058 C C   . LYS A 1 136 ? 1.361   -3.419  -9.594  1.00 26.77 ? 133 LYS A C   1 
ATOM   1059 O O   . LYS A 1 136 ? 0.593   -3.031  -8.700  1.00 27.09 ? 133 LYS A O   1 
ATOM   1060 C CB  . LYS A 1 136 ? 1.027   -5.827  -9.527  1.00 29.11 ? 133 LYS A CB  1 
ATOM   1061 C CG  . LYS A 1 136 ? 1.438   -7.243  -9.248  1.00 34.06 ? 133 LYS A CG  1 
ATOM   1062 C CD  . LYS A 1 136 ? 0.227   -8.133  -8.900  1.00 37.97 ? 133 LYS A CD  1 
ATOM   1063 C CE  . LYS A 1 136 ? -0.754  -8.262  -10.050 1.00 40.13 ? 133 LYS A CE  1 
ATOM   1064 N NZ  . LYS A 1 136 ? -1.876  -9.191  -9.716  1.00 44.51 ? 133 LYS A NZ  1 
ATOM   1065 N N   . CYS A 1 137 ? 1.545   -2.753  -10.708 1.00 26.88 ? 134 CYS A N   1 
ATOM   1066 C CA  . CYS A 1 137 ? 0.896   -1.480  -10.967 1.00 25.98 ? 134 CYS A CA  1 
ATOM   1067 C C   . CYS A 1 137 ? 1.022   -1.205  -12.473 1.00 25.61 ? 134 CYS A C   1 
ATOM   1068 O O   . CYS A 1 137 ? 1.942   -1.744  -13.157 1.00 25.20 ? 134 CYS A O   1 
ATOM   1069 C CB  . CYS A 1 137 ? 1.611   -0.383  -10.126 1.00 28.13 ? 134 CYS A CB  1 
ATOM   1070 S SG  . CYS A 1 137 ? 0.723   1.187   -10.143 1.00 30.49 ? 134 CYS A SG  1 
ATOM   1071 N N   . ARG A 1 138 ? 0.097   -0.426  -13.028 1.00 25.22 ? 135 ARG A N   1 
ATOM   1072 C CA  . ARG A 1 138 ? 0.200   -0.084  -14.458 1.00 24.27 ? 135 ARG A CA  1 
ATOM   1073 C C   . ARG A 1 138 ? 1.617   0.265   -14.833 1.00 22.78 ? 135 ARG A C   1 
ATOM   1074 O O   . ARG A 1 138 ? 2.310   0.946   -14.085 1.00 23.06 ? 135 ARG A O   1 
ATOM   1075 C CB  . ARG A 1 138 ? -0.615  1.134   -14.779 1.00 25.78 ? 135 ARG A CB  1 
ATOM   1076 C CG  . ARG A 1 138 ? -2.050  0.882   -14.870 1.00 29.47 ? 135 ARG A CG  1 
ATOM   1077 C CD  . ARG A 1 138 ? -2.806  2.214   -14.802 1.00 33.37 ? 135 ARG A CD  1 
ATOM   1078 N NE  . ARG A 1 138 ? -2.511  3.158   -15.883 1.00 34.88 ? 135 ARG A NE  1 
ATOM   1079 C CZ  . ARG A 1 138 ? -3.423  3.998   -16.395 1.00 34.71 ? 135 ARG A CZ  1 
ATOM   1080 N NH1 . ARG A 1 138 ? -4.679  3.978   -15.935 1.00 31.11 ? 135 ARG A NH1 1 
ATOM   1081 N NH2 . ARG A 1 138 ? -3.076  4.842   -17.373 1.00 33.55 ? 135 ARG A NH2 1 
ATOM   1082 N N   . VAL A 1 139 ? 2.057   -0.205  -15.979 1.00 21.79 ? 136 VAL A N   1 
ATOM   1083 C CA  . VAL A 1 139 ? 3.380   0.124   -16.449 1.00 23.73 ? 136 VAL A CA  1 
ATOM   1084 C C   . VAL A 1 139 ? 3.673   1.639   -16.487 1.00 24.38 ? 136 VAL A C   1 
ATOM   1085 O O   . VAL A 1 139 ? 4.804   2.066   -16.256 1.00 25.89 ? 136 VAL A O   1 
ATOM   1086 C CB  . VAL A 1 139 ? 3.610   -0.394  -17.883 1.00 24.77 ? 136 VAL A CB  1 
ATOM   1087 C CG1 . VAL A 1 139 ? 4.992   -0.001  -18.353 1.00 24.02 ? 136 VAL A CG1 1 
ATOM   1088 C CG2 . VAL A 1 139 ? 3.485   -1.925  -17.921 1.00 27.29 ? 136 VAL A CG2 1 
ATOM   1089 N N   . ASP A 1 140 ? 2.657   2.446   -16.757 1.00 25.47 ? 137 ASP A N   1 
ATOM   1090 C CA  . ASP A 1 140 ? 2.816   3.888   -16.903 1.00 27.62 ? 137 ASP A CA  1 
ATOM   1091 C C   . ASP A 1 140 ? 2.722   4.760   -15.645 1.00 28.83 ? 137 ASP A C   1 
ATOM   1092 O O   . ASP A 1 140 ? 2.837   6.011   -15.741 1.00 28.55 ? 137 ASP A O   1 
ATOM   1093 C CB  . ASP A 1 140 ? 1.846   4.419   -17.966 1.00 27.73 ? 137 ASP A CB  1 
ATOM   1094 C CG  . ASP A 1 140 ? 0.411   4.250   -17.581 1.00 31.85 ? 137 ASP A CG  1 
ATOM   1095 O OD1 . ASP A 1 140 ? 0.102   3.726   -16.470 1.00 33.94 ? 137 ASP A OD1 1 
ATOM   1096 O OD2 . ASP A 1 140 ? -0.441  4.653   -18.404 1.00 35.52 ? 137 ASP A OD2 1 
ATOM   1097 N N   . ASN A 1 141 ? 2.516   4.124   -14.488 1.00 27.89 ? 138 ASN A N   1 
ATOM   1098 C CA  . ASN A 1 141 ? 2.489   4.863   -13.207 1.00 27.14 ? 138 ASN A CA  1 
ATOM   1099 C C   . ASN A 1 141 ? 3.982   5.118   -12.827 1.00 27.82 ? 138 ASN A C   1 
ATOM   1100 O O   . ASN A 1 141 ? 4.611   4.310   -12.098 1.00 26.66 ? 138 ASN A O   1 
ATOM   1101 C CB  . ASN A 1 141 ? 1.839   4.003   -12.149 1.00 23.25 ? 138 ASN A CB  1 
ATOM   1102 C CG  . ASN A 1 141 ? 1.556   4.762   -10.884 1.00 22.35 ? 138 ASN A CG  1 
ATOM   1103 O OD1 . ASN A 1 141 ? 2.351   5.620   -10.458 1.00 18.62 ? 138 ASN A OD1 1 
ATOM   1104 N ND2 . ASN A 1 141 ? 0.420   4.458   -10.269 1.00 17.71 ? 138 ASN A ND2 1 
ATOM   1105 N N   . GLN A 1 142 ? 4.557   6.216   -13.318 1.00 27.73 ? 139 GLN A N   1 
ATOM   1106 C CA  . GLN A 1 142 ? 5.986   6.462   -13.046 1.00 29.81 ? 139 GLN A CA  1 
ATOM   1107 C C   . GLN A 1 142 ? 6.358   6.782   -11.603 1.00 28.34 ? 139 GLN A C   1 
ATOM   1108 O O   . GLN A 1 142 ? 7.471   6.457   -11.164 1.00 27.99 ? 139 GLN A O   1 
ATOM   1109 C CB  . GLN A 1 142 ? 6.508   7.542   -13.996 1.00 33.91 ? 139 GLN A CB  1 
ATOM   1110 C CG  . GLN A 1 142 ? 6.302   7.056   -15.455 1.00 42.97 ? 139 GLN A CG  1 
ATOM   1111 C CD  . GLN A 1 142 ? 6.409   8.153   -16.509 1.00 45.90 ? 139 GLN A CD  1 
ATOM   1112 O OE1 . GLN A 1 142 ? 7.521   8.556   -16.901 1.00 48.40 ? 139 GLN A OE1 1 
ATOM   1113 N NE2 . GLN A 1 142 ? 5.237   8.645   -16.986 1.00 49.09 ? 139 GLN A NE2 1 
ATOM   1114 N N   . ALA A 1 143 ? 5.428   7.414   -10.879 1.00 25.50 ? 140 ALA A N   1 
ATOM   1115 C CA  . ALA A 1 143 ? 5.648   7.745   -9.479  1.00 24.56 ? 140 ALA A CA  1 
ATOM   1116 C C   . ALA A 1 143 ? 5.800   6.440   -8.651  1.00 23.64 ? 140 ALA A C   1 
ATOM   1117 O O   . ALA A 1 143 ? 6.683   6.351   -7.802  1.00 24.18 ? 140 ALA A O   1 
ATOM   1118 C CB  . ALA A 1 143 ? 4.475   8.599   -8.936  1.00 21.49 ? 140 ALA A CB  1 
ATOM   1119 N N   . SER A 1 144 ? 4.937   5.446   -8.887  1.00 23.51 ? 141 SER A N   1 
ATOM   1120 C CA  . SER A 1 144 ? 5.033   4.188   -8.137  1.00 23.06 ? 141 SER A CA  1 
ATOM   1121 C C   . SER A 1 144 ? 6.273   3.451   -8.578  1.00 21.71 ? 141 SER A C   1 
ATOM   1122 O O   . SER A 1 144 ? 6.970   2.881   -7.785  1.00 21.25 ? 141 SER A O   1 
ATOM   1123 C CB  . SER A 1 144 ? 3.801   3.309   -8.357  1.00 24.61 ? 141 SER A CB  1 
ATOM   1124 O OG  . SER A 1 144 ? 3.974   2.006   -7.781  1.00 25.08 ? 141 SER A OG  1 
ATOM   1125 N N   . ASN A 1 145 ? 6.584   3.496   -9.857  1.00 22.32 ? 142 ASN A N   1 
ATOM   1126 C CA  . ASN A 1 145 ? 7.763   2.795   -10.301 1.00 21.69 ? 142 ASN A CA  1 
ATOM   1127 C C   . ASN A 1 145 ? 9.011   3.362   -9.628  1.00 21.83 ? 142 ASN A C   1 
ATOM   1128 O O   . ASN A 1 145 ? 9.938   2.615   -9.260  1.00 23.46 ? 142 ASN A O   1 
ATOM   1129 C CB  . ASN A 1 145 ? 7.924   2.889   -11.827 1.00 23.82 ? 142 ASN A CB  1 
ATOM   1130 C CG  . ASN A 1 145 ? 6.853   2.162   -12.571 1.00 23.54 ? 142 ASN A CG  1 
ATOM   1131 O OD1 . ASN A 1 145 ? 6.095   1.396   -12.019 1.00 23.45 ? 142 ASN A OD1 1 
ATOM   1132 N ND2 . ASN A 1 145 ? 6.796   2.394   -13.839 1.00 26.17 ? 142 ASN A ND2 1 
ATOM   1133 N N   . ALA A 1 146 ? 9.074   4.689   -9.500  1.00 20.30 ? 143 ALA A N   1 
ATOM   1134 C CA  . ALA A 1 146 ? 10.215  5.323   -8.807  1.00 17.84 ? 143 ALA A CA  1 
ATOM   1135 C C   . ALA A 1 146 ? 10.294  4.833   -7.326  1.00 16.54 ? 143 ALA A C   1 
ATOM   1136 O O   . ALA A 1 146 ? 11.344  4.588   -6.828  1.00 14.69 ? 143 ALA A O   1 
ATOM   1137 C CB  . ALA A 1 146 ? 10.069  6.860   -8.862  1.00 16.42 ? 143 ALA A CB  1 
ATOM   1138 N N   . VAL A 1 147 ? 9.174   4.715   -6.627  1.00 17.51 ? 144 VAL A N   1 
ATOM   1139 C CA  . VAL A 1 147 ? 9.200   4.183   -5.247  1.00 19.09 ? 144 VAL A CA  1 
ATOM   1140 C C   . VAL A 1 147 ? 9.777   2.733   -5.235  1.00 20.20 ? 144 VAL A C   1 
ATOM   1141 O O   . VAL A 1 147 ? 10.526  2.359   -4.332  1.00 20.33 ? 144 VAL A O   1 
ATOM   1142 C CB  . VAL A 1 147 ? 7.768   4.094   -4.659  1.00 20.52 ? 144 VAL A CB  1 
ATOM   1143 C CG1 . VAL A 1 147 ? 7.772   3.428   -3.274  1.00 20.40 ? 144 VAL A CG1 1 
ATOM   1144 C CG2 . VAL A 1 147 ? 7.153   5.455   -4.612  1.00 21.70 ? 144 VAL A CG2 1 
ATOM   1145 N N   . ALA A 1 148 ? 9.413   1.924   -6.222  1.00 19.79 ? 145 ALA A N   1 
ATOM   1146 C CA  . ALA A 1 148 ? 9.857   0.540   -6.230  1.00 20.75 ? 145 ALA A CA  1 
ATOM   1147 C C   . ALA A 1 148 ? 11.356  0.460   -6.514  1.00 21.81 ? 145 ALA A C   1 
ATOM   1148 O O   . ALA A 1 148 ? 12.085  -0.249  -5.818  1.00 24.60 ? 145 ALA A O   1 
ATOM   1149 C CB  . ALA A 1 148 ? 9.016   -0.334  -7.279  1.00 18.25 ? 145 ALA A CB  1 
ATOM   1150 N N   . ARG A 1 149 ? 11.821  1.183   -7.506  1.00 22.90 ? 146 ARG A N   1 
ATOM   1151 C CA  . ARG A 1 149 ? 13.234  1.161   -7.827  1.00 24.29 ? 146 ARG A CA  1 
ATOM   1152 C C   . ARG A 1 149 ? 14.065  1.744   -6.723  1.00 24.61 ? 146 ARG A C   1 
ATOM   1153 O O   . ARG A 1 149 ? 15.143  1.210   -6.414  1.00 24.38 ? 146 ARG A O   1 
ATOM   1154 C CB  . ARG A 1 149 ? 13.537  1.886   -9.146  1.00 28.41 ? 146 ARG A CB  1 
ATOM   1155 C CG  . ARG A 1 149 ? 13.009  1.149   -10.414 1.00 33.35 ? 146 ARG A CG  1 
ATOM   1156 C CD  . ARG A 1 149 ? 13.600  1.841   -11.651 1.00 42.47 ? 146 ARG A CD  1 
ATOM   1157 N NE  . ARG A 1 149 ? 13.366  3.294   -11.587 1.00 47.63 ? 146 ARG A NE  1 
ATOM   1158 C CZ  . ARG A 1 149 ? 12.293  3.906   -12.104 1.00 50.53 ? 146 ARG A CZ  1 
ATOM   1159 N NH1 . ARG A 1 149 ? 11.351  3.198   -12.761 1.00 50.51 ? 146 ARG A NH1 1 
ATOM   1160 N NH2 . ARG A 1 149 ? 12.112  5.219   -11.885 1.00 50.72 ? 146 ARG A NH2 1 
ATOM   1161 N N   . ARG A 1 150 ? 13.587  2.812   -6.092  1.00 23.67 ? 147 ARG A N   1 
ATOM   1162 C CA  . ARG A 1 150 ? 14.392  3.367   -5.020  1.00 24.33 ? 147 ARG A CA  1 
ATOM   1163 C C   . ARG A 1 150 ? 14.455  2.320   -3.914  1.00 23.92 ? 147 ARG A C   1 
ATOM   1164 O O   . ARG A 1 150 ? 15.428  2.278   -3.201  1.00 25.17 ? 147 ARG A O   1 
ATOM   1165 C CB  . ARG A 1 150 ? 13.855  4.708   -4.486  1.00 22.35 ? 147 ARG A CB  1 
ATOM   1166 C CG  . ARG A 1 150 ? 14.402  5.113   -3.130  1.00 24.09 ? 147 ARG A CG  1 
ATOM   1167 C CD  . ARG A 1 150 ? 14.338  6.649   -2.890  1.00 24.19 ? 147 ARG A CD  1 
ATOM   1168 N NE  . ARG A 1 150 ? 13.105  7.092   -3.437  1.00 28.38 ? 147 ARG A NE  1 
ATOM   1169 C CZ  . ARG A 1 150 ? 12.912  7.912   -4.466  1.00 26.27 ? 147 ARG A CZ  1 
ATOM   1170 N NH1 . ARG A 1 150 ? 13.873  8.493   -5.154  1.00 22.19 ? 147 ARG A NH1 1 
ATOM   1171 N NH2 . ARG A 1 150 ? 11.674  8.066   -4.850  1.00 24.00 ? 147 ARG A NH2 1 
ATOM   1172 N N   . ASN A 1 151 ? 13.472  1.422   -3.830  1.00 23.08 ? 148 ASN A N   1 
ATOM   1173 C CA  . ASN A 1 151 ? 13.511  0.422   -2.765  1.00 23.25 ? 148 ASN A CA  1 
ATOM   1174 C C   . ASN A 1 151 ? 14.139  -0.856  -3.268  1.00 23.13 ? 148 ASN A C   1 
ATOM   1175 O O   . ASN A 1 151 ? 14.004  -1.931  -2.678  1.00 23.33 ? 148 ASN A O   1 
ATOM   1176 C CB  . ASN A 1 151 ? 12.120  0.192   -2.145  1.00 19.44 ? 148 ASN A CB  1 
ATOM   1177 C CG  . ASN A 1 151 ? 11.804  1.203   -1.054  1.00 22.90 ? 148 ASN A CG  1 
ATOM   1178 O OD1 . ASN A 1 151 ? 12.220  1.016   0.116   1.00 20.36 ? 148 ASN A OD1 1 
ATOM   1179 N ND2 . ASN A 1 151 ? 11.049  2.307   -1.418  1.00 20.86 ? 148 ASN A ND2 1 
ATOM   1180 N N   . HIS A 1 152 ? 14.813  -0.725  -4.389  1.00 23.57 ? 149 HIS A N   1 
ATOM   1181 C CA  . HIS A 1 152 ? 15.560  -1.845  -4.943  1.00 24.97 ? 149 HIS A CA  1 
ATOM   1182 C C   . HIS A 1 152 ? 14.720  -3.022  -5.442  1.00 24.48 ? 149 HIS A C   1 
ATOM   1183 O O   . HIS A 1 152 ? 15.138  -4.183  -5.320  1.00 23.57 ? 149 HIS A O   1 
ATOM   1184 C CB  . HIS A 1 152 ? 16.608  -2.307  -3.905  1.00 25.40 ? 149 HIS A CB  1 
ATOM   1185 C CG  . HIS A 1 152 ? 17.517  -1.207  -3.448  1.00 29.95 ? 149 HIS A CG  1 
ATOM   1186 N ND1 . HIS A 1 152 ? 17.489  -0.682  -2.177  1.00 33.49 ? 149 HIS A ND1 1 
ATOM   1187 C CD2 . HIS A 1 152 ? 18.445  -0.478  -4.135  1.00 31.43 ? 149 HIS A CD2 1 
ATOM   1188 C CE1 . HIS A 1 152 ? 18.352  0.328   -2.089  1.00 32.41 ? 149 HIS A CE1 1 
ATOM   1189 N NE2 . HIS A 1 152 ? 18.938  0.462   -3.262  1.00 33.45 ? 149 HIS A NE2 1 
ATOM   1190 N N   . PHE A 1 153 ? 13.529  -2.737  -5.974  1.00 22.40 ? 150 PHE A N   1 
ATOM   1191 C CA  . PHE A 1 153 ? 12.743  -3.824  -6.533  1.00 22.81 ? 150 PHE A CA  1 
ATOM   1192 C C   . PHE A 1 153 ? 13.313  -4.121  -7.962  1.00 24.29 ? 150 PHE A C   1 
ATOM   1193 O O   . PHE A 1 153 ? 13.845  -3.240  -8.612  1.00 25.74 ? 150 PHE A O   1 
ATOM   1194 C CB  . PHE A 1 153 ? 11.273  -3.420  -6.644  1.00 19.63 ? 150 PHE A CB  1 
ATOM   1195 C CG  . PHE A 1 153 ? 10.482  -3.573  -5.354  1.00 16.53 ? 150 PHE A CG  1 
ATOM   1196 C CD1 . PHE A 1 153 ? 10.780  -2.795  -4.233  1.00 15.24 ? 150 PHE A CD1 1 
ATOM   1197 C CD2 . PHE A 1 153 ? 9.473   -4.540  -5.254  1.00 16.66 ? 150 PHE A CD2 1 
ATOM   1198 C CE1 . PHE A 1 153 ? 10.114  -2.978  -3.018  1.00 16.05 ? 150 PHE A CE1 1 
ATOM   1199 C CE2 . PHE A 1 153 ? 8.774   -4.733  -4.035  1.00 15.72 ? 150 PHE A CE2 1 
ATOM   1200 C CZ  . PHE A 1 153 ? 9.119   -3.932  -2.903  1.00 15.62 ? 150 PHE A CZ  1 
ATOM   1201 N N   . THR A 1 154 ? 13.236  -5.364  -8.414  1.00 25.41 ? 151 THR A N   1 
ATOM   1202 C CA  . THR A 1 154 ? 13.686  -5.772  -9.758  1.00 25.99 ? 151 THR A CA  1 
ATOM   1203 C C   . THR A 1 154 ? 12.406  -6.028  -10.609 1.00 25.45 ? 151 THR A C   1 
ATOM   1204 O O   . THR A 1 154 ? 11.431  -6.615  -10.134 1.00 26.73 ? 151 THR A O   1 
ATOM   1205 C CB  . THR A 1 154 ? 14.538  -7.061  -9.638  1.00 27.94 ? 151 THR A CB  1 
ATOM   1206 O OG1 . THR A 1 154 ? 15.809  -6.711  -9.078  1.00 30.94 ? 151 THR A OG1 1 
ATOM   1207 C CG2 . THR A 1 154 ? 14.793  -7.718  -10.977 1.00 29.24 ? 151 THR A CG2 1 
ATOM   1208 N N   . LEU A 1 155 ? 12.376  -5.544  -11.827 1.00 24.42 ? 152 LEU A N   1 
ATOM   1209 C CA  . LEU A 1 155 ? 11.207  -5.746  -12.692 1.00 25.70 ? 152 LEU A CA  1 
ATOM   1210 C C   . LEU A 1 155 ? 11.289  -7.181  -13.174 1.00 25.25 ? 152 LEU A C   1 
ATOM   1211 O O   . LEU A 1 155 ? 12.278  -7.571  -13.777 1.00 27.58 ? 152 LEU A O   1 
ATOM   1212 C CB  . LEU A 1 155 ? 11.248  -4.784  -13.911 1.00 25.45 ? 152 LEU A CB  1 
ATOM   1213 C CG  . LEU A 1 155 ? 10.115  -4.973  -14.950 1.00 24.82 ? 152 LEU A CG  1 
ATOM   1214 C CD1 . LEU A 1 155 ? 8.761   -4.687  -14.346 1.00 23.30 ? 152 LEU A CD1 1 
ATOM   1215 C CD2 . LEU A 1 155 ? 10.366  -4.088  -16.129 1.00 25.58 ? 152 LEU A CD2 1 
ATOM   1216 N N   . GLU A 1 156 ? 10.271  -7.970  -12.912 1.00 26.70 ? 153 GLU A N   1 
ATOM   1217 C CA  . GLU A 1 156 ? 10.294  -9.381  -13.273 1.00 27.79 ? 153 GLU A CA  1 
ATOM   1218 C C   . GLU A 1 156 ? 9.603   -9.675  -14.586 1.00 28.51 ? 153 GLU A C   1 
ATOM   1219 O O   . GLU A 1 156 ? 10.023  -10.578 -15.308 1.00 27.78 ? 153 GLU A O   1 
ATOM   1220 C CB  . GLU A 1 156 ? 9.654   -10.200 -12.153 1.00 28.79 ? 153 GLU A CB  1 
ATOM   1221 C CG  . GLU A 1 156 ? 10.603  -10.400 -10.988 1.00 28.31 ? 153 GLU A CG  1 
ATOM   1222 C CD  . GLU A 1 156 ? 10.023  -11.186 -9.829  1.00 27.15 ? 153 GLU A CD  1 
ATOM   1223 O OE1 . GLU A 1 156 ? 8.789   -11.213 -9.610  1.00 27.23 ? 153 GLU A OE1 1 
ATOM   1224 O OE2 . GLU A 1 156 ? 10.841  -11.772 -9.103  1.00 26.18 ? 153 GLU A OE2 1 
ATOM   1225 N N   . GLY A 1 157 ? 8.552   -8.896  -14.880 1.00 29.26 ? 154 GLY A N   1 
ATOM   1226 C CA  . GLY A 1 157 ? 7.786   -9.077  -16.098 1.00 29.06 ? 154 GLY A CA  1 
ATOM   1227 C C   . GLY A 1 157 ? 6.728   -8.009  -16.322 1.00 28.97 ? 154 GLY A C   1 
ATOM   1228 O O   . GLY A 1 157 ? 6.432   -7.194  -15.444 1.00 29.98 ? 154 GLY A O   1 
ATOM   1229 N N   . CYS A 1 158 ? 6.189   -8.002  -17.536 1.00 28.33 ? 155 CYS A N   1 
ATOM   1230 C CA  . CYS A 1 158 ? 5.159   -7.066  -17.910 1.00 27.57 ? 155 CYS A CA  1 
ATOM   1231 C C   . CYS A 1 158 ? 3.929   -7.888  -18.224 1.00 26.91 ? 155 CYS A C   1 
ATOM   1232 O O   . CYS A 1 158 ? 3.969   -8.699  -19.131 1.00 26.39 ? 155 CYS A O   1 
ATOM   1233 C CB  . CYS A 1 158 ? 5.560   -6.277  -19.156 1.00 26.72 ? 155 CYS A CB  1 
ATOM   1234 S SG  . CYS A 1 158 ? 4.311   -5.011  -19.506 1.00 31.00 ? 155 CYS A SG  1 
ATOM   1235 N N   . MET A 1 159 ? 2.861   -7.690  -17.462 1.00 27.13 ? 156 MET A N   1 
ATOM   1236 C CA  . MET A 1 159 ? 1.630   -8.443  -17.648 1.00 28.79 ? 156 MET A CA  1 
ATOM   1237 C C   . MET A 1 159 ? 0.711   -7.660  -18.582 1.00 30.06 ? 156 MET A C   1 
ATOM   1238 O O   . MET A 1 159 ? 0.166   -6.613  -18.196 1.00 29.48 ? 156 MET A O   1 
ATOM   1239 C CB  . MET A 1 159 ? 0.980   -8.690  -16.319 1.00 28.61 ? 156 MET A CB  1 
ATOM   1240 C CG  . MET A 1 159 ? 1.847   -9.568  -15.388 1.00 31.33 ? 156 MET A CG  1 
ATOM   1241 S SD  . MET A 1 159 ? 1.292   -9.536  -13.612 1.00 33.31 ? 156 MET A SD  1 
ATOM   1242 C CE  . MET A 1 159 ? -0.347  -10.271 -13.716 1.00 33.19 ? 156 MET A CE  1 
ATOM   1243 N N   . LYS A 1 160 ? 0.578   -8.157  -19.822 1.00 30.19 ? 157 LYS A N   1 
ATOM   1244 C CA  . LYS A 1 160 ? -0.212  -7.479  -20.845 1.00 30.85 ? 157 LYS A CA  1 
ATOM   1245 C C   . LYS A 1 160 ? -1.681  -7.336  -20.574 1.00 29.16 ? 157 LYS A C   1 
ATOM   1246 O O   . LYS A 1 160 ? -2.370  -8.318  -20.347 1.00 27.05 ? 157 LYS A O   1 
ATOM   1247 C CB  . LYS A 1 160 ? -0.046  -8.154  -22.206 1.00 33.08 ? 157 LYS A CB  1 
ATOM   1248 C CG  . LYS A 1 160 ? 1.337   -7.952  -22.777 1.00 37.25 ? 157 LYS A CG  1 
ATOM   1249 C CD  . LYS A 1 160 ? 1.851   -6.519  -22.545 1.00 40.49 ? 157 LYS A CD  1 
ATOM   1250 C CE  . LYS A 1 160 ? 3.277   -6.309  -23.109 1.00 42.60 ? 157 LYS A CE  1 
ATOM   1251 N NZ  . LYS A 1 160 ? 3.292   -5.945  -24.603 1.00 45.21 ? 157 LYS A NZ  1 
ATOM   1252 N N   . GLN A 1 161 ? -2.145  -6.091  -20.606 1.00 28.09 ? 158 GLN A N   1 
ATOM   1253 C CA  . GLN A 1 161 ? -3.571  -5.798  -20.429 1.00 28.56 ? 158 GLN A CA  1 
ATOM   1254 C C   . GLN A 1 161 ? -4.192  -6.511  -19.287 1.00 28.74 ? 158 GLN A C   1 
ATOM   1255 O O   . GLN A 1 161 ? -5.342  -6.969  -19.358 1.00 29.67 ? 158 GLN A O   1 
ATOM   1256 C CB  . GLN A 1 161 ? -4.288  -6.191  -21.689 1.00 31.34 ? 158 GLN A CB  1 
ATOM   1257 C CG  . GLN A 1 161 ? -3.770  -5.420  -22.909 1.00 34.41 ? 158 GLN A CG  1 
ATOM   1258 C CD  . GLN A 1 161 ? -4.455  -5.881  -24.163 1.00 38.04 ? 158 GLN A CD  1 
ATOM   1259 O OE1 . GLN A 1 161 ? -5.587  -6.363  -24.103 1.00 39.63 ? 158 GLN A OE1 1 
ATOM   1260 N NE2 . GLN A 1 161 ? -3.774  -5.758  -25.317 1.00 39.63 ? 158 GLN A NE2 1 
ATOM   1261 N N   . ALA A 1 162 ? -3.403  -6.635  -18.234 1.00 27.93 ? 159 ALA A N   1 
ATOM   1262 C CA  . ALA A 1 162 ? -3.801  -7.335  -17.041 1.00 27.44 ? 159 ALA A CA  1 
ATOM   1263 C C   . ALA A 1 162 ? -4.817  -6.629  -16.181 1.00 27.40 ? 159 ALA A C   1 
ATOM   1264 O O   . ALA A 1 162 ? -5.545  -7.306  -15.513 1.00 27.77 ? 159 ALA A O   1 
ATOM   1265 C CB  . ALA A 1 162 ? -2.542  -7.701  -16.210 1.00 25.37 ? 159 ALA A CB  1 
ATOM   1266 N N   . GLU A 1 163 ? -4.888  -5.295  -16.165 1.00 28.42 ? 160 GLU A N   1 
ATOM   1267 C CA  . GLU A 1 163 ? -5.906  -4.659  -15.312 1.00 29.79 ? 160 GLU A CA  1 
ATOM   1268 C C   . GLU A 1 163 ? -6.919  -3.758  -16.042 1.00 30.79 ? 160 GLU A C   1 
ATOM   1269 O O   . GLU A 1 163 ? -6.567  -2.964  -16.928 1.00 28.74 ? 160 GLU A O   1 
ATOM   1270 C CB  . GLU A 1 163 ? -5.260  -3.823  -14.206 1.00 30.95 ? 160 GLU A CB  1 
ATOM   1271 C CG  . GLU A 1 163 ? -4.510  -4.619  -13.168 1.00 37.05 ? 160 GLU A CG  1 
ATOM   1272 C CD  . GLU A 1 163 ? -3.835  -3.732  -12.124 1.00 40.74 ? 160 GLU A CD  1 
ATOM   1273 O OE1 . GLU A 1 163 ? -4.181  -2.518  -12.090 1.00 42.93 ? 160 GLU A OE1 1 
ATOM   1274 O OE2 . GLU A 1 163 ? -2.978  -4.245  -11.342 1.00 41.20 ? 160 GLU A OE2 1 
ATOM   1275 N N   . TYR A 1 164 ? -8.185  -3.900  -15.671 1.00 31.38 ? 161 TYR A N   1 
ATOM   1276 C CA  . TYR A 1 164 ? -9.194  -3.050  -16.264 1.00 33.62 ? 161 TYR A CA  1 
ATOM   1277 C C   . TYR A 1 164 ? -9.389  -1.884  -15.295 1.00 34.14 ? 161 TYR A C   1 
ATOM   1278 O O   . TYR A 1 164 ? -9.893  -2.109  -14.191 1.00 32.17 ? 161 TYR A O   1 
ATOM   1279 C CB  . TYR A 1 164 ? -10.531 -3.765  -16.420 1.00 35.08 ? 161 TYR A CB  1 
ATOM   1280 C CG  . TYR A 1 164 ? -11.482 -2.923  -17.228 1.00 37.24 ? 161 TYR A CG  1 
ATOM   1281 C CD1 . TYR A 1 164 ? -11.224 -2.650  -18.571 1.00 37.50 ? 161 TYR A CD1 1 
ATOM   1282 C CD2 . TYR A 1 164 ? -12.608 -2.346  -16.639 1.00 37.89 ? 161 TYR A CD2 1 
ATOM   1283 C CE1 . TYR A 1 164 ? -12.063 -1.831  -19.302 1.00 38.27 ? 161 TYR A CE1 1 
ATOM   1284 C CE2 . TYR A 1 164 ? -13.446 -1.526  -17.353 1.00 38.06 ? 161 TYR A CE2 1 
ATOM   1285 C CZ  . TYR A 1 164 ? -13.176 -1.273  -18.685 1.00 39.74 ? 161 TYR A CZ  1 
ATOM   1286 O OH  . TYR A 1 164 ? -14.042 -0.479  -19.416 1.00 41.62 ? 161 TYR A OH  1 
ATOM   1287 N N   . LEU A 1 165 ? -8.980  -0.675  -15.721 1.00 35.14 ? 162 LEU A N   1 
ATOM   1288 C CA  . LEU A 1 165 ? -9.064  0.593   -14.943 1.00 38.32 ? 162 LEU A CA  1 
ATOM   1289 C C   . LEU A 1 165 ? -9.430  1.718   -15.889 1.00 40.70 ? 162 LEU A C   1 
ATOM   1290 O O   . LEU A 1 165 ? -8.801  1.849   -16.962 1.00 40.47 ? 162 LEU A O   1 
ATOM   1291 C CB  . LEU A 1 165 ? -7.722  0.990   -14.353 1.00 37.21 ? 162 LEU A CB  1 
ATOM   1292 C CG  . LEU A 1 165 ? -7.066  0.062   -13.369 1.00 36.77 ? 162 LEU A CG  1 
ATOM   1293 C CD1 . LEU A 1 165 ? -5.637  0.506   -13.256 1.00 36.59 ? 162 LEU A CD1 1 
ATOM   1294 C CD2 . LEU A 1 165 ? -7.834  0.054   -12.027 1.00 36.77 ? 162 LEU A CD2 1 
ATOM   1295 N N   . ASN A 1 166 ? -10.396 2.554   -15.473 1.00 44.37 ? 163 ASN A N   1 
ATOM   1296 C CA  . ASN A 1 166 ? -10.897 3.677   -16.304 1.00 45.73 ? 163 ASN A CA  1 
ATOM   1297 C C   . ASN A 1 166 ? -11.354 3.207   -17.655 1.00 45.69 ? 163 ASN A C   1 
ATOM   1298 O O   . ASN A 1 166 ? -10.782 3.613   -18.672 1.00 46.42 ? 163 ASN A O   1 
ATOM   1299 C CB  . ASN A 1 166 ? -9.825  4.738   -16.583 1.00 48.33 ? 163 ASN A CB  1 
ATOM   1300 C CG  . ASN A 1 166 ? -9.543  5.591   -15.399 1.00 51.00 ? 163 ASN A CG  1 
ATOM   1301 O OD1 . ASN A 1 166 ? -9.097  6.753   -15.511 1.00 51.00 ? 163 ASN A OD1 1 
ATOM   1302 N ND2 . ASN A 1 166 ? -9.795  5.022   -14.229 1.00 52.73 ? 163 ASN A ND2 1 
ATOM   1303 N N   . GLY A 1 167 ? -12.346 2.343   -17.703 1.00 44.81 ? 164 GLY A N   1 
ATOM   1304 C CA  . GLY A 1 167 ? -12.819 1.924   -19.010 1.00 44.97 ? 164 GLY A CA  1 
ATOM   1305 C C   . GLY A 1 167 ? -11.800 1.410   -20.031 1.00 45.04 ? 164 GLY A C   1 
ATOM   1306 O O   . GLY A 1 167 ? -12.040 1.508   -21.251 1.00 45.59 ? 164 GLY A O   1 
ATOM   1307 N N   . ASP A 1 168 ? -10.661 0.873   -19.575 1.00 44.05 ? 165 ASP A N   1 
ATOM   1308 C CA  . ASP A 1 168 ? -9.674  0.306   -20.505 1.00 42.58 ? 165 ASP A CA  1 
ATOM   1309 C C   . ASP A 1 168 ? -8.718  -0.692  -19.847 1.00 41.04 ? 165 ASP A C   1 
ATOM   1310 O O   . ASP A 1 168 ? -8.592  -0.714  -18.622 1.00 39.75 ? 165 ASP A O   1 
ATOM   1311 C CB  . ASP A 1 168 ? -8.867  1.392   -21.213 1.00 43.08 ? 165 ASP A CB  1 
ATOM   1312 C CG  . ASP A 1 168 ? -8.456  0.952   -22.630 1.00 46.38 ? 165 ASP A CG  1 
ATOM   1313 O OD1 . ASP A 1 168 ? -8.794  -0.210  -23.037 1.00 45.57 ? 165 ASP A OD1 1 
ATOM   1314 O OD2 . ASP A 1 168 ? -7.804  1.758   -23.342 1.00 45.91 ? 165 ASP A OD2 1 
ATOM   1315 N N   . TYR A 1 169 ? -8.057  -1.520  -20.659 1.00 38.74 ? 166 TYR A N   1 
ATOM   1316 C CA  . TYR A 1 169 ? -7.130  -2.510  -20.116 1.00 36.30 ? 166 TYR A CA  1 
ATOM   1317 C C   . TYR A 1 169 ? -5.733  -1.979  -20.119 1.00 35.03 ? 166 TYR A C   1 
ATOM   1318 O O   . TYR A 1 169 ? -5.276  -1.385  -21.107 1.00 33.49 ? 166 TYR A O   1 
ATOM   1319 C CB  . TYR A 1 169 ? -7.133  -3.829  -20.904 1.00 36.99 ? 166 TYR A CB  1 
ATOM   1320 C CG  . TYR A 1 169 ? -8.440  -4.567  -20.862 1.00 36.97 ? 166 TYR A CG  1 
ATOM   1321 C CD1 . TYR A 1 169 ? -8.799  -5.323  -19.787 1.00 35.77 ? 166 TYR A CD1 1 
ATOM   1322 C CD2 . TYR A 1 169 ? -9.338  -4.474  -21.928 1.00 38.84 ? 166 TYR A CD2 1 
ATOM   1323 C CE1 . TYR A 1 169 ? -10.027 -5.947  -19.743 1.00 37.61 ? 166 TYR A CE1 1 
ATOM   1324 C CE2 . TYR A 1 169 ? -10.571 -5.100  -21.898 1.00 37.27 ? 166 TYR A CE2 1 
ATOM   1325 C CZ  . TYR A 1 169 ? -10.910 -5.835  -20.818 1.00 38.03 ? 166 TYR A CZ  1 
ATOM   1326 O OH  . TYR A 1 169 ? -12.189 -6.387  -20.788 1.00 40.66 ? 166 TYR A OH  1 
ATOM   1327 N N   . HIS A 1 170 ? -5.026  -2.195  -19.012 1.00 32.85 ? 167 HIS A N   1 
ATOM   1328 C CA  . HIS A 1 170 ? -3.640  -1.715  -18.975 1.00 31.31 ? 167 HIS A CA  1 
ATOM   1329 C C   . HIS A 1 170 ? -2.620  -2.791  -18.710 1.00 28.39 ? 167 HIS A C   1 
ATOM   1330 O O   . HIS A 1 170 ? -2.880  -3.735  -17.958 1.00 26.88 ? 167 HIS A O   1 
ATOM   1331 C CB  . HIS A 1 170 ? -3.486  -0.647  -17.894 1.00 32.74 ? 167 HIS A CB  1 
ATOM   1332 C CG  . HIS A 1 170 ? -4.498  0.458   -18.001 1.00 34.91 ? 167 HIS A CG  1 
ATOM   1333 N ND1 . HIS A 1 170 ? -4.266  1.604   -18.739 1.00 36.13 ? 167 HIS A ND1 1 
ATOM   1334 C CD2 . HIS A 1 170 ? -5.762  0.535   -17.551 1.00 35.05 ? 167 HIS A CD2 1 
ATOM   1335 C CE1 . HIS A 1 170 ? -5.361  2.339   -18.735 1.00 36.82 ? 167 HIS A CE1 1 
ATOM   1336 N NE2 . HIS A 1 170 ? -6.287  1.718   -18.025 1.00 36.35 ? 167 HIS A NE2 1 
ATOM   1337 N N   . ASP A 1 171 ? -1.459  -2.617  -19.330 1.00 27.02 ? 168 ASP A N   1 
ATOM   1338 C CA  . ASP A 1 171 ? -0.294  -3.463  -19.119 1.00 24.86 ? 168 ASP A CA  1 
ATOM   1339 C C   . ASP A 1 171 ? 0.199   -3.166  -17.690 1.00 25.32 ? 168 ASP A C   1 
ATOM   1340 O O   . ASP A 1 171 ? 0.314   -2.014  -17.277 1.00 25.93 ? 168 ASP A O   1 
ATOM   1341 C CB  . ASP A 1 171 ? 0.804   -3.051  -20.059 1.00 25.51 ? 168 ASP A CB  1 
ATOM   1342 C CG  . ASP A 1 171 ? 0.638   -3.615  -21.418 1.00 26.29 ? 168 ASP A CG  1 
ATOM   1343 O OD1 . ASP A 1 171 ? -0.374  -4.321  -21.649 1.00 25.59 ? 168 ASP A OD1 1 
ATOM   1344 O OD2 . ASP A 1 171 ? 1.538   -3.364  -22.240 1.00 26.25 ? 168 ASP A OD2 1 
ATOM   1345 N N   . VAL A 1 172 ? 0.492   -4.203  -16.925 1.00 25.75 ? 169 VAL A N   1 
ATOM   1346 C CA  . VAL A 1 172 ? 0.939   -4.046  -15.567 1.00 24.20 ? 169 VAL A CA  1 
ATOM   1347 C C   . VAL A 1 172 ? 2.345   -4.518  -15.314 1.00 23.99 ? 169 VAL A C   1 
ATOM   1348 O O   . VAL A 1 172 ? 2.681   -5.635  -15.642 1.00 25.98 ? 169 VAL A O   1 
ATOM   1349 C CB  . VAL A 1 172 ? 0.006   -4.800  -14.651 1.00 23.56 ? 169 VAL A CB  1 
ATOM   1350 C CG1 . VAL A 1 172 ? 0.601   -4.891  -13.259 1.00 24.03 ? 169 VAL A CG1 1 
ATOM   1351 C CG2 . VAL A 1 172 ? -1.352  -4.071  -14.619 1.00 24.52 ? 169 VAL A CG2 1 
ATOM   1352 N N   . ASN A 1 173 ? 3.196   -3.681  -14.744 1.00 23.81 ? 170 ASN A N   1 
ATOM   1353 C CA  . ASN A 1 173 ? 4.529   -4.164  -14.409 1.00 22.46 ? 170 ASN A CA  1 
ATOM   1354 C C   . ASN A 1 173 ? 4.537   -4.969  -13.068 1.00 23.19 ? 170 ASN A C   1 
ATOM   1355 O O   . ASN A 1 173 ? 3.792   -4.671  -12.099 1.00 20.69 ? 170 ASN A O   1 
ATOM   1356 C CB  . ASN A 1 173 ? 5.489   -3.021  -14.222 1.00 24.67 ? 170 ASN A CB  1 
ATOM   1357 C CG  . ASN A 1 173 ? 6.186   -2.657  -15.468 1.00 26.48 ? 170 ASN A CG  1 
ATOM   1358 O OD1 . ASN A 1 173 ? 6.166   -3.424  -16.440 1.00 24.97 ? 170 ASN A OD1 1 
ATOM   1359 N ND2 . ASN A 1 173 ? 6.831   -1.474  -15.472 1.00 26.29 ? 170 ASN A ND2 1 
ATOM   1360 N N   . MET A 1 174 ? 5.375   -5.989  -13.016 1.00 22.47 ? 171 MET A N   1 
ATOM   1361 C CA  . MET A 1 174 ? 5.508   -6.714  -11.766 1.00 23.77 ? 171 MET A CA  1 
ATOM   1362 C C   . MET A 1 174 ? 6.925   -6.520  -11.235 1.00 22.86 ? 171 MET A C   1 
ATOM   1363 O O   . MET A 1 174 ? 7.901   -7.040  -11.802 1.00 21.68 ? 171 MET A O   1 
ATOM   1364 C CB  . MET A 1 174 ? 5.262   -8.211  -11.921 1.00 26.80 ? 171 MET A CB  1 
ATOM   1365 C CG  . MET A 1 174 ? 5.601   -8.945  -10.633 1.00 29.40 ? 171 MET A CG  1 
ATOM   1366 S SD  . MET A 1 174 ? 5.061   -10.666 -10.581 1.00 33.33 ? 171 MET A SD  1 
ATOM   1367 C CE  . MET A 1 174 ? 3.285   -10.523 -10.216 1.00 29.83 ? 171 MET A CE  1 
ATOM   1368 N N   . TYR A 1 175 ? 7.032   -5.780  -10.139 1.00 22.03 ? 172 TYR A N   1 
ATOM   1369 C CA  . TYR A 1 175 ? 8.328   -5.537  -9.498  1.00 22.34 ? 172 TYR A CA  1 
ATOM   1370 C C   . TYR A 1 175 ? 8.471   -6.453  -8.274  1.00 21.93 ? 172 TYR A C   1 
ATOM   1371 O O   . TYR A 1 175 ? 7.519   -6.646  -7.562  1.00 23.69 ? 172 TYR A O   1 
ATOM   1372 C CB  . TYR A 1 175 ? 8.387   -4.092  -8.981  1.00 22.88 ? 172 TYR A CB  1 
ATOM   1373 C CG  . TYR A 1 175 ? 8.683   -3.102  -10.028 1.00 23.28 ? 172 TYR A CG  1 
ATOM   1374 C CD1 . TYR A 1 175 ? 9.988   -3.003  -10.538 1.00 25.80 ? 172 TYR A CD1 1 
ATOM   1375 C CD2 . TYR A 1 175 ? 7.664   -2.306  -10.584 1.00 24.06 ? 172 TYR A CD2 1 
ATOM   1376 C CE1 . TYR A 1 175 ? 10.295  -2.136  -11.592 1.00 26.46 ? 172 TYR A CE1 1 
ATOM   1377 C CE2 . TYR A 1 175 ? 7.960   -1.441  -11.637 1.00 26.48 ? 172 TYR A CE2 1 
ATOM   1378 C CZ  . TYR A 1 175 ? 9.288   -1.363  -12.125 1.00 25.82 ? 172 TYR A CZ  1 
ATOM   1379 O OH  . TYR A 1 175 ? 9.646   -0.454  -13.090 1.00 33.31 ? 172 TYR A OH  1 
ATOM   1380 N N   . ALA A 1 176 ? 9.633   -7.009  -8.031  1.00 21.51 ? 173 ALA A N   1 
ATOM   1381 C CA  . ALA A 1 176 ? 9.789   -7.816  -6.839  1.00 22.22 ? 173 ALA A CA  1 
ATOM   1382 C C   . ALA A 1 176 ? 11.174  -7.620  -6.170  1.00 22.32 ? 173 ALA A C   1 
ATOM   1383 O O   . ALA A 1 176 ? 12.195  -7.233  -6.837  1.00 20.51 ? 173 ALA A O   1 
ATOM   1384 C CB  . ALA A 1 176 ? 9.581   -9.320  -7.136  1.00 20.30 ? 173 ALA A CB  1 
ATOM   1385 N N   . ARG A 1 177 ? 11.192  -7.926  -4.873  1.00 20.19 ? 174 ARG A N   1 
ATOM   1386 C CA  . ARG A 1 177 ? 12.417  -7.836  -4.105  1.00 19.79 ? 174 ARG A CA  1 
ATOM   1387 C C   . ARG A 1 177 ? 12.434  -8.922  -3.064  1.00 21.37 ? 174 ARG A C   1 
ATOM   1388 O O   . ARG A 1 177 ? 11.419  -9.148  -2.369  1.00 20.69 ? 174 ARG A O   1 
ATOM   1389 C CB  . ARG A 1 177 ? 12.540  -6.505  -3.402  1.00 19.11 ? 174 ARG A CB  1 
ATOM   1390 C CG  . ARG A 1 177 ? 13.909  -6.423  -2.732  1.00 22.08 ? 174 ARG A CG  1 
ATOM   1391 C CD  . ARG A 1 177 ? 14.087  -5.171  -1.950  1.00 21.99 ? 174 ARG A CD  1 
ATOM   1392 N NE  . ARG A 1 177 ? 15.407  -5.206  -1.360  1.00 23.08 ? 174 ARG A NE  1 
ATOM   1393 C CZ  . ARG A 1 177 ? 15.861  -4.282  -0.517  1.00 24.44 ? 174 ARG A CZ  1 
ATOM   1394 N NH1 . ARG A 1 177 ? 15.085  -3.245  -0.180  1.00 21.27 ? 174 ARG A NH1 1 
ATOM   1395 N NH2 . ARG A 1 177 ? 17.078  -4.410  0.001   1.00 22.41 ? 174 ARG A NH2 1 
ATOM   1396 N N   . ILE A 1 178 ? 13.578  -9.601  -2.953  1.00 21.11 ? 175 ILE A N   1 
ATOM   1397 C CA  . ILE A 1 178 ? 13.721  -10.664 -1.975  1.00 24.01 ? 175 ILE A CA  1 
ATOM   1398 C C   . ILE A 1 178 ? 14.653  -10.166 -0.887  1.00 23.74 ? 175 ILE A C   1 
ATOM   1399 O O   . ILE A 1 178 ? 15.711  -9.617  -1.192  1.00 23.17 ? 175 ILE A O   1 
ATOM   1400 C CB  . ILE A 1 178 ? 14.290  -11.961 -2.645  1.00 24.59 ? 175 ILE A CB  1 
ATOM   1401 C CG1 . ILE A 1 178 ? 13.232  -12.564 -3.533  1.00 27.26 ? 175 ILE A CG1 1 
ATOM   1402 C CG2 . ILE A 1 178 ? 14.603  -13.023 -1.661  1.00 23.35 ? 175 ILE A CG2 1 
ATOM   1403 C CD1 . ILE A 1 178 ? 13.825  -13.710 -4.323  1.00 31.40 ? 175 ILE A CD1 1 
ATOM   1404 N N   . ILE A 1 179 ? 14.240  -10.304 0.377   1.00 23.71 ? 176 ILE A N   1 
ATOM   1405 C CA  . ILE A 1 179 ? 15.106  -9.881  1.476   1.00 22.00 ? 176 ILE A CA  1 
ATOM   1406 C C   . ILE A 1 179 ? 15.244  -11.010 2.499   1.00 23.57 ? 176 ILE A C   1 
ATOM   1407 O O   . ILE A 1 179 ? 14.282  -11.417 3.160   1.00 22.05 ? 176 ILE A O   1 
ATOM   1408 C CB  . ILE A 1 179 ? 14.576  -8.643  2.229   1.00 20.98 ? 176 ILE A CB  1 
ATOM   1409 C CG1 . ILE A 1 179 ? 14.375  -7.449  1.290   1.00 21.48 ? 176 ILE A CG1 1 
ATOM   1410 C CG2 . ILE A 1 179 ? 15.631  -8.210  3.308   1.00 22.33 ? 176 ILE A CG2 1 
ATOM   1411 C CD1 . ILE A 1 179 ? 13.829  -6.256  2.019   1.00 15.76 ? 176 ILE A CD1 1 
ATOM   1412 N N   . ASP A 1 180 ? 16.442  -11.537 2.634   1.00 26.70 ? 177 ASP A N   1 
ATOM   1413 C CA  . ASP A 1 180 ? 16.661  -12.590 3.630   1.00 29.36 ? 177 ASP A CA  1 
ATOM   1414 C C   . ASP A 1 180 ? 17.408  -11.921 4.759   1.00 29.47 ? 177 ASP A C   1 
ATOM   1415 O O   . ASP A 1 180 ? 18.629  -11.728 4.677   1.00 28.76 ? 177 ASP A O   1 
ATOM   1416 C CB  . ASP A 1 180 ? 17.489  -13.729 3.033   1.00 32.24 ? 177 ASP A CB  1 
ATOM   1417 C CG  . ASP A 1 180 ? 16.664  -14.614 2.085   1.00 37.79 ? 177 ASP A CG  1 
ATOM   1418 O OD1 . ASP A 1 180 ? 15.499  -14.995 2.426   1.00 38.20 ? 177 ASP A OD1 1 
ATOM   1419 O OD2 . ASP A 1 180 ? 17.196  -14.930 0.996   1.00 40.90 ? 177 ASP A OD2 1 
ATOM   1420 N N   . ALA A 1 181 ? 16.671  -11.536 5.797   1.00 29.88 ? 178 ALA A N   1 
ATOM   1421 C CA  . ALA A 1 181 ? 17.285  -10.845 6.947   1.00 30.81 ? 178 ALA A CA  1 
ATOM   1422 C C   . ALA A 1 181 ? 17.837  -11.890 7.925   1.00 31.43 ? 178 ALA A C   1 
ATOM   1423 O O   . ALA A 1 181 ? 17.239  -12.195 8.955   1.00 32.03 ? 178 ALA A O   1 
ATOM   1424 C CB  . ALA A 1 181 ? 16.249  -9.938  7.633   1.00 29.50 ? 178 ALA A CB  1 
ATOM   1425 N N   . ASP A 1 182 ? 18.975  -12.442 7.555   1.00 33.05 ? 179 ASP A N   1 
ATOM   1426 C CA  . ASP A 1 182 ? 19.655  -13.491 8.310   1.00 35.14 ? 179 ASP A CA  1 
ATOM   1427 C C   . ASP A 1 182 ? 20.569  -13.056 9.416   1.00 34.74 ? 179 ASP A C   1 
ATOM   1428 O O   . ASP A 1 182 ? 20.625  -13.849 10.359  1.00 34.57 ? 179 ASP A O   1 
ATOM   1429 C CB  . ASP A 1 182 ? 20.472  -14.374 7.379   1.00 37.85 ? 179 ASP A CB  1 
ATOM   1430 C CG  . ASP A 1 182 ? 19.602  -15.263 6.533   1.00 42.14 ? 179 ASP A CG  1 
ATOM   1431 O OD1 . ASP A 1 182 ? 18.631  -15.849 7.112   1.00 41.68 ? 179 ASP A OD1 1 
ATOM   1432 O OD2 . ASP A 1 182 ? 19.911  -15.357 5.304   1.00 43.61 ? 179 ASP A OD2 1 
ATOM   1433 O OXT . ASP A 1 182 ? 21.217  -11.993 9.322   1.00 35.05 ? 179 ASP A OXT 1 
HETATM 1434 S S   . SO4 B 2 .   ? 17.288  -1.172  2.240   0.50 32.39 ? 180 SO4 A S   1 
HETATM 1435 O O1  . SO4 B 2 .   ? 18.216  -2.191  1.761   0.50 34.56 ? 180 SO4 A O1  1 
HETATM 1436 O O2  . SO4 B 2 .   ? 15.925  -1.431  1.671   0.50 36.38 ? 180 SO4 A O2  1 
HETATM 1437 O O3  . SO4 B 2 .   ? 17.167  -1.154  3.767   0.50 33.66 ? 180 SO4 A O3  1 
HETATM 1438 O O4  . SO4 B 2 .   ? 17.794  0.218   1.852   0.50 32.43 ? 180 SO4 A O4  1 
HETATM 1439 N N1A . COA C 3 .   ? 13.590  10.538  -0.602  1.00 27.01 ? 601 COA A N1A 1 
HETATM 1440 C C2A . COA C 3 .   ? 12.878  10.194  -1.703  1.00 23.27 ? 601 COA A C2A 1 
HETATM 1441 N N3A . COA C 3 .   ? 12.188  10.999  -2.460  1.00 23.98 ? 601 COA A N3A 1 
HETATM 1442 C C4A . COA C 3 .   ? 12.196  12.361  -2.119  1.00 24.54 ? 601 COA A C4A 1 
HETATM 1443 C C5A . COA C 3 .   ? 12.915  12.823  -1.006  1.00 24.73 ? 601 COA A C5A 1 
HETATM 1444 C C6A . COA C 3 .   ? 13.635  11.841  -0.216  1.00 25.62 ? 601 COA A C6A 1 
HETATM 1445 N N6A . COA C 3 .   ? 14.308  12.241  0.880   1.00 26.07 ? 601 COA A N6A 1 
HETATM 1446 N N7A . COA C 3 .   ? 12.801  14.175  -0.845  1.00 23.22 ? 601 COA A N7A 1 
HETATM 1447 C C8A . COA C 3 .   ? 12.013  14.587  -1.813  1.00 23.70 ? 601 COA A C8A 1 
HETATM 1448 N N9A . COA C 3 .   ? 11.625  13.527  -2.577  1.00 23.93 ? 601 COA A N9A 1 
HETATM 1449 C C1B . COA C 3 .   ? 10.639  13.604  -3.696  1.00 24.66 ? 601 COA A C1B 1 
HETATM 1450 C C2B . COA C 3 .   ? 10.990  13.237  -5.102  1.00 25.17 ? 601 COA A C2B 1 
HETATM 1451 O O2B . COA C 3 .   ? 10.807  14.388  -5.880  1.00 24.68 ? 601 COA A O2B 1 
HETATM 1452 C C3B . COA C 3 .   ? 9.918   12.223  -5.590  1.00 26.67 ? 601 COA A C3B 1 
HETATM 1453 O O3B . COA C 3 .   ? 10.626  11.180  -5.966  1.00 30.94 ? 601 COA A O3B 1 
HETATM 1454 P P3B . COA C 3 .   ? 10.608  10.309  -7.252  1.00 31.37 ? 601 COA A P3B 1 
HETATM 1455 O O7A . COA C 3 .   ? 9.862   10.919  -8.330  1.00 35.15 ? 601 COA A O7A 1 
HETATM 1456 O O8A . COA C 3 .   ? 10.046  9.003   -6.694  1.00 32.56 ? 601 COA A O8A 1 
HETATM 1457 O O9A . COA C 3 .   ? 12.031  10.267  -7.581  1.00 32.39 ? 601 COA A O9A 1 
HETATM 1458 C C4B . COA C 3 .   ? 9.106   11.960  -4.283  1.00 23.34 ? 601 COA A C4B 1 
HETATM 1459 O O4B . COA C 3 .   ? 9.458   12.906  -3.337  1.00 25.74 ? 601 COA A O4B 1 
HETATM 1460 C C5B . COA C 3 .   ? 9.078   10.663  -3.560  1.00 22.45 ? 601 COA A C5B 1 
HETATM 1461 O O5B . COA C 3 .   ? 8.009   10.769  -2.583  1.00 22.75 ? 601 COA A O5B 1 
HETATM 1462 P P1A . COA C 3 .   ? 7.135   9.449   -2.195  1.00 18.45 ? 601 COA A P1A 1 
HETATM 1463 O O1A . COA C 3 .   ? 8.017   8.271   -2.042  1.00 22.96 ? 601 COA A O1A 1 
HETATM 1464 O O2A . COA C 3 .   ? 6.350   9.857   -1.073  1.00 18.17 ? 601 COA A O2A 1 
HETATM 1465 O O3A . COA C 3 .   ? 6.290   9.127   -3.463  1.00 20.60 ? 601 COA A O3A 1 
HETATM 1466 P P2A . COA C 3 .   ? 5.257   10.053  -4.256  1.00 18.49 ? 601 COA A P2A 1 
HETATM 1467 O O4A . COA C 3 .   ? 4.913   11.244  -3.530  1.00 16.46 ? 601 COA A O4A 1 
HETATM 1468 O O5A . COA C 3 .   ? 5.788   10.236  -5.637  1.00 16.42 ? 601 COA A O5A 1 
HETATM 1469 O O6A . COA C 3 .   ? 3.943   9.228   -4.459  1.00 19.27 ? 601 COA A O6A 1 
HETATM 1470 C CBP . COA C 3 .   ? 2.667   7.249   -4.886  1.00 18.07 ? 601 COA A CBP 1 
HETATM 1471 C CCP . COA C 3 .   ? 4.016   7.943   -5.024  1.00 18.17 ? 601 COA A CCP 1 
HETATM 1472 C CDP . COA C 3 .   ? 2.750   5.971   -5.743  1.00 15.12 ? 601 COA A CDP 1 
HETATM 1473 C CEP . COA C 3 .   ? 2.488   6.907   -3.365  1.00 15.69 ? 601 COA A CEP 1 
HETATM 1474 C CAP . COA C 3 .   ? 1.487   8.162   -5.400  1.00 18.41 ? 601 COA A CAP 1 
HETATM 1475 O OAP . COA C 3 .   ? 1.706   8.543   -6.724  1.00 18.22 ? 601 COA A OAP 1 
HETATM 1476 C C9P . COA C 3 .   ? 0.079   7.588   -5.265  1.00 17.07 ? 601 COA A C9P 1 
HETATM 1477 O O9P . COA C 3 .   ? -0.491  7.676   -4.251  1.00 19.36 ? 601 COA A O9P 1 
HETATM 1478 N N8P . COA C 3 .   ? -0.450  7.011   -6.416  1.00 21.48 ? 601 COA A N8P 1 
HETATM 1479 C C7P . COA C 3 .   ? -1.724  6.226   -6.449  1.00 20.44 ? 601 COA A C7P 1 
HETATM 1480 C C6P . COA C 3 .   ? -1.613  4.816   -5.826  1.00 23.02 ? 601 COA A C6P 1 
HETATM 1481 C C5P . COA C 3 .   ? -0.713  3.941   -6.639  1.00 24.16 ? 601 COA A C5P 1 
HETATM 1482 O O5P . COA C 3 .   ? -0.313  4.294   -7.674  1.00 29.64 ? 601 COA A O5P 1 
HETATM 1483 N N4P . COA C 3 .   ? -0.287  2.807   -6.077  1.00 24.15 ? 601 COA A N4P 1 
HETATM 1484 C C3P . COA C 3 .   ? 0.716   1.959   -6.733  1.00 22.67 ? 601 COA A C3P 1 
HETATM 1485 C C2P . COA C 3 .   ? 0.177   0.574   -7.033  1.00 28.08 ? 601 COA A C2P 1 
HETATM 1486 S S1P . COA C 3 .   ? -0.800  0.628   -8.564  1.00 32.63 ? 601 COA A S1P 1 
HETATM 1487 O O   . HOH D 4 .   ? 6.101   12.265  0.065   1.00 13.30 ? 602 HOH A O   1 
HETATM 1488 O O   . HOH D 4 .   ? 10.615  11.565  7.233   1.00 15.83 ? 603 HOH A O   1 
HETATM 1489 O O   . HOH D 4 .   ? 5.389   0.641   -9.546  1.00 18.48 ? 604 HOH A O   1 
HETATM 1490 O O   . HOH D 4 .   ? 8.857   7.139   14.039  1.00 19.05 ? 605 HOH A O   1 
HETATM 1491 O O   . HOH D 4 .   ? 7.476   8.854   -6.783  1.00 20.76 ? 606 HOH A O   1 
HETATM 1492 O O   . HOH D 4 .   ? 9.604   -16.570 -1.119  1.00 20.98 ? 607 HOH A O   1 
HETATM 1493 O O   . HOH D 4 .   ? -19.187 10.716  2.515   1.00 21.62 ? 608 HOH A O   1 
HETATM 1494 O O   . HOH D 4 .   ? 11.785  -1.255  10.009  1.00 24.49 ? 609 HOH A O   1 
HETATM 1495 O O   . HOH D 4 .   ? 20.358  -5.406  12.651  1.00 25.32 ? 610 HOH A O   1 
HETATM 1496 O O   . HOH D 4 .   ? 17.402  -7.619  -1.361  1.00 25.48 ? 611 HOH A O   1 
HETATM 1497 O O   . HOH D 4 .   ? 13.543  4.048   0.397   1.00 26.10 ? 612 HOH A O   1 
HETATM 1498 O O   . HOH D 4 .   ? 3.012   8.633   -11.977 1.00 27.43 ? 613 HOH A O   1 
HETATM 1499 O O   . HOH D 4 .   ? -5.443  13.134  10.479  1.00 27.71 ? 614 HOH A O   1 
HETATM 1500 O O   . HOH D 4 .   ? 0.683   7.489   -9.295  1.00 27.97 ? 615 HOH A O   1 
HETATM 1501 O O   . HOH D 4 .   ? 4.887   -13.696 -5.797  1.00 28.14 ? 616 HOH A O   1 
HETATM 1502 O O   . HOH D 4 .   ? 2.723   11.105  -6.890  1.00 28.55 ? 617 HOH A O   1 
HETATM 1503 O O   . HOH D 4 .   ? 4.163   -2.088  -10.676 1.00 28.59 ? 618 HOH A O   1 
HETATM 1504 O O   . HOH D 4 .   ? 9.325   4.483   -14.944 1.00 29.57 ? 619 HOH A O   1 
HETATM 1505 O O   . HOH D 4 .   ? -3.780  6.931   -9.717  1.00 29.75 ? 620 HOH A O   1 
HETATM 1506 O O   . HOH D 4 .   ? 7.401   -2.987  -18.848 1.00 29.89 ? 621 HOH A O   1 
HETATM 1507 O O   . HOH D 4 .   ? 4.155   -0.258  -12.780 1.00 30.02 ? 622 HOH A O   1 
HETATM 1508 O O   . HOH D 4 .   ? 3.524   -1.329  -21.516 1.00 30.08 ? 623 HOH A O   1 
HETATM 1509 O O   . HOH D 4 .   ? 4.671   -4.876  14.362  1.00 30.30 ? 624 HOH A O   1 
HETATM 1510 O O   . HOH D 4 .   ? -5.016  -4.850  13.277  1.00 30.38 ? 625 HOH A O   1 
HETATM 1511 O O   . HOH D 4 .   ? -4.876  -9.380  -14.066 1.00 30.52 ? 626 HOH A O   1 
HETATM 1512 O O   . HOH D 4 .   ? 1.127   -5.439  -5.533  1.00 30.62 ? 627 HOH A O   1 
HETATM 1513 O O   . HOH D 4 .   ? -5.120  -3.593  10.960  1.00 31.20 ? 628 HOH A O   1 
HETATM 1514 O O   . HOH D 4 .   ? 0.871   -11.772 11.011  1.00 31.38 ? 629 HOH A O   1 
HETATM 1515 O O   . HOH D 4 .   ? -4.278  6.408   15.574  1.00 31.80 ? 630 HOH A O   1 
HETATM 1516 O O   . HOH D 4 .   ? -2.395  -0.123  -11.667 1.00 32.29 ? 631 HOH A O   1 
HETATM 1517 O O   . HOH D 4 .   ? 1.124   -7.439  12.419  1.00 32.75 ? 632 HOH A O   1 
HETATM 1518 O O   . HOH D 4 .   ? -6.258  -3.403  -10.761 1.00 33.25 ? 633 HOH A O   1 
HETATM 1519 O O   . HOH D 4 .   ? 3.463   10.875  13.255  1.00 33.54 ? 634 HOH A O   1 
HETATM 1520 O O   . HOH D 4 .   ? 14.674  -4.132  -12.856 1.00 33.59 ? 635 HOH A O   1 
HETATM 1521 O O   . HOH D 4 .   ? -6.440  11.600  12.280  1.00 33.76 ? 636 HOH A O   1 
HETATM 1522 O O   . HOH D 4 .   ? 18.939  -7.082  0.702   1.00 33.85 ? 637 HOH A O   1 
HETATM 1523 O O   . HOH D 4 .   ? -5.877  6.477   -17.750 1.00 34.46 ? 638 HOH A O   1 
HETATM 1524 O O   . HOH D 4 .   ? 13.903  -12.673 5.524   1.00 34.66 ? 639 HOH A O   1 
HETATM 1525 O O   . HOH D 4 .   ? 16.866  -9.449  -8.237  1.00 34.69 ? 640 HOH A O   1 
HETATM 1526 O O   . HOH D 4 .   ? -3.453  0.928   15.563  1.00 34.77 ? 641 HOH A O   1 
HETATM 1527 O O   . HOH D 4 .   ? -0.018  -2.712  -6.150  1.00 35.04 ? 642 HOH A O   1 
HETATM 1528 O O   . HOH D 4 .   ? -10.710 -5.363  -25.710 1.00 35.50 ? 643 HOH A O   1 
HETATM 1529 O O   . HOH D 4 .   ? -5.541  -1.954  2.298   1.00 35.91 ? 644 HOH A O   1 
HETATM 1530 O O   . HOH D 4 .   ? -2.842  -8.534  -12.330 1.00 36.65 ? 645 HOH A O   1 
HETATM 1531 O O   . HOH D 4 .   ? -10.453 8.869   12.177  1.00 36.95 ? 646 HOH A O   1 
HETATM 1532 O O   . HOH D 4 .   ? -1.120  -0.349  -21.337 1.00 37.76 ? 647 HOH A O   1 
HETATM 1533 O O   . HOH D 4 .   ? -8.858  13.145  6.691   1.00 37.82 ? 648 HOH A O   1 
HETATM 1534 O O   . HOH D 4 .   ? 17.931  -6.228  7.919   1.00 37.91 ? 649 HOH A O   1 
HETATM 1535 O O   . HOH D 4 .   ? 7.040   6.250   15.984  1.00 38.55 ? 650 HOH A O   1 
HETATM 1536 O O   . HOH D 4 .   ? 8.957   13.911  -8.181  1.00 39.18 ? 651 HOH A O   1 
HETATM 1537 O O   . HOH D 4 .   ? -22.307 6.596   6.467   1.00 39.37 ? 652 HOH A O   1 
HETATM 1538 O O   . HOH D 4 .   ? 12.165  -16.525 6.667   1.00 39.66 ? 653 HOH A O   1 
HETATM 1539 O O   . HOH D 4 .   ? 18.904  -2.678  -6.973  1.00 39.94 ? 654 HOH A O   1 
HETATM 1540 O O   . HOH D 4 .   ? 5.972   -2.111  -21.142 1.00 40.40 ? 655 HOH A O   1 
HETATM 1541 O O   . HOH D 4 .   ? 11.555  13.797  10.114  1.00 40.42 ? 656 HOH A O   1 
HETATM 1542 O O   . HOH D 4 .   ? 12.122  0.315   13.632  1.00 41.17 ? 657 HOH A O   1 
HETATM 1543 O O   . HOH D 4 .   ? -8.770  -3.547  -12.286 1.00 42.09 ? 658 HOH A O   1 
HETATM 1544 O O   . HOH D 4 .   ? -1.142  5.606   -14.030 1.00 43.36 ? 659 HOH A O   1 
HETATM 1545 O O   . HOH D 4 .   ? 1.330   7.732   18.211  1.00 43.44 ? 660 HOH A O   1 
HETATM 1546 O O   . HOH D 4 .   ? -3.626  4.584   -21.431 1.00 44.40 ? 661 HOH A O   1 
HETATM 1547 O O   . HOH D 4 .   ? 6.370   10.201  14.654  1.00 46.01 ? 662 HOH A O   1 
HETATM 1548 O O   . HOH D 4 .   ? 1.107   -4.810  18.786  1.00 46.60 ? 663 HOH A O   1 
HETATM 1549 O O   . HOH D 4 .   ? 16.061  -1.253  -9.008  1.00 47.83 ? 664 HOH A O   1 
HETATM 1550 O O   . HOH D 4 .   ? 10.053  -1.973  14.013  1.00 54.83 ? 665 HOH A O   1 
# 
